data_7ZEN
# 
_entry.id   7ZEN 
# 
_audit_conform.dict_name       mmcif_pdbx.dic 
_audit_conform.dict_version    5.384 
_audit_conform.dict_location   http://mmcif.pdb.org/dictionaries/ascii/mmcif_pdbx.dic 
# 
loop_
_database_2.database_id 
_database_2.database_code 
_database_2.pdbx_database_accession 
_database_2.pdbx_DOI 
PDB   7ZEN         pdb_00007zen 10.2210/pdb7zen/pdb 
WWPDB D_1292122138 ?            ?                   
# 
loop_
_pdbx_audit_revision_history.ordinal 
_pdbx_audit_revision_history.data_content_type 
_pdbx_audit_revision_history.major_revision 
_pdbx_audit_revision_history.minor_revision 
_pdbx_audit_revision_history.revision_date 
1 'Structure model' 1 0 2022-11-23 
2 'Structure model' 1 1 2022-12-07 
3 'Structure model' 1 2 2023-01-11 
4 'Structure model' 1 3 2024-01-31 
# 
_pdbx_audit_revision_details.ordinal             1 
_pdbx_audit_revision_details.revision_ordinal    1 
_pdbx_audit_revision_details.data_content_type   'Structure model' 
_pdbx_audit_revision_details.provider            repository 
_pdbx_audit_revision_details.type                'Initial release' 
_pdbx_audit_revision_details.description         ? 
_pdbx_audit_revision_details.details             ? 
# 
loop_
_pdbx_audit_revision_group.ordinal 
_pdbx_audit_revision_group.revision_ordinal 
_pdbx_audit_revision_group.data_content_type 
_pdbx_audit_revision_group.group 
1 2 'Structure model' 'Database references'    
2 3 'Structure model' 'Database references'    
3 4 'Structure model' 'Data collection'        
4 4 'Structure model' 'Refinement description' 
# 
loop_
_pdbx_audit_revision_category.ordinal 
_pdbx_audit_revision_category.revision_ordinal 
_pdbx_audit_revision_category.data_content_type 
_pdbx_audit_revision_category.category 
1 2 'Structure model' citation                      
2 2 'Structure model' citation_author               
3 3 'Structure model' citation_author               
4 4 'Structure model' chem_comp_atom                
5 4 'Structure model' chem_comp_bond                
6 4 'Structure model' pdbx_initial_refinement_model 
# 
loop_
_pdbx_audit_revision_item.ordinal 
_pdbx_audit_revision_item.revision_ordinal 
_pdbx_audit_revision_item.data_content_type 
_pdbx_audit_revision_item.item 
1 2 'Structure model' '_citation.journal_volume'          
2 2 'Structure model' '_citation.page_first'              
3 2 'Structure model' '_citation.page_last'               
4 2 'Structure model' '_citation_author.identifier_ORCID' 
5 3 'Structure model' '_citation_author.identifier_ORCID' 
# 
_pdbx_database_status.status_code                     REL 
_pdbx_database_status.status_code_sf                  REL 
_pdbx_database_status.status_code_mr                  ? 
_pdbx_database_status.entry_id                        7ZEN 
_pdbx_database_status.recvd_initial_deposition_date   2022-03-31 
_pdbx_database_status.SG_entry                        N 
_pdbx_database_status.deposit_site                    PDBE 
_pdbx_database_status.process_site                    PDBE 
_pdbx_database_status.status_code_cs                  ? 
_pdbx_database_status.status_code_nmr_data            ? 
_pdbx_database_status.methods_development_category    ? 
_pdbx_database_status.pdb_format_compatible           N 
# 
_pdbx_contact_author.id                 2 
_pdbx_contact_author.email              martin.noble@ncl.ac.uk 
_pdbx_contact_author.name_first         Martin 
_pdbx_contact_author.name_last          Noble 
_pdbx_contact_author.name_mi            E.M. 
_pdbx_contact_author.role               'principal investigator/group leader' 
_pdbx_contact_author.identifier_ORCID   0000-0002-3595-9807 
# 
loop_
_audit_author.name 
_audit_author.pdbx_ordinal 
_audit_author.identifier_ORCID 
'Turberville, S.' 1 0000-0003-2173-9675 
'Martin, M.P.'    2 0000-0003-4810-3351 
'Hope, I.'        3 ?                   
'Noble, M.E.M.'   4 0000-0002-3595-9807 
# 
_citation.abstract                  ? 
_citation.abstract_id_CAS           ? 
_citation.book_id_ISBN              ? 
_citation.book_publisher            ? 
_citation.book_publisher_city       ? 
_citation.book_title                ? 
_citation.coordinate_linkage        ? 
_citation.country                   US 
_citation.database_id_Medline       ? 
_citation.details                   ? 
_citation.id                        primary 
_citation.journal_abbrev            J.Med.Chem. 
_citation.journal_id_ASTM           JMCMAR 
_citation.journal_id_CSD            0151 
_citation.journal_id_ISSN           0022-2623 
_citation.journal_full              ? 
_citation.journal_issue             ? 
_citation.journal_volume            65 
_citation.language                  ? 
_citation.page_first                15416 
_citation.page_last                 15432 
_citation.title                     
;Mapping Ligand Interactions of Bromodomains BRD4 and ATAD2 with FragLites and PepLites&#9472;Halogenated Probes of Druglike and Peptide-like Molecular Interactions.
;
_citation.year                      2022 
_citation.database_id_CSD           ? 
_citation.pdbx_database_id_DOI      10.1021/acs.jmedchem.2c01357 
_citation.pdbx_database_id_PubMed   36367089 
_citation.pdbx_database_id_patent   ? 
_citation.unpublished_flag          ? 
# 
loop_
_citation_author.citation_id 
_citation_author.name 
_citation_author.ordinal 
_citation_author.identifier_ORCID 
primary 'Davison, G.'       1  0000-0001-5466-2702 
primary 'Martin, M.P.'      2  ?                   
primary 'Turberville, S.'   3  ?                   
primary 'Dormen, S.'        4  ?                   
primary 'Heath, R.'         5  ?                   
primary 'Heptinstall, A.B.' 6  ?                   
primary 'Lawson, M.'        7  ?                   
primary 'Miller, D.C.'      8  0000-0001-6846-2007 
primary 'Ng, Y.M.'          9  ?                   
primary 'Sanderson, J.N.'   10 0000-0003-1000-2897 
primary 'Hope, I.'          11 0000-0002-8002-5026 
primary 'Wood, D.J.'        12 ?                   
primary 'Cano, C.'          13 0000-0002-2032-2272 
primary 'Endicott, J.A.'    14 ?                   
primary 'Hardcastle, I.R.'  15 0000-0001-7495-3769 
primary 'Noble, M.E.M.'     16 ?                   
primary 'Waring, M.J.'      17 0000-0002-9110-8783 
# 
loop_
_entity.id 
_entity.type 
_entity.src_method 
_entity.pdbx_description 
_entity.formula_weight 
_entity.pdbx_number_of_molecules 
_entity.pdbx_ec 
_entity.pdbx_mutation 
_entity.pdbx_fragment 
_entity.details 
1 polymer     man 'Isoform C of Bromodomain-containing protein 4' 15294.578 1   ? ? ? ? 
2 non-polymer syn GLYCEROL                                        92.094    2   ? ? ? ? 
3 non-polymer syn '2-(4-bromo-1H-pyrazol-1-yl)ethan-1-ol'         191.026   1   ? ? ? ? 
4 water       nat water                                           18.015    148 ? ? ? ? 
# 
_entity_name_com.entity_id   1 
_entity_name_com.name        'Protein HUNK1' 
# 
_entity_poly.entity_id                      1 
_entity_poly.type                           'polypeptide(L)' 
_entity_poly.nstd_linkage                   no 
_entity_poly.nstd_monomer                   no 
_entity_poly.pdbx_seq_one_letter_code       
;GSHMNPPPPETSNPNKPKRQTNQLQYLLRVVLKTLWKHQFAWPFQQPVDAVKLNLPDYYKIIKTPMDMGTIKKRLENNYY
WNAQECIQDFNTMFTNCYIYNKPGDDIVLMAEALEKLFLQKINELPTEE
;
_entity_poly.pdbx_seq_one_letter_code_can   
;GSHMNPPPPETSNPNKPKRQTNQLQYLLRVVLKTLWKHQFAWPFQQPVDAVKLNLPDYYKIIKTPMDMGTIKKRLENNYY
WNAQECIQDFNTMFTNCYIYNKPGDDIVLMAEALEKLFLQKINELPTEE
;
_entity_poly.pdbx_strand_id                 AAA 
_entity_poly.pdbx_target_identifier         ? 
# 
loop_
_pdbx_entity_nonpoly.entity_id 
_pdbx_entity_nonpoly.name 
_pdbx_entity_nonpoly.comp_id 
2 GLYCEROL                                GOL 
3 '2-(4-bromo-1H-pyrazol-1-yl)ethan-1-ol' UU1 
4 water                                   HOH 
# 
loop_
_entity_poly_seq.entity_id 
_entity_poly_seq.num 
_entity_poly_seq.mon_id 
_entity_poly_seq.hetero 
1 1   GLY n 
1 2   SER n 
1 3   HIS n 
1 4   MET n 
1 5   ASN n 
1 6   PRO n 
1 7   PRO n 
1 8   PRO n 
1 9   PRO n 
1 10  GLU n 
1 11  THR n 
1 12  SER n 
1 13  ASN n 
1 14  PRO n 
1 15  ASN n 
1 16  LYS n 
1 17  PRO n 
1 18  LYS n 
1 19  ARG n 
1 20  GLN n 
1 21  THR n 
1 22  ASN n 
1 23  GLN n 
1 24  LEU n 
1 25  GLN n 
1 26  TYR n 
1 27  LEU n 
1 28  LEU n 
1 29  ARG n 
1 30  VAL n 
1 31  VAL n 
1 32  LEU n 
1 33  LYS n 
1 34  THR n 
1 35  LEU n 
1 36  TRP n 
1 37  LYS n 
1 38  HIS n 
1 39  GLN n 
1 40  PHE n 
1 41  ALA n 
1 42  TRP n 
1 43  PRO n 
1 44  PHE n 
1 45  GLN n 
1 46  GLN n 
1 47  PRO n 
1 48  VAL n 
1 49  ASP n 
1 50  ALA n 
1 51  VAL n 
1 52  LYS n 
1 53  LEU n 
1 54  ASN n 
1 55  LEU n 
1 56  PRO n 
1 57  ASP n 
1 58  TYR n 
1 59  TYR n 
1 60  LYS n 
1 61  ILE n 
1 62  ILE n 
1 63  LYS n 
1 64  THR n 
1 65  PRO n 
1 66  MET n 
1 67  ASP n 
1 68  MET n 
1 69  GLY n 
1 70  THR n 
1 71  ILE n 
1 72  LYS n 
1 73  LYS n 
1 74  ARG n 
1 75  LEU n 
1 76  GLU n 
1 77  ASN n 
1 78  ASN n 
1 79  TYR n 
1 80  TYR n 
1 81  TRP n 
1 82  ASN n 
1 83  ALA n 
1 84  GLN n 
1 85  GLU n 
1 86  CYS n 
1 87  ILE n 
1 88  GLN n 
1 89  ASP n 
1 90  PHE n 
1 91  ASN n 
1 92  THR n 
1 93  MET n 
1 94  PHE n 
1 95  THR n 
1 96  ASN n 
1 97  CYS n 
1 98  TYR n 
1 99  ILE n 
1 100 TYR n 
1 101 ASN n 
1 102 LYS n 
1 103 PRO n 
1 104 GLY n 
1 105 ASP n 
1 106 ASP n 
1 107 ILE n 
1 108 VAL n 
1 109 LEU n 
1 110 MET n 
1 111 ALA n 
1 112 GLU n 
1 113 ALA n 
1 114 LEU n 
1 115 GLU n 
1 116 LYS n 
1 117 LEU n 
1 118 PHE n 
1 119 LEU n 
1 120 GLN n 
1 121 LYS n 
1 122 ILE n 
1 123 ASN n 
1 124 GLU n 
1 125 LEU n 
1 126 PRO n 
1 127 THR n 
1 128 GLU n 
1 129 GLU n 
# 
_entity_src_gen.entity_id                          1 
_entity_src_gen.pdbx_src_id                        1 
_entity_src_gen.pdbx_alt_source_flag               sample 
_entity_src_gen.pdbx_seq_type                      'Biological sequence' 
_entity_src_gen.pdbx_beg_seq_num                   1 
_entity_src_gen.pdbx_end_seq_num                   129 
_entity_src_gen.gene_src_common_name               human 
_entity_src_gen.gene_src_genus                     ? 
_entity_src_gen.pdbx_gene_src_gene                 'BRD4, HUNK1' 
_entity_src_gen.gene_src_species                   ? 
_entity_src_gen.gene_src_strain                    ? 
_entity_src_gen.gene_src_tissue                    ? 
_entity_src_gen.gene_src_tissue_fraction           ? 
_entity_src_gen.gene_src_details                   ? 
_entity_src_gen.pdbx_gene_src_fragment             ? 
_entity_src_gen.pdbx_gene_src_scientific_name      'Homo sapiens' 
_entity_src_gen.pdbx_gene_src_ncbi_taxonomy_id     9606 
_entity_src_gen.pdbx_gene_src_variant              ? 
_entity_src_gen.pdbx_gene_src_cell_line            ? 
_entity_src_gen.pdbx_gene_src_atcc                 ? 
_entity_src_gen.pdbx_gene_src_organ                ? 
_entity_src_gen.pdbx_gene_src_organelle            ? 
_entity_src_gen.pdbx_gene_src_cell                 ? 
_entity_src_gen.pdbx_gene_src_cellular_location    ? 
_entity_src_gen.host_org_common_name               ? 
_entity_src_gen.pdbx_host_org_scientific_name      'Escherichia coli BL21(DE3)' 
_entity_src_gen.pdbx_host_org_ncbi_taxonomy_id     469008 
_entity_src_gen.host_org_genus                     ? 
_entity_src_gen.pdbx_host_org_gene                 ? 
_entity_src_gen.pdbx_host_org_organ                ? 
_entity_src_gen.host_org_species                   ? 
_entity_src_gen.pdbx_host_org_tissue               ? 
_entity_src_gen.pdbx_host_org_tissue_fraction      ? 
_entity_src_gen.pdbx_host_org_strain               ? 
_entity_src_gen.pdbx_host_org_variant              ? 
_entity_src_gen.pdbx_host_org_cell_line            ? 
_entity_src_gen.pdbx_host_org_atcc                 ? 
_entity_src_gen.pdbx_host_org_culture_collection   ? 
_entity_src_gen.pdbx_host_org_cell                 ? 
_entity_src_gen.pdbx_host_org_organelle            ? 
_entity_src_gen.pdbx_host_org_cellular_location    ? 
_entity_src_gen.pdbx_host_org_vector_type          ? 
_entity_src_gen.pdbx_host_org_vector               ? 
_entity_src_gen.host_org_details                   ? 
_entity_src_gen.expression_system_id               ? 
_entity_src_gen.plasmid_name                       pET28b 
_entity_src_gen.plasmid_details                    ? 
_entity_src_gen.pdbx_description                   ? 
# 
loop_
_chem_comp.id 
_chem_comp.type 
_chem_comp.mon_nstd_flag 
_chem_comp.name 
_chem_comp.pdbx_synonyms 
_chem_comp.formula 
_chem_comp.formula_weight 
ALA 'L-peptide linking' y ALANINE                                 ?                               'C3 H7 N O2'     89.093  
ARG 'L-peptide linking' y ARGININE                                ?                               'C6 H15 N4 O2 1' 175.209 
ASN 'L-peptide linking' y ASPARAGINE                              ?                               'C4 H8 N2 O3'    132.118 
ASP 'L-peptide linking' y 'ASPARTIC ACID'                         ?                               'C4 H7 N O4'     133.103 
CYS 'L-peptide linking' y CYSTEINE                                ?                               'C3 H7 N O2 S'   121.158 
GLN 'L-peptide linking' y GLUTAMINE                               ?                               'C5 H10 N2 O3'   146.144 
GLU 'L-peptide linking' y 'GLUTAMIC ACID'                         ?                               'C5 H9 N O4'     147.129 
GLY 'peptide linking'   y GLYCINE                                 ?                               'C2 H5 N O2'     75.067  
GOL non-polymer         . GLYCEROL                                'GLYCERIN; PROPANE-1,2,3-TRIOL' 'C3 H8 O3'       92.094  
HIS 'L-peptide linking' y HISTIDINE                               ?                               'C6 H10 N3 O2 1' 156.162 
HOH non-polymer         . WATER                                   ?                               'H2 O'           18.015  
ILE 'L-peptide linking' y ISOLEUCINE                              ?                               'C6 H13 N O2'    131.173 
LEU 'L-peptide linking' y LEUCINE                                 ?                               'C6 H13 N O2'    131.173 
LYS 'L-peptide linking' y LYSINE                                  ?                               'C6 H15 N2 O2 1' 147.195 
MET 'L-peptide linking' y METHIONINE                              ?                               'C5 H11 N O2 S'  149.211 
PHE 'L-peptide linking' y PHENYLALANINE                           ?                               'C9 H11 N O2'    165.189 
PRO 'L-peptide linking' y PROLINE                                 ?                               'C5 H9 N O2'     115.130 
SER 'L-peptide linking' y SERINE                                  ?                               'C3 H7 N O3'     105.093 
THR 'L-peptide linking' y THREONINE                               ?                               'C4 H9 N O3'     119.119 
TRP 'L-peptide linking' y TRYPTOPHAN                              ?                               'C11 H12 N2 O2'  204.225 
TYR 'L-peptide linking' y TYROSINE                                ?                               'C9 H11 N O3'    181.189 
UU1 non-polymer         . '2-(4-bromo-1H-pyrazol-1-yl)ethan-1-ol' ?                               'C5 H7 Br N2 O'  191.026 
VAL 'L-peptide linking' y VALINE                                  ?                               'C5 H11 N O2'    117.146 
# 
loop_
_pdbx_poly_seq_scheme.asym_id 
_pdbx_poly_seq_scheme.entity_id 
_pdbx_poly_seq_scheme.seq_id 
_pdbx_poly_seq_scheme.mon_id 
_pdbx_poly_seq_scheme.ndb_seq_num 
_pdbx_poly_seq_scheme.pdb_seq_num 
_pdbx_poly_seq_scheme.auth_seq_num 
_pdbx_poly_seq_scheme.pdb_mon_id 
_pdbx_poly_seq_scheme.auth_mon_id 
_pdbx_poly_seq_scheme.pdb_strand_id 
_pdbx_poly_seq_scheme.pdb_ins_code 
_pdbx_poly_seq_scheme.hetero 
A 1 1   GLY 1   40  40  GLY GLY AAA . n 
A 1 2   SER 2   41  41  SER SER AAA . n 
A 1 3   HIS 3   42  42  HIS HIS AAA . n 
A 1 4   MET 4   43  43  MET MET AAA . n 
A 1 5   ASN 5   44  44  ASN ASN AAA . n 
A 1 6   PRO 6   45  45  PRO PRO AAA . n 
A 1 7   PRO 7   46  46  PRO PRO AAA . n 
A 1 8   PRO 8   47  47  PRO PRO AAA . n 
A 1 9   PRO 9   48  48  PRO PRO AAA . n 
A 1 10  GLU 10  49  49  GLU GLU AAA . n 
A 1 11  THR 11  50  50  THR THR AAA . n 
A 1 12  SER 12  51  51  SER SER AAA . n 
A 1 13  ASN 13  52  52  ASN ASN AAA . n 
A 1 14  PRO 14  53  53  PRO PRO AAA . n 
A 1 15  ASN 15  54  54  ASN ASN AAA . n 
A 1 16  LYS 16  55  55  LYS LYS AAA . n 
A 1 17  PRO 17  56  56  PRO PRO AAA . n 
A 1 18  LYS 18  57  57  LYS LYS AAA . n 
A 1 19  ARG 19  58  58  ARG ARG AAA . n 
A 1 20  GLN 20  59  59  GLN GLN AAA . n 
A 1 21  THR 21  60  60  THR THR AAA . n 
A 1 22  ASN 22  61  61  ASN ASN AAA . n 
A 1 23  GLN 23  62  62  GLN GLN AAA . n 
A 1 24  LEU 24  63  63  LEU LEU AAA . n 
A 1 25  GLN 25  64  64  GLN GLN AAA . n 
A 1 26  TYR 26  65  65  TYR TYR AAA . n 
A 1 27  LEU 27  66  66  LEU LEU AAA . n 
A 1 28  LEU 28  67  67  LEU LEU AAA . n 
A 1 29  ARG 29  68  68  ARG ARG AAA . n 
A 1 30  VAL 30  69  69  VAL VAL AAA . n 
A 1 31  VAL 31  70  70  VAL VAL AAA . n 
A 1 32  LEU 32  71  71  LEU LEU AAA . n 
A 1 33  LYS 33  72  72  LYS LYS AAA . n 
A 1 34  THR 34  73  73  THR THR AAA . n 
A 1 35  LEU 35  74  74  LEU LEU AAA . n 
A 1 36  TRP 36  75  75  TRP TRP AAA . n 
A 1 37  LYS 37  76  76  LYS LYS AAA . n 
A 1 38  HIS 38  77  77  HIS HIS AAA . n 
A 1 39  GLN 39  78  78  GLN GLN AAA . n 
A 1 40  PHE 40  79  79  PHE PHE AAA . n 
A 1 41  ALA 41  80  80  ALA ALA AAA . n 
A 1 42  TRP 42  81  81  TRP TRP AAA . n 
A 1 43  PRO 43  82  82  PRO PRO AAA . n 
A 1 44  PHE 44  83  83  PHE PHE AAA . n 
A 1 45  GLN 45  84  84  GLN GLN AAA . n 
A 1 46  GLN 46  85  85  GLN GLN AAA . n 
A 1 47  PRO 47  86  86  PRO PRO AAA . n 
A 1 48  VAL 48  87  87  VAL VAL AAA . n 
A 1 49  ASP 49  88  88  ASP ASP AAA . n 
A 1 50  ALA 50  89  89  ALA ALA AAA . n 
A 1 51  VAL 51  90  90  VAL VAL AAA . n 
A 1 52  LYS 52  91  91  LYS LYS AAA . n 
A 1 53  LEU 53  92  92  LEU LEU AAA . n 
A 1 54  ASN 54  93  93  ASN ASN AAA . n 
A 1 55  LEU 55  94  94  LEU LEU AAA . n 
A 1 56  PRO 56  95  95  PRO PRO AAA . n 
A 1 57  ASP 57  96  96  ASP ASP AAA . n 
A 1 58  TYR 58  97  97  TYR TYR AAA . n 
A 1 59  TYR 59  98  98  TYR TYR AAA . n 
A 1 60  LYS 60  99  99  LYS LYS AAA . n 
A 1 61  ILE 61  100 100 ILE ILE AAA . n 
A 1 62  ILE 62  101 101 ILE ILE AAA . n 
A 1 63  LYS 63  102 102 LYS LYS AAA . n 
A 1 64  THR 64  103 103 THR THR AAA . n 
A 1 65  PRO 65  104 104 PRO PRO AAA . n 
A 1 66  MET 66  105 105 MET MET AAA . n 
A 1 67  ASP 67  106 106 ASP ASP AAA . n 
A 1 68  MET 68  107 107 MET MET AAA . n 
A 1 69  GLY 69  108 108 GLY GLY AAA . n 
A 1 70  THR 70  109 109 THR THR AAA . n 
A 1 71  ILE 71  110 110 ILE ILE AAA . n 
A 1 72  LYS 72  111 111 LYS LYS AAA . n 
A 1 73  LYS 73  112 112 LYS LYS AAA . n 
A 1 74  ARG 74  113 113 ARG ARG AAA . n 
A 1 75  LEU 75  114 114 LEU LEU AAA . n 
A 1 76  GLU 76  115 115 GLU GLU AAA . n 
A 1 77  ASN 77  116 116 ASN ASN AAA . n 
A 1 78  ASN 78  117 117 ASN ASN AAA . n 
A 1 79  TYR 79  118 118 TYR TYR AAA . n 
A 1 80  TYR 80  119 119 TYR TYR AAA . n 
A 1 81  TRP 81  120 120 TRP TRP AAA . n 
A 1 82  ASN 82  121 121 ASN ASN AAA . n 
A 1 83  ALA 83  122 122 ALA ALA AAA . n 
A 1 84  GLN 84  123 123 GLN GLN AAA . n 
A 1 85  GLU 85  124 124 GLU GLU AAA . n 
A 1 86  CYS 86  125 125 CYS CYS AAA . n 
A 1 87  ILE 87  126 126 ILE ILE AAA . n 
A 1 88  GLN 88  127 127 GLN GLN AAA . n 
A 1 89  ASP 89  128 128 ASP ASP AAA . n 
A 1 90  PHE 90  129 129 PHE PHE AAA . n 
A 1 91  ASN 91  130 130 ASN ASN AAA . n 
A 1 92  THR 92  131 131 THR THR AAA . n 
A 1 93  MET 93  132 132 MET MET AAA . n 
A 1 94  PHE 94  133 133 PHE PHE AAA . n 
A 1 95  THR 95  134 134 THR THR AAA . n 
A 1 96  ASN 96  135 135 ASN ASN AAA . n 
A 1 97  CYS 97  136 136 CYS CYS AAA . n 
A 1 98  TYR 98  137 137 TYR TYR AAA . n 
A 1 99  ILE 99  138 138 ILE ILE AAA . n 
A 1 100 TYR 100 139 139 TYR TYR AAA . n 
A 1 101 ASN 101 140 140 ASN ASN AAA . n 
A 1 102 LYS 102 141 141 LYS LYS AAA . n 
A 1 103 PRO 103 142 142 PRO PRO AAA . n 
A 1 104 GLY 104 143 143 GLY GLY AAA . n 
A 1 105 ASP 105 144 144 ASP ASP AAA . n 
A 1 106 ASP 106 145 145 ASP ASP AAA . n 
A 1 107 ILE 107 146 146 ILE ILE AAA . n 
A 1 108 VAL 108 147 147 VAL VAL AAA . n 
A 1 109 LEU 109 148 148 LEU LEU AAA . n 
A 1 110 MET 110 149 149 MET MET AAA . n 
A 1 111 ALA 111 150 150 ALA ALA AAA . n 
A 1 112 GLU 112 151 151 GLU GLU AAA . n 
A 1 113 ALA 113 152 152 ALA ALA AAA . n 
A 1 114 LEU 114 153 153 LEU LEU AAA . n 
A 1 115 GLU 115 154 154 GLU GLU AAA . n 
A 1 116 LYS 116 155 155 LYS LYS AAA . n 
A 1 117 LEU 117 156 156 LEU LEU AAA . n 
A 1 118 PHE 118 157 157 PHE PHE AAA . n 
A 1 119 LEU 119 158 158 LEU LEU AAA . n 
A 1 120 GLN 120 159 159 GLN GLN AAA . n 
A 1 121 LYS 121 160 160 LYS LYS AAA . n 
A 1 122 ILE 122 161 161 ILE ILE AAA . n 
A 1 123 ASN 123 162 162 ASN ASN AAA . n 
A 1 124 GLU 124 163 163 GLU GLU AAA . n 
A 1 125 LEU 125 164 164 LEU LEU AAA . n 
A 1 126 PRO 126 165 165 PRO PRO AAA . n 
A 1 127 THR 127 166 166 THR THR AAA . n 
A 1 128 GLU 128 167 167 GLU GLU AAA . n 
A 1 129 GLU 129 168 168 GLU GLU AAA . n 
# 
loop_
_pdbx_nonpoly_scheme.asym_id 
_pdbx_nonpoly_scheme.entity_id 
_pdbx_nonpoly_scheme.mon_id 
_pdbx_nonpoly_scheme.ndb_seq_num 
_pdbx_nonpoly_scheme.pdb_seq_num 
_pdbx_nonpoly_scheme.auth_seq_num 
_pdbx_nonpoly_scheme.pdb_mon_id 
_pdbx_nonpoly_scheme.auth_mon_id 
_pdbx_nonpoly_scheme.pdb_strand_id 
_pdbx_nonpoly_scheme.pdb_ins_code 
B 2 GOL 1   201 201 GOL GOL AAA . 
C 2 GOL 1   202 301 GOL GOL AAA . 
D 3 UU1 1   203 401 UU1 DRG AAA . 
E 4 HOH 1   301 203 HOH HOH AAA . 
E 4 HOH 2   302 128 HOH HOH AAA . 
E 4 HOH 3   303 42  HOH HOH AAA . 
E 4 HOH 4   304 199 HOH HOH AAA . 
E 4 HOH 5   305 121 HOH HOH AAA . 
E 4 HOH 6   306 179 HOH HOH AAA . 
E 4 HOH 7   307 67  HOH HOH AAA . 
E 4 HOH 8   308 214 HOH HOH AAA . 
E 4 HOH 9   309 166 HOH HOH AAA . 
E 4 HOH 10  310 208 HOH HOH AAA . 
E 4 HOH 11  311 106 HOH HOH AAA . 
E 4 HOH 12  312 50  HOH HOH AAA . 
E 4 HOH 13  313 88  HOH HOH AAA . 
E 4 HOH 14  314 22  HOH HOH AAA . 
E 4 HOH 15  315 185 HOH HOH AAA . 
E 4 HOH 16  316 52  HOH HOH AAA . 
E 4 HOH 17  317 193 HOH HOH AAA . 
E 4 HOH 18  318 82  HOH HOH AAA . 
E 4 HOH 19  319 177 HOH HOH AAA . 
E 4 HOH 20  320 32  HOH HOH AAA . 
E 4 HOH 21  321 163 HOH HOH AAA . 
E 4 HOH 22  322 204 HOH HOH AAA . 
E 4 HOH 23  323 56  HOH HOH AAA . 
E 4 HOH 24  324 175 HOH HOH AAA . 
E 4 HOH 25  325 10  HOH HOH AAA . 
E 4 HOH 26  326 201 HOH HOH AAA . 
E 4 HOH 27  327 40  HOH HOH AAA . 
E 4 HOH 28  328 81  HOH HOH AAA . 
E 4 HOH 29  329 83  HOH HOH AAA . 
E 4 HOH 30  330 80  HOH HOH AAA . 
E 4 HOH 31  331 25  HOH HOH AAA . 
E 4 HOH 32  332 164 HOH HOH AAA . 
E 4 HOH 33  333 37  HOH HOH AAA . 
E 4 HOH 34  334 14  HOH HOH AAA . 
E 4 HOH 35  335 55  HOH HOH AAA . 
E 4 HOH 36  336 43  HOH HOH AAA . 
E 4 HOH 37  337 26  HOH HOH AAA . 
E 4 HOH 38  338 11  HOH HOH AAA . 
E 4 HOH 39  339 112 HOH HOH AAA . 
E 4 HOH 40  340 200 HOH HOH AAA . 
E 4 HOH 41  341 168 HOH HOH AAA . 
E 4 HOH 42  342 38  HOH HOH AAA . 
E 4 HOH 43  343 49  HOH HOH AAA . 
E 4 HOH 44  344 70  HOH HOH AAA . 
E 4 HOH 45  345 19  HOH HOH AAA . 
E 4 HOH 46  346 62  HOH HOH AAA . 
E 4 HOH 47  347 53  HOH HOH AAA . 
E 4 HOH 48  348 196 HOH HOH AAA . 
E 4 HOH 49  349 90  HOH HOH AAA . 
E 4 HOH 50  350 207 HOH HOH AAA . 
E 4 HOH 51  351 109 HOH HOH AAA . 
E 4 HOH 52  352 111 HOH HOH AAA . 
E 4 HOH 53  353 6   HOH HOH AAA . 
E 4 HOH 54  354 63  HOH HOH AAA . 
E 4 HOH 55  355 47  HOH HOH AAA . 
E 4 HOH 56  356 13  HOH HOH AAA . 
E 4 HOH 57  357 24  HOH HOH AAA . 
E 4 HOH 58  358 12  HOH HOH AAA . 
E 4 HOH 59  359 69  HOH HOH AAA . 
E 4 HOH 60  360 17  HOH HOH AAA . 
E 4 HOH 61  361 71  HOH HOH AAA . 
E 4 HOH 62  362 8   HOH HOH AAA . 
E 4 HOH 63  363 194 HOH HOH AAA . 
E 4 HOH 64  364 20  HOH HOH AAA . 
E 4 HOH 65  365 209 HOH HOH AAA . 
E 4 HOH 66  366 58  HOH HOH AAA . 
E 4 HOH 67  367 95  HOH HOH AAA . 
E 4 HOH 68  368 136 HOH HOH AAA . 
E 4 HOH 69  369 1   HOH HOH AAA . 
E 4 HOH 70  370 170 HOH HOH AAA . 
E 4 HOH 71  371 2   HOH HOH AAA . 
E 4 HOH 72  372 104 HOH HOH AAA . 
E 4 HOH 73  373 167 HOH HOH AAA . 
E 4 HOH 74  374 7   HOH HOH AAA . 
E 4 HOH 75  375 122 HOH HOH AAA . 
E 4 HOH 76  376 33  HOH HOH AAA . 
E 4 HOH 77  377 197 HOH HOH AAA . 
E 4 HOH 78  378 118 HOH HOH AAA . 
E 4 HOH 79  379 101 HOH HOH AAA . 
E 4 HOH 80  380 23  HOH HOH AAA . 
E 4 HOH 81  381 107 HOH HOH AAA . 
E 4 HOH 82  382 36  HOH HOH AAA . 
E 4 HOH 83  383 31  HOH HOH AAA . 
E 4 HOH 84  384 150 HOH HOH AAA . 
E 4 HOH 85  385 44  HOH HOH AAA . 
E 4 HOH 86  386 171 HOH HOH AAA . 
E 4 HOH 87  387 51  HOH HOH AAA . 
E 4 HOH 88  388 35  HOH HOH AAA . 
E 4 HOH 89  389 34  HOH HOH AAA . 
E 4 HOH 90  390 5   HOH HOH AAA . 
E 4 HOH 91  391 86  HOH HOH AAA . 
E 4 HOH 92  392 18  HOH HOH AAA . 
E 4 HOH 93  393 153 HOH HOH AAA . 
E 4 HOH 94  394 9   HOH HOH AAA . 
E 4 HOH 95  395 41  HOH HOH AAA . 
E 4 HOH 96  396 68  HOH HOH AAA . 
E 4 HOH 97  397 21  HOH HOH AAA . 
E 4 HOH 98  398 39  HOH HOH AAA . 
E 4 HOH 99  399 93  HOH HOH AAA . 
E 4 HOH 100 400 176 HOH HOH AAA . 
E 4 HOH 101 401 213 HOH HOH AAA . 
E 4 HOH 102 402 160 HOH HOH AAA . 
E 4 HOH 103 403 65  HOH HOH AAA . 
E 4 HOH 104 404 3   HOH HOH AAA . 
E 4 HOH 105 405 154 HOH HOH AAA . 
E 4 HOH 106 406 66  HOH HOH AAA . 
E 4 HOH 107 407 45  HOH HOH AAA . 
E 4 HOH 108 408 148 HOH HOH AAA . 
E 4 HOH 109 409 206 HOH HOH AAA . 
E 4 HOH 110 410 140 HOH HOH AAA . 
E 4 HOH 111 411 114 HOH HOH AAA . 
E 4 HOH 112 412 195 HOH HOH AAA . 
E 4 HOH 113 413 205 HOH HOH AAA . 
E 4 HOH 114 414 48  HOH HOH AAA . 
E 4 HOH 115 415 115 HOH HOH AAA . 
E 4 HOH 116 416 165 HOH HOH AAA . 
E 4 HOH 117 417 100 HOH HOH AAA . 
E 4 HOH 118 418 15  HOH HOH AAA . 
E 4 HOH 119 419 192 HOH HOH AAA . 
E 4 HOH 120 420 141 HOH HOH AAA . 
E 4 HOH 121 421 211 HOH HOH AAA . 
E 4 HOH 122 422 79  HOH HOH AAA . 
E 4 HOH 123 423 212 HOH HOH AAA . 
E 4 HOH 124 424 126 HOH HOH AAA . 
E 4 HOH 125 425 61  HOH HOH AAA . 
E 4 HOH 126 426 73  HOH HOH AAA . 
E 4 HOH 127 427 98  HOH HOH AAA . 
E 4 HOH 128 428 75  HOH HOH AAA . 
E 4 HOH 129 429 60  HOH HOH AAA . 
E 4 HOH 130 430 169 HOH HOH AAA . 
E 4 HOH 131 431 178 HOH HOH AAA . 
E 4 HOH 132 432 72  HOH HOH AAA . 
E 4 HOH 133 433 149 HOH HOH AAA . 
E 4 HOH 134 434 186 HOH HOH AAA . 
E 4 HOH 135 435 123 HOH HOH AAA . 
E 4 HOH 136 436 191 HOH HOH AAA . 
E 4 HOH 137 437 29  HOH HOH AAA . 
E 4 HOH 138 438 132 HOH HOH AAA . 
E 4 HOH 139 439 142 HOH HOH AAA . 
E 4 HOH 140 440 189 HOH HOH AAA . 
E 4 HOH 141 441 182 HOH HOH AAA . 
E 4 HOH 142 442 84  HOH HOH AAA . 
E 4 HOH 143 443 210 HOH HOH AAA . 
E 4 HOH 144 444 78  HOH HOH AAA . 
E 4 HOH 145 445 137 HOH HOH AAA . 
E 4 HOH 146 446 138 HOH HOH AAA . 
E 4 HOH 147 447 85  HOH HOH AAA . 
E 4 HOH 148 448 133 HOH HOH AAA . 
# 
loop_
_software.citation_id 
_software.classification 
_software.compiler_name 
_software.compiler_version 
_software.contact_author 
_software.contact_author_email 
_software.date 
_software.description 
_software.dependencies 
_software.hardware 
_software.language 
_software.location 
_software.mods 
_software.name 
_software.os 
_software.os_version 
_software.type 
_software.version 
_software.pdbx_ordinal 
? refinement       ? ? ? ? ? ? ? ? ? ? ? REFMAC  ? ? ? 5.8.0258 1 
? refinement       ? ? ? ? ? ? ? ? ? ? ? REFMAC  ? ? ? 5.8.0258 2 
? 'data scaling'   ? ? ? ? ? ? ? ? ? ? ? Aimless ? ? ? 0.7.4    3 
? 'data reduction' ? ? ? ? ? ? ? ? ? ? ? xia2    ? ? ? .        4 
? phasing          ? ? ? ? ? ? ? ? ? ? ? PHASER  ? ? ? .        5 
# 
_cell.angle_alpha                  90.000 
_cell.angle_alpha_esd              ? 
_cell.angle_beta                   90.000 
_cell.angle_beta_esd               ? 
_cell.angle_gamma                  90.000 
_cell.angle_gamma_esd              ? 
_cell.entry_id                     7ZEN 
_cell.details                      ? 
_cell.formula_units_Z              ? 
_cell.length_a                     38.005 
_cell.length_a_esd                 ? 
_cell.length_b                     43.206 
_cell.length_b_esd                 ? 
_cell.length_c                     79.348 
_cell.length_c_esd                 ? 
_cell.volume                       ? 
_cell.volume_esd                   ? 
_cell.Z_PDB                        4 
_cell.reciprocal_angle_alpha       ? 
_cell.reciprocal_angle_beta        ? 
_cell.reciprocal_angle_gamma       ? 
_cell.reciprocal_angle_alpha_esd   ? 
_cell.reciprocal_angle_beta_esd    ? 
_cell.reciprocal_angle_gamma_esd   ? 
_cell.reciprocal_length_a          ? 
_cell.reciprocal_length_b          ? 
_cell.reciprocal_length_c          ? 
_cell.reciprocal_length_a_esd      ? 
_cell.reciprocal_length_b_esd      ? 
_cell.reciprocal_length_c_esd      ? 
_cell.pdbx_unique_axis             ? 
# 
_symmetry.entry_id                         7ZEN 
_symmetry.cell_setting                     ? 
_symmetry.Int_Tables_number                19 
_symmetry.space_group_name_Hall            ? 
_symmetry.space_group_name_H-M             'P 21 21 21' 
_symmetry.pdbx_full_space_group_name_H-M   ? 
# 
_exptl.absorpt_coefficient_mu     ? 
_exptl.absorpt_correction_T_max   ? 
_exptl.absorpt_correction_T_min   ? 
_exptl.absorpt_correction_type    ? 
_exptl.absorpt_process_details    ? 
_exptl.entry_id                   7ZEN 
_exptl.crystals_number            1 
_exptl.details                    ? 
_exptl.method                     'X-RAY DIFFRACTION' 
_exptl.method_details             ? 
# 
_exptl_crystal.colour                      ? 
_exptl_crystal.density_diffrn              ? 
_exptl_crystal.density_Matthews            2.13 
_exptl_crystal.density_method              ? 
_exptl_crystal.density_percent_sol         42.25 
_exptl_crystal.description                 ? 
_exptl_crystal.F_000                       ? 
_exptl_crystal.id                          1 
_exptl_crystal.preparation                 ? 
_exptl_crystal.size_max                    ? 
_exptl_crystal.size_mid                    ? 
_exptl_crystal.size_min                    ? 
_exptl_crystal.size_rad                    ? 
_exptl_crystal.colour_lustre               ? 
_exptl_crystal.colour_modifier             ? 
_exptl_crystal.colour_primary              ? 
_exptl_crystal.density_meas                ? 
_exptl_crystal.density_meas_esd            ? 
_exptl_crystal.density_meas_gt             ? 
_exptl_crystal.density_meas_lt             ? 
_exptl_crystal.density_meas_temp           ? 
_exptl_crystal.density_meas_temp_esd       ? 
_exptl_crystal.density_meas_temp_gt        ? 
_exptl_crystal.density_meas_temp_lt        ? 
_exptl_crystal.pdbx_crystal_image_url      ? 
_exptl_crystal.pdbx_crystal_image_format   ? 
_exptl_crystal.pdbx_mosaicity              ? 
_exptl_crystal.pdbx_mosaicity_esd          ? 
# 
_exptl_crystal_grow.apparatus       ? 
_exptl_crystal_grow.atmosphere      ? 
_exptl_crystal_grow.crystal_id      1 
_exptl_crystal_grow.details         ? 
_exptl_crystal_grow.method          'VAPOR DIFFUSION, SITTING DROP' 
_exptl_crystal_grow.method_ref      ? 
_exptl_crystal_grow.pH              8.5 
_exptl_crystal_grow.pressure        ? 
_exptl_crystal_grow.pressure_esd    ? 
_exptl_crystal_grow.seeding         ? 
_exptl_crystal_grow.seeding_ref     ? 
_exptl_crystal_grow.temp            293 
_exptl_crystal_grow.temp_details    ? 
_exptl_crystal_grow.temp_esd        ? 
_exptl_crystal_grow.time            ? 
_exptl_crystal_grow.pdbx_details    
;0.1 M Buffer system 3 (1 M Tris, 1 M BICINE, pH 8.5), 34-44% Precipitant Solution 3 (20% PEG 4000, 40%) and 60-80 mM Halogens Mix (NaF, NaBr and NaI) solution
;
_exptl_crystal_grow.pdbx_pH_range   ? 
# 
_diffrn.ambient_environment              ? 
_diffrn.ambient_temp                     100 
_diffrn.ambient_temp_details             ? 
_diffrn.ambient_temp_esd                 ? 
_diffrn.crystal_id                       1 
_diffrn.crystal_support                  ? 
_diffrn.crystal_treatment                ? 
_diffrn.details                          ? 
_diffrn.id                               1 
_diffrn.ambient_pressure                 ? 
_diffrn.ambient_pressure_esd             ? 
_diffrn.ambient_pressure_gt              ? 
_diffrn.ambient_pressure_lt              ? 
_diffrn.ambient_temp_gt                  ? 
_diffrn.ambient_temp_lt                  ? 
_diffrn.pdbx_serial_crystal_experiment   N 
# 
_diffrn_detector.details                      ? 
_diffrn_detector.detector                     PIXEL 
_diffrn_detector.diffrn_id                    1 
_diffrn_detector.type                         'DECTRIS PILATUS 6M' 
_diffrn_detector.area_resol_mean              ? 
_diffrn_detector.dtime                        ? 
_diffrn_detector.pdbx_frames_total            ? 
_diffrn_detector.pdbx_collection_time_total   ? 
_diffrn_detector.pdbx_collection_date         2019-09-25 
_diffrn_detector.pdbx_frequency               ? 
# 
_diffrn_radiation.collimation                      ? 
_diffrn_radiation.diffrn_id                        1 
_diffrn_radiation.filter_edge                      ? 
_diffrn_radiation.inhomogeneity                    ? 
_diffrn_radiation.monochromator                    ? 
_diffrn_radiation.polarisn_norm                    ? 
_diffrn_radiation.polarisn_ratio                   ? 
_diffrn_radiation.probe                            ? 
_diffrn_radiation.type                             ? 
_diffrn_radiation.xray_symbol                      ? 
_diffrn_radiation.wavelength_id                    1 
_diffrn_radiation.pdbx_monochromatic_or_laue_m_l   M 
_diffrn_radiation.pdbx_wavelength_list             ? 
_diffrn_radiation.pdbx_wavelength                  ? 
_diffrn_radiation.pdbx_diffrn_protocol             'SINGLE WAVELENGTH' 
_diffrn_radiation.pdbx_analyzer                    ? 
_diffrn_radiation.pdbx_scattering_type             x-ray 
# 
_diffrn_radiation_wavelength.id           1 
_diffrn_radiation_wavelength.wavelength   0.953970 
_diffrn_radiation_wavelength.wt           1.0 
# 
_diffrn_source.current                     ? 
_diffrn_source.details                     ? 
_diffrn_source.diffrn_id                   1 
_diffrn_source.power                       ? 
_diffrn_source.size                        ? 
_diffrn_source.source                      SYNCHROTRON 
_diffrn_source.target                      ? 
_diffrn_source.type                        'DIAMOND BEAMLINE I04-1' 
_diffrn_source.voltage                     ? 
_diffrn_source.take-off_angle              ? 
_diffrn_source.pdbx_wavelength_list        0.953970 
_diffrn_source.pdbx_wavelength             ? 
_diffrn_source.pdbx_synchrotron_beamline   I04-1 
_diffrn_source.pdbx_synchrotron_site       Diamond 
# 
_reflns.B_iso_Wilson_estimate                          ? 
_reflns.entry_id                                       7ZEN 
_reflns.data_reduction_details                         ? 
_reflns.data_reduction_method                          ? 
_reflns.d_resolution_high                              1.14 
_reflns.d_resolution_low                               39.67 
_reflns.details                                        ? 
_reflns.limit_h_max                                    ? 
_reflns.limit_h_min                                    ? 
_reflns.limit_k_max                                    ? 
_reflns.limit_k_min                                    ? 
_reflns.limit_l_max                                    ? 
_reflns.limit_l_min                                    ? 
_reflns.number_all                                     ? 
_reflns.number_obs                                     48392 
_reflns.observed_criterion                             ? 
_reflns.observed_criterion_F_max                       ? 
_reflns.observed_criterion_F_min                       ? 
_reflns.observed_criterion_I_max                       ? 
_reflns.observed_criterion_I_min                       ? 
_reflns.observed_criterion_sigma_F                     ? 
_reflns.observed_criterion_sigma_I                     ? 
_reflns.percent_possible_obs                           99.8 
_reflns.R_free_details                                 ? 
_reflns.Rmerge_F_all                                   ? 
_reflns.Rmerge_F_obs                                   ? 
_reflns.Friedel_coverage                               ? 
_reflns.number_gt                                      ? 
_reflns.threshold_expression                           ? 
_reflns.pdbx_redundancy                                6.4 
_reflns.pdbx_Rmerge_I_obs                              0.080 
_reflns.pdbx_Rmerge_I_all                              ? 
_reflns.pdbx_Rsym_value                                ? 
_reflns.pdbx_netI_over_av_sigmaI                       ? 
_reflns.pdbx_netI_over_sigmaI                          9.8 
_reflns.pdbx_res_netI_over_av_sigmaI_2                 ? 
_reflns.pdbx_res_netI_over_sigmaI_2                    ? 
_reflns.pdbx_chi_squared                               ? 
_reflns.pdbx_scaling_rejects                           ? 
_reflns.pdbx_d_res_high_opt                            ? 
_reflns.pdbx_d_res_low_opt                             ? 
_reflns.pdbx_d_res_opt_method                          ? 
_reflns.phase_calculation_details                      ? 
_reflns.pdbx_Rrim_I_all                                0.094 
_reflns.pdbx_Rpim_I_all                                0.049 
_reflns.pdbx_d_opt                                     ? 
_reflns.pdbx_number_measured_all                       ? 
_reflns.pdbx_diffrn_id                                 1 
_reflns.pdbx_ordinal                                   1 
_reflns.pdbx_CC_half                                   0.998 
_reflns.pdbx_CC_star                                   ? 
_reflns.pdbx_R_split                                   ? 
_reflns.pdbx_aniso_diffraction_limit_axis_1_ortho[1]   ? 
_reflns.pdbx_aniso_diffraction_limit_axis_1_ortho[2]   ? 
_reflns.pdbx_aniso_diffraction_limit_axis_1_ortho[3]   ? 
_reflns.pdbx_aniso_diffraction_limit_axis_2_ortho[1]   ? 
_reflns.pdbx_aniso_diffraction_limit_axis_2_ortho[2]   ? 
_reflns.pdbx_aniso_diffraction_limit_axis_2_ortho[3]   ? 
_reflns.pdbx_aniso_diffraction_limit_axis_3_ortho[1]   ? 
_reflns.pdbx_aniso_diffraction_limit_axis_3_ortho[2]   ? 
_reflns.pdbx_aniso_diffraction_limit_axis_3_ortho[3]   ? 
_reflns.pdbx_aniso_diffraction_limit_1                 ? 
_reflns.pdbx_aniso_diffraction_limit_2                 ? 
_reflns.pdbx_aniso_diffraction_limit_3                 ? 
_reflns.pdbx_aniso_B_tensor_eigenvector_1_ortho[1]     ? 
_reflns.pdbx_aniso_B_tensor_eigenvector_1_ortho[2]     ? 
_reflns.pdbx_aniso_B_tensor_eigenvector_1_ortho[3]     ? 
_reflns.pdbx_aniso_B_tensor_eigenvector_2_ortho[1]     ? 
_reflns.pdbx_aniso_B_tensor_eigenvector_2_ortho[2]     ? 
_reflns.pdbx_aniso_B_tensor_eigenvector_2_ortho[3]     ? 
_reflns.pdbx_aniso_B_tensor_eigenvector_3_ortho[1]     ? 
_reflns.pdbx_aniso_B_tensor_eigenvector_3_ortho[2]     ? 
_reflns.pdbx_aniso_B_tensor_eigenvector_3_ortho[3]     ? 
_reflns.pdbx_aniso_B_tensor_eigenvalue_1               ? 
_reflns.pdbx_aniso_B_tensor_eigenvalue_2               ? 
_reflns.pdbx_aniso_B_tensor_eigenvalue_3               ? 
_reflns.pdbx_orthogonalization_convention              ? 
_reflns.pdbx_percent_possible_ellipsoidal              ? 
_reflns.pdbx_percent_possible_spherical                ? 
_reflns.pdbx_percent_possible_ellipsoidal_anomalous    ? 
_reflns.pdbx_percent_possible_spherical_anomalous      ? 
_reflns.pdbx_redundancy_anomalous                      ? 
_reflns.pdbx_CC_half_anomalous                         ? 
_reflns.pdbx_absDiff_over_sigma_anomalous              ? 
_reflns.pdbx_percent_possible_anomalous                ? 
_reflns.pdbx_observed_signal_threshold                 ? 
_reflns.pdbx_signal_type                               ? 
_reflns.pdbx_signal_details                            ? 
_reflns.pdbx_signal_software_id                        ? 
# 
loop_
_reflns_shell.d_res_high 
_reflns_shell.d_res_low 
_reflns_shell.meanI_over_sigI_all 
_reflns_shell.meanI_over_sigI_obs 
_reflns_shell.number_measured_all 
_reflns_shell.number_measured_obs 
_reflns_shell.number_possible 
_reflns_shell.number_unique_all 
_reflns_shell.number_unique_obs 
_reflns_shell.percent_possible_all 
_reflns_shell.percent_possible_obs 
_reflns_shell.Rmerge_F_all 
_reflns_shell.Rmerge_F_obs 
_reflns_shell.Rmerge_I_all 
_reflns_shell.Rmerge_I_obs 
_reflns_shell.meanI_over_sigI_gt 
_reflns_shell.meanI_over_uI_all 
_reflns_shell.meanI_over_uI_gt 
_reflns_shell.number_measured_gt 
_reflns_shell.number_unique_gt 
_reflns_shell.percent_possible_gt 
_reflns_shell.Rmerge_F_gt 
_reflns_shell.Rmerge_I_gt 
_reflns_shell.pdbx_redundancy 
_reflns_shell.pdbx_Rsym_value 
_reflns_shell.pdbx_chi_squared 
_reflns_shell.pdbx_netI_over_sigmaI_all 
_reflns_shell.pdbx_netI_over_sigmaI_obs 
_reflns_shell.pdbx_Rrim_I_all 
_reflns_shell.pdbx_Rpim_I_all 
_reflns_shell.pdbx_rejects 
_reflns_shell.pdbx_ordinal 
_reflns_shell.pdbx_diffrn_id 
_reflns_shell.pdbx_CC_half 
_reflns_shell.pdbx_CC_star 
_reflns_shell.pdbx_R_split 
_reflns_shell.pdbx_percent_possible_ellipsoidal 
_reflns_shell.pdbx_percent_possible_spherical 
_reflns_shell.pdbx_percent_possible_ellipsoidal_anomalous 
_reflns_shell.pdbx_percent_possible_spherical_anomalous 
_reflns_shell.pdbx_redundancy_anomalous 
_reflns_shell.pdbx_CC_half_anomalous 
_reflns_shell.pdbx_absDiff_over_sigma_anomalous 
_reflns_shell.pdbx_percent_possible_anomalous 
6.14 39.67 ? ? ? ? ? ? 383  ? ? ? ? ? 0.048 ? ? ? ? ? ? ? ? 5.9 ? ? ? ? 0.056 0.028 ? 1 1 0.998 ? ? ? ? ? ? ? ? ? ? 
1.14 1.16  ? ? ? ? ? ? 2393 ? ? ? ? ? 1.287 ? ? ? ? ? ? ? ? 4.0 ? ? ? ? 1.650 1.015 ? 2 1 0.329 ? ? ? ? ? ? ? ? ? ? 
# 
_refine.aniso_B[1][1]                            0.406 
_refine.aniso_B[1][2]                            0.000 
_refine.aniso_B[1][3]                            -0.000 
_refine.aniso_B[2][2]                            -0.429 
_refine.aniso_B[2][3]                            0.000 
_refine.aniso_B[3][3]                            0.023 
_refine.B_iso_max                                ? 
_refine.B_iso_mean                               14.593 
_refine.B_iso_min                                ? 
_refine.correlation_coeff_Fo_to_Fc               0.962 
_refine.correlation_coeff_Fo_to_Fc_free          0.960 
_refine.details                                  'Hydrogens have been added in their riding positions' 
_refine.diff_density_max                         ? 
_refine.diff_density_max_esd                     ? 
_refine.diff_density_min                         ? 
_refine.diff_density_min_esd                     ? 
_refine.diff_density_rms                         ? 
_refine.diff_density_rms_esd                     ? 
_refine.entry_id                                 7ZEN 
_refine.pdbx_refine_id                           'X-RAY DIFFRACTION' 
_refine.ls_abs_structure_details                 ? 
_refine.ls_abs_structure_Flack                   ? 
_refine.ls_abs_structure_Flack_esd               ? 
_refine.ls_abs_structure_Rogers                  ? 
_refine.ls_abs_structure_Rogers_esd              ? 
_refine.ls_d_res_high                            1.140 
_refine.ls_d_res_low                             39.67 
_refine.ls_extinction_coef                       ? 
_refine.ls_extinction_coef_esd                   ? 
_refine.ls_extinction_expression                 ? 
_refine.ls_extinction_method                     ? 
_refine.ls_goodness_of_fit_all                   ? 
_refine.ls_goodness_of_fit_all_esd               ? 
_refine.ls_goodness_of_fit_obs                   ? 
_refine.ls_goodness_of_fit_obs_esd               ? 
_refine.ls_hydrogen_treatment                    ? 
_refine.ls_matrix_type                           ? 
_refine.ls_number_constraints                    ? 
_refine.ls_number_parameters                     ? 
_refine.ls_number_reflns_all                     ? 
_refine.ls_number_reflns_obs                     48325 
_refine.ls_number_reflns_R_free                  2355 
_refine.ls_number_reflns_R_work                  45970 
_refine.ls_number_restraints                     ? 
_refine.ls_percent_reflns_obs                    99.695 
_refine.ls_percent_reflns_R_free                 4.873 
_refine.ls_R_factor_all                          0.197 
_refine.ls_R_factor_obs                          ? 
_refine.ls_R_factor_R_free                       0.2098 
_refine.ls_R_factor_R_free_error                 ? 
_refine.ls_R_factor_R_free_error_details         ? 
_refine.ls_R_factor_R_work                       0.1964 
_refine.ls_R_Fsqd_factor_obs                     ? 
_refine.ls_R_I_factor_obs                        ? 
_refine.ls_redundancy_reflns_all                 ? 
_refine.ls_redundancy_reflns_obs                 ? 
_refine.ls_restrained_S_all                      ? 
_refine.ls_restrained_S_obs                      ? 
_refine.ls_shift_over_esd_max                    ? 
_refine.ls_shift_over_esd_mean                   ? 
_refine.ls_structure_factor_coef                 ? 
_refine.ls_weighting_details                     ? 
_refine.ls_weighting_scheme                      ? 
_refine.ls_wR_factor_all                         ? 
_refine.ls_wR_factor_obs                         ? 
_refine.ls_wR_factor_R_free                      ? 
_refine.ls_wR_factor_R_work                      ? 
_refine.occupancy_max                            ? 
_refine.occupancy_min                            ? 
_refine.solvent_model_details                    'MASK BULK SOLVENT' 
_refine.solvent_model_param_bsol                 ? 
_refine.solvent_model_param_ksol                 ? 
_refine.pdbx_R_complete                          ? 
_refine.ls_R_factor_gt                           ? 
_refine.ls_goodness_of_fit_gt                    ? 
_refine.ls_goodness_of_fit_ref                   ? 
_refine.ls_shift_over_su_max                     ? 
_refine.ls_shift_over_su_max_lt                  ? 
_refine.ls_shift_over_su_mean                    ? 
_refine.ls_shift_over_su_mean_lt                 ? 
_refine.pdbx_ls_sigma_I                          ? 
_refine.pdbx_ls_sigma_F                          ? 
_refine.pdbx_ls_sigma_Fsqd                       ? 
_refine.pdbx_data_cutoff_high_absF               ? 
_refine.pdbx_data_cutoff_high_rms_absF           ? 
_refine.pdbx_data_cutoff_low_absF                ? 
_refine.pdbx_isotropic_thermal_model             ? 
_refine.pdbx_ls_cross_valid_method               'FREE R-VALUE' 
_refine.pdbx_method_to_determine_struct          'MOLECULAR REPLACEMENT' 
_refine.pdbx_starting_model                      5LRQ 
_refine.pdbx_stereochemistry_target_values       ? 
_refine.pdbx_R_Free_selection_details            ? 
_refine.pdbx_stereochem_target_val_spec_case     ? 
_refine.pdbx_overall_ESU_R                       0.040 
_refine.pdbx_overall_ESU_R_Free                  0.040 
_refine.pdbx_solvent_vdw_probe_radii             1.200 
_refine.pdbx_solvent_ion_probe_radii             0.800 
_refine.pdbx_solvent_shrinkage_radii             0.800 
_refine.pdbx_real_space_R                        ? 
_refine.pdbx_density_correlation                 ? 
_refine.pdbx_pd_number_of_powder_patterns        ? 
_refine.pdbx_pd_number_of_points                 ? 
_refine.pdbx_pd_meas_number_of_points            ? 
_refine.pdbx_pd_proc_ls_prof_R_factor            ? 
_refine.pdbx_pd_proc_ls_prof_wR_factor           ? 
_refine.pdbx_pd_Marquardt_correlation_coeff      ? 
_refine.pdbx_pd_Fsqrd_R_factor                   ? 
_refine.pdbx_pd_ls_matrix_band_width             ? 
_refine.pdbx_overall_phase_error                 ? 
_refine.pdbx_overall_SU_R_free_Cruickshank_DPI   ? 
_refine.pdbx_overall_SU_R_free_Blow_DPI          ? 
_refine.pdbx_overall_SU_R_Blow_DPI               ? 
_refine.pdbx_TLS_residual_ADP_flag               ? 
_refine.pdbx_diffrn_id                           1 
_refine.overall_SU_B                             0.696 
_refine.overall_SU_ML                            0.031 
_refine.overall_SU_R_Cruickshank_DPI             ? 
_refine.overall_SU_R_free                        ? 
_refine.overall_FOM_free_R_set                   ? 
_refine.overall_FOM_work_R_set                   ? 
_refine.pdbx_average_fsc_overall                 ? 
_refine.pdbx_average_fsc_work                    ? 
_refine.pdbx_average_fsc_free                    ? 
# 
_refine_hist.pdbx_refine_id                   'X-RAY DIFFRACTION' 
_refine_hist.cycle_id                         LAST 
_refine_hist.details                          ? 
_refine_hist.d_res_high                       1.140 
_refine_hist.d_res_low                        39.67 
_refine_hist.number_atoms_solvent             148 
_refine_hist.number_atoms_total               1245 
_refine_hist.number_reflns_all                ? 
_refine_hist.number_reflns_obs                ? 
_refine_hist.number_reflns_R_free             ? 
_refine_hist.number_reflns_R_work             ? 
_refine_hist.R_factor_all                     ? 
_refine_hist.R_factor_obs                     ? 
_refine_hist.R_factor_R_free                  ? 
_refine_hist.R_factor_R_work                  ? 
_refine_hist.pdbx_number_residues_total       ? 
_refine_hist.pdbx_B_iso_mean_ligand           ? 
_refine_hist.pdbx_B_iso_mean_solvent          ? 
_refine_hist.pdbx_number_atoms_protein        1076 
_refine_hist.pdbx_number_atoms_nucleic_acid   0 
_refine_hist.pdbx_number_atoms_ligand         21 
_refine_hist.pdbx_number_atoms_lipid          ? 
_refine_hist.pdbx_number_atoms_carb           ? 
_refine_hist.pdbx_pseudo_atom_details         ? 
# 
loop_
_refine_ls_restr.pdbx_refine_id 
_refine_ls_restr.criterion 
_refine_ls_restr.dev_ideal 
_refine_ls_restr.dev_ideal_target 
_refine_ls_restr.number 
_refine_ls_restr.rejects 
_refine_ls_restr.type 
_refine_ls_restr.weight 
_refine_ls_restr.pdbx_restraint_function 
'X-RAY DIFFRACTION' ? 0.012  0.012  1148 ? r_bond_refined_d               ? ? 
'X-RAY DIFFRACTION' ? 1.972  1.656  1564 ? r_angle_refined_deg            ? ? 
'X-RAY DIFFRACTION' ? 5.986  5.000  134  ? r_dihedral_angle_1_deg         ? ? 
'X-RAY DIFFRACTION' ? 36.348 25.000 58   ? r_dihedral_angle_2_deg         ? ? 
'X-RAY DIFFRACTION' ? 11.683 15.000 202  ? r_dihedral_angle_3_deg         ? ? 
'X-RAY DIFFRACTION' ? 34.482 15.000 3    ? r_dihedral_angle_4_deg         ? ? 
'X-RAY DIFFRACTION' ? 0.100  0.200  146  ? r_chiral_restr                 ? ? 
'X-RAY DIFFRACTION' ? 0.012  0.020  890  ? r_gen_planes_refined           ? ? 
'X-RAY DIFFRACTION' ? 0.232  0.200  540  ? r_nbd_refined                  ? ? 
'X-RAY DIFFRACTION' ? 0.328  0.200  792  ? r_nbtor_refined                ? ? 
'X-RAY DIFFRACTION' ? 0.201  0.200  97   ? r_xyhbond_nbd_refined          ? ? 
'X-RAY DIFFRACTION' ? 0.196  0.200  38   ? r_symmetry_nbd_refined         ? ? 
'X-RAY DIFFRACTION' ? 0.270  0.200  24   ? r_symmetry_xyhbond_nbd_refined ? ? 
'X-RAY DIFFRACTION' ? 1.286  1.078  527  ? r_mcbond_it                    ? ? 
'X-RAY DIFFRACTION' ? 1.906  1.615  661  ? r_mcangle_it                   ? ? 
'X-RAY DIFFRACTION' ? 2.769  1.380  621  ? r_scbond_it                    ? ? 
'X-RAY DIFFRACTION' ? 3.888  1.965  902  ? r_scangle_it                   ? ? 
'X-RAY DIFFRACTION' ? 5.133  16.553 1825 ? r_lrange_it                    ? ? 
# 
loop_
_refine_ls_shell.pdbx_refine_id 
_refine_ls_shell.d_res_high 
_refine_ls_shell.d_res_low 
_refine_ls_shell.number_reflns_all 
_refine_ls_shell.number_reflns_obs 
_refine_ls_shell.number_reflns_R_free 
_refine_ls_shell.number_reflns_R_work 
_refine_ls_shell.percent_reflns_obs 
_refine_ls_shell.percent_reflns_R_free 
_refine_ls_shell.R_factor_all 
_refine_ls_shell.R_factor_obs 
_refine_ls_shell.R_factor_R_free 
_refine_ls_shell.R_factor_R_free_error 
_refine_ls_shell.R_factor_R_work 
_refine_ls_shell.redundancy_reflns_all 
_refine_ls_shell.redundancy_reflns_obs 
_refine_ls_shell.wR_factor_all 
_refine_ls_shell.wR_factor_obs 
_refine_ls_shell.wR_factor_R_free 
_refine_ls_shell.wR_factor_R_work 
_refine_ls_shell.pdbx_R_complete 
_refine_ls_shell.pdbx_total_number_of_bins_used 
_refine_ls_shell.pdbx_phase_error 
_refine_ls_shell.pdbx_fsc_work 
_refine_ls_shell.pdbx_fsc_free 
'X-RAY DIFFRACTION' 1.140 1.170 . . 161 3293 97.6258  . . . 0.319 . 0.301 . . . . . . . . . . . 
'X-RAY DIFFRACTION' 1.170 1.202 . . 159 3252 98.9556  . . . 0.279 . 0.288 . . . . . . . . . . . 
'X-RAY DIFFRACTION' 1.202 1.236 . . 163 3175 99.8206  . . . 0.269 . 0.265 . . . . . . . . . . . 
'X-RAY DIFFRACTION' 1.236 1.275 . . 153 3125 100.0000 . . . 0.280 . 0.248 . . . . . . . . . . . 
'X-RAY DIFFRACTION' 1.275 1.316 . . 150 2988 100.0000 . . . 0.259 . 0.231 . . . . . . . . . . . 
'X-RAY DIFFRACTION' 1.316 1.363 . . 159 2911 99.9349  . . . 0.223 . 0.216 . . . . . . . . . . . 
'X-RAY DIFFRACTION' 1.363 1.414 . . 163 2783 100.0000 . . . 0.204 . 0.204 . . . . . . . . . . . 
'X-RAY DIFFRACTION' 1.414 1.472 . . 131 2730 100.0000 . . . 0.212 . 0.187 . . . . . . . . . . . 
'X-RAY DIFFRACTION' 1.472 1.537 . . 147 2590 100.0000 . . . 0.220 . 0.177 . . . . . . . . . . . 
'X-RAY DIFFRACTION' 1.537 1.612 . . 104 2508 99.9617  . . . 0.187 . 0.176 . . . . . . . . . . . 
'X-RAY DIFFRACTION' 1.612 1.699 . . 128 2372 100.0000 . . . 0.194 . 0.167 . . . . . . . . . . . 
'X-RAY DIFFRACTION' 1.699 1.802 . . 106 2279 99.9581  . . . 0.226 . 0.176 . . . . . . . . . . . 
'X-RAY DIFFRACTION' 1.802 1.927 . . 121 2116 100.0000 . . . 0.190 . 0.178 . . . . . . . . . . . 
'X-RAY DIFFRACTION' 1.927 2.081 . . 100 1976 99.9519  . . . 0.209 . 0.183 . . . . . . . . . . . 
'X-RAY DIFFRACTION' 2.081 2.279 . . 108 1824 99.8450  . . . 0.167 . 0.181 . . . . . . . . . . . 
'X-RAY DIFFRACTION' 2.279 2.548 . . 100 1656 99.9431  . . . 0.200 . 0.192 . . . . . . . . . . . 
'X-RAY DIFFRACTION' 2.548 2.942 . . 74  1493 100.0000 . . . 0.215 . 0.198 . . . . . . . . . . . 
'X-RAY DIFFRACTION' 2.942 3.602 . . 63  1276 99.9254  . . . 0.197 . 0.189 . . . . . . . . . . . 
'X-RAY DIFFRACTION' 3.602 5.088 . . 36  1015 99.8101  . . . 0.130 . 0.160 . . . . . . . . . . . 
'X-RAY DIFFRACTION' 5.088 39.67 . . 29  608  100.0000 . . . 0.314 . 0.242 . . . . . . . . . . . 
# 
_struct.entry_id                     7ZEN 
_struct.title                        'BRD4 in complex with FragLite23' 
_struct.pdbx_model_details           ? 
_struct.pdbx_formula_weight          ? 
_struct.pdbx_formula_weight_method   ? 
_struct.pdbx_model_type_details      ? 
_struct.pdbx_CASP_flag               N 
# 
_struct_keywords.entry_id        7ZEN 
_struct_keywords.text            'FragLites, anomalous, BRD4, Fragment screening, TRANSCRIPTION' 
_struct_keywords.pdbx_keywords   TRANSCRIPTION 
# 
loop_
_struct_asym.id 
_struct_asym.pdbx_blank_PDB_chainid_flag 
_struct_asym.pdbx_modified 
_struct_asym.entity_id 
_struct_asym.details 
A N N 1 ? 
B N N 2 ? 
C N N 2 ? 
D N N 3 ? 
E N N 4 ? 
# 
_struct_ref.id                         1 
_struct_ref.db_name                    UNP 
_struct_ref.db_code                    BRD4-2_HUMAN 
_struct_ref.pdbx_db_accession          O60885-2 
_struct_ref.pdbx_db_isoform            ? 
_struct_ref.entity_id                  1 
_struct_ref.pdbx_seq_one_letter_code   
;NPPPPETSNPNKPKRQTNQLQYLLRVVLKTLWKHQFAWPFQQPVDAVKLNLPDYYKIIKTPMDMGTIKKRLENNYYWNAQ
ECIQDFNTMFTNCYIYNKPGDDIVLMAEALEKLFLQKINELPTEE
;
_struct_ref.pdbx_align_begin           44 
# 
_struct_ref_seq.align_id                      1 
_struct_ref_seq.ref_id                        1 
_struct_ref_seq.pdbx_PDB_id_code              7ZEN 
_struct_ref_seq.pdbx_strand_id                AAA 
_struct_ref_seq.seq_align_beg                 5 
_struct_ref_seq.pdbx_seq_align_beg_ins_code   ? 
_struct_ref_seq.seq_align_end                 129 
_struct_ref_seq.pdbx_seq_align_end_ins_code   ? 
_struct_ref_seq.pdbx_db_accession             O60885-2 
_struct_ref_seq.db_align_beg                  44 
_struct_ref_seq.pdbx_db_align_beg_ins_code    ? 
_struct_ref_seq.db_align_end                  168 
_struct_ref_seq.pdbx_db_align_end_ins_code    ? 
_struct_ref_seq.pdbx_auth_seq_align_beg       44 
_struct_ref_seq.pdbx_auth_seq_align_end       168 
# 
loop_
_struct_ref_seq_dif.align_id 
_struct_ref_seq_dif.pdbx_pdb_id_code 
_struct_ref_seq_dif.mon_id 
_struct_ref_seq_dif.pdbx_pdb_strand_id 
_struct_ref_seq_dif.seq_num 
_struct_ref_seq_dif.pdbx_pdb_ins_code 
_struct_ref_seq_dif.pdbx_seq_db_name 
_struct_ref_seq_dif.pdbx_seq_db_accession_code 
_struct_ref_seq_dif.db_mon_id 
_struct_ref_seq_dif.pdbx_seq_db_seq_num 
_struct_ref_seq_dif.details 
_struct_ref_seq_dif.pdbx_auth_seq_num 
_struct_ref_seq_dif.pdbx_ordinal 
1 7ZEN GLY AAA 1 ? UNP O60885-2 ? ? 'expression tag' 40 1 
1 7ZEN SER AAA 2 ? UNP O60885-2 ? ? 'expression tag' 41 2 
1 7ZEN HIS AAA 3 ? UNP O60885-2 ? ? 'expression tag' 42 3 
1 7ZEN MET AAA 4 ? UNP O60885-2 ? ? 'expression tag' 43 4 
# 
_pdbx_struct_assembly.id                   1 
_pdbx_struct_assembly.details              author_and_software_defined_assembly 
_pdbx_struct_assembly.method_details       PISA 
_pdbx_struct_assembly.oligomeric_details   monomeric 
_pdbx_struct_assembly.oligomeric_count     1 
# 
loop_
_pdbx_struct_assembly_prop.biol_id 
_pdbx_struct_assembly_prop.type 
_pdbx_struct_assembly_prop.value 
_pdbx_struct_assembly_prop.details 
1 'ABSA (A^2)' 530  ? 
1 MORE         -2   ? 
1 'SSA (A^2)'  7860 ? 
# 
_pdbx_struct_assembly_gen.assembly_id       1 
_pdbx_struct_assembly_gen.oper_expression   1 
_pdbx_struct_assembly_gen.asym_id_list      A,B,C,D,E 
# 
_pdbx_struct_assembly_auth_evidence.id                     1 
_pdbx_struct_assembly_auth_evidence.assembly_id            1 
_pdbx_struct_assembly_auth_evidence.experimental_support   'gel filtration' 
_pdbx_struct_assembly_auth_evidence.details                ? 
# 
_pdbx_struct_oper_list.id                   1 
_pdbx_struct_oper_list.type                 'identity operation' 
_pdbx_struct_oper_list.name                 1_555 
_pdbx_struct_oper_list.symmetry_operation   x,y,z 
_pdbx_struct_oper_list.matrix[1][1]         1.0000000000 
_pdbx_struct_oper_list.matrix[1][2]         0.0000000000 
_pdbx_struct_oper_list.matrix[1][3]         0.0000000000 
_pdbx_struct_oper_list.vector[1]            0.0000000000 
_pdbx_struct_oper_list.matrix[2][1]         0.0000000000 
_pdbx_struct_oper_list.matrix[2][2]         1.0000000000 
_pdbx_struct_oper_list.matrix[2][3]         0.0000000000 
_pdbx_struct_oper_list.vector[2]            0.0000000000 
_pdbx_struct_oper_list.matrix[3][1]         0.0000000000 
_pdbx_struct_oper_list.matrix[3][2]         0.0000000000 
_pdbx_struct_oper_list.matrix[3][3]         1.0000000000 
_pdbx_struct_oper_list.vector[3]            0.0000000000 
# 
loop_
_struct_conf.conf_type_id 
_struct_conf.id 
_struct_conf.pdbx_PDB_helix_id 
_struct_conf.beg_label_comp_id 
_struct_conf.beg_label_asym_id 
_struct_conf.beg_label_seq_id 
_struct_conf.pdbx_beg_PDB_ins_code 
_struct_conf.end_label_comp_id 
_struct_conf.end_label_asym_id 
_struct_conf.end_label_seq_id 
_struct_conf.pdbx_end_PDB_ins_code 
_struct_conf.beg_auth_comp_id 
_struct_conf.beg_auth_asym_id 
_struct_conf.beg_auth_seq_id 
_struct_conf.end_auth_comp_id 
_struct_conf.end_auth_asym_id 
_struct_conf.end_auth_seq_id 
_struct_conf.pdbx_PDB_helix_class 
_struct_conf.details 
_struct_conf.pdbx_PDB_helix_length 
HELX_P HELX_P1 AA1 THR A 21  ? VAL A 30  ? THR AAA 60  VAL AAA 69  1 ? 10 
HELX_P HELX_P2 AA2 VAL A 30  ? LYS A 37  ? VAL AAA 69  LYS AAA 76  1 ? 8  
HELX_P HELX_P3 AA3 ALA A 41  ? GLN A 45  ? ALA AAA 80  GLN AAA 84  5 ? 5  
HELX_P HELX_P4 AA4 ASP A 57  ? ILE A 62  ? ASP AAA 96  ILE AAA 101 1 ? 6  
HELX_P HELX_P5 AA5 ASP A 67  ? ASN A 77  ? ASP AAA 106 ASN AAA 116 1 ? 11 
HELX_P HELX_P6 AA6 ASN A 82  ? ASN A 101 ? ASN AAA 121 ASN AAA 140 1 ? 20 
HELX_P HELX_P7 AA7 ASP A 105 ? GLU A 124 ? ASP AAA 144 GLU AAA 163 1 ? 20 
# 
_struct_conf_type.id          HELX_P 
_struct_conf_type.criteria    ? 
_struct_conf_type.reference   ? 
# 
loop_
_pdbx_validate_close_contact.id 
_pdbx_validate_close_contact.PDB_model_num 
_pdbx_validate_close_contact.auth_atom_id_1 
_pdbx_validate_close_contact.auth_asym_id_1 
_pdbx_validate_close_contact.auth_comp_id_1 
_pdbx_validate_close_contact.auth_seq_id_1 
_pdbx_validate_close_contact.PDB_ins_code_1 
_pdbx_validate_close_contact.label_alt_id_1 
_pdbx_validate_close_contact.auth_atom_id_2 
_pdbx_validate_close_contact.auth_asym_id_2 
_pdbx_validate_close_contact.auth_comp_id_2 
_pdbx_validate_close_contact.auth_seq_id_2 
_pdbx_validate_close_contact.PDB_ins_code_2 
_pdbx_validate_close_contact.label_alt_id_2 
_pdbx_validate_close_contact.dist 
1 1 O AAA HOH 326 ? ? O AAA HOH 334 ? ? 1.62 
2 1 O AAA HOH 399 ? ? O AAA HOH 409 ? ? 1.76 
# 
_pdbx_validate_symm_contact.id                1 
_pdbx_validate_symm_contact.PDB_model_num     1 
_pdbx_validate_symm_contact.auth_atom_id_1    O 
_pdbx_validate_symm_contact.auth_asym_id_1    AAA 
_pdbx_validate_symm_contact.auth_comp_id_1    HOH 
_pdbx_validate_symm_contact.auth_seq_id_1     400 
_pdbx_validate_symm_contact.PDB_ins_code_1    ? 
_pdbx_validate_symm_contact.label_alt_id_1    ? 
_pdbx_validate_symm_contact.site_symmetry_1   1_555 
_pdbx_validate_symm_contact.auth_atom_id_2    O 
_pdbx_validate_symm_contact.auth_asym_id_2    AAA 
_pdbx_validate_symm_contact.auth_comp_id_2    HOH 
_pdbx_validate_symm_contact.auth_seq_id_2     413 
_pdbx_validate_symm_contact.PDB_ins_code_2    ? 
_pdbx_validate_symm_contact.label_alt_id_2    ? 
_pdbx_validate_symm_contact.site_symmetry_2   4_455 
_pdbx_validate_symm_contact.dist              1.66 
# 
_pdbx_validate_rmsd_bond.id                        1 
_pdbx_validate_rmsd_bond.PDB_model_num             1 
_pdbx_validate_rmsd_bond.auth_atom_id_1            CD 
_pdbx_validate_rmsd_bond.auth_asym_id_1            AAA 
_pdbx_validate_rmsd_bond.auth_comp_id_1            GLU 
_pdbx_validate_rmsd_bond.auth_seq_id_1             124 
_pdbx_validate_rmsd_bond.PDB_ins_code_1            ? 
_pdbx_validate_rmsd_bond.label_alt_id_1            ? 
_pdbx_validate_rmsd_bond.auth_atom_id_2            OE2 
_pdbx_validate_rmsd_bond.auth_asym_id_2            AAA 
_pdbx_validate_rmsd_bond.auth_comp_id_2            GLU 
_pdbx_validate_rmsd_bond.auth_seq_id_2             124 
_pdbx_validate_rmsd_bond.PDB_ins_code_2            ? 
_pdbx_validate_rmsd_bond.label_alt_id_2            ? 
_pdbx_validate_rmsd_bond.bond_value                1.176 
_pdbx_validate_rmsd_bond.bond_target_value         1.252 
_pdbx_validate_rmsd_bond.bond_deviation            -0.076 
_pdbx_validate_rmsd_bond.bond_standard_deviation   0.011 
_pdbx_validate_rmsd_bond.linker_flag               N 
# 
_pdbx_validate_rmsd_angle.id                         1 
_pdbx_validate_rmsd_angle.PDB_model_num              1 
_pdbx_validate_rmsd_angle.auth_atom_id_1             CB 
_pdbx_validate_rmsd_angle.auth_asym_id_1             AAA 
_pdbx_validate_rmsd_angle.auth_comp_id_1             ARG 
_pdbx_validate_rmsd_angle.auth_seq_id_1              58 
_pdbx_validate_rmsd_angle.PDB_ins_code_1             ? 
_pdbx_validate_rmsd_angle.label_alt_id_1             ? 
_pdbx_validate_rmsd_angle.auth_atom_id_2             CG 
_pdbx_validate_rmsd_angle.auth_asym_id_2             AAA 
_pdbx_validate_rmsd_angle.auth_comp_id_2             ARG 
_pdbx_validate_rmsd_angle.auth_seq_id_2              58 
_pdbx_validate_rmsd_angle.PDB_ins_code_2             ? 
_pdbx_validate_rmsd_angle.label_alt_id_2             ? 
_pdbx_validate_rmsd_angle.auth_atom_id_3             CD 
_pdbx_validate_rmsd_angle.auth_asym_id_3             AAA 
_pdbx_validate_rmsd_angle.auth_comp_id_3             ARG 
_pdbx_validate_rmsd_angle.auth_seq_id_3              58 
_pdbx_validate_rmsd_angle.PDB_ins_code_3             ? 
_pdbx_validate_rmsd_angle.label_alt_id_3             ? 
_pdbx_validate_rmsd_angle.angle_value                95.21 
_pdbx_validate_rmsd_angle.angle_target_value         111.60 
_pdbx_validate_rmsd_angle.angle_deviation            -16.39 
_pdbx_validate_rmsd_angle.angle_standard_deviation   2.60 
_pdbx_validate_rmsd_angle.linker_flag                N 
# 
_pdbx_validate_torsion.id              1 
_pdbx_validate_torsion.PDB_model_num   1 
_pdbx_validate_torsion.auth_comp_id    ASN 
_pdbx_validate_torsion.auth_asym_id    AAA 
_pdbx_validate_torsion.auth_seq_id     52 
_pdbx_validate_torsion.PDB_ins_code    ? 
_pdbx_validate_torsion.label_alt_id    ? 
_pdbx_validate_torsion.phi             -164.59 
_pdbx_validate_torsion.psi             105.17 
# 
_pdbx_entry_details.entry_id                 7ZEN 
_pdbx_entry_details.has_ligand_of_interest   Y 
_pdbx_entry_details.compound_details         ? 
_pdbx_entry_details.source_details           ? 
_pdbx_entry_details.nonpolymer_details       ? 
_pdbx_entry_details.sequence_details         ? 
# 
loop_
_chem_comp_atom.comp_id 
_chem_comp_atom.atom_id 
_chem_comp_atom.type_symbol 
_chem_comp_atom.pdbx_aromatic_flag 
_chem_comp_atom.pdbx_stereo_config 
_chem_comp_atom.pdbx_ordinal 
ALA N    N  N N 1   
ALA CA   C  N S 2   
ALA C    C  N N 3   
ALA O    O  N N 4   
ALA CB   C  N N 5   
ALA OXT  O  N N 6   
ALA H    H  N N 7   
ALA H2   H  N N 8   
ALA HA   H  N N 9   
ALA HB1  H  N N 10  
ALA HB2  H  N N 11  
ALA HB3  H  N N 12  
ALA HXT  H  N N 13  
ARG N    N  N N 14  
ARG CA   C  N S 15  
ARG C    C  N N 16  
ARG O    O  N N 17  
ARG CB   C  N N 18  
ARG CG   C  N N 19  
ARG CD   C  N N 20  
ARG NE   N  N N 21  
ARG CZ   C  N N 22  
ARG NH1  N  N N 23  
ARG NH2  N  N N 24  
ARG OXT  O  N N 25  
ARG H    H  N N 26  
ARG H2   H  N N 27  
ARG HA   H  N N 28  
ARG HB2  H  N N 29  
ARG HB3  H  N N 30  
ARG HG2  H  N N 31  
ARG HG3  H  N N 32  
ARG HD2  H  N N 33  
ARG HD3  H  N N 34  
ARG HE   H  N N 35  
ARG HH11 H  N N 36  
ARG HH12 H  N N 37  
ARG HH21 H  N N 38  
ARG HH22 H  N N 39  
ARG HXT  H  N N 40  
ASN N    N  N N 41  
ASN CA   C  N S 42  
ASN C    C  N N 43  
ASN O    O  N N 44  
ASN CB   C  N N 45  
ASN CG   C  N N 46  
ASN OD1  O  N N 47  
ASN ND2  N  N N 48  
ASN OXT  O  N N 49  
ASN H    H  N N 50  
ASN H2   H  N N 51  
ASN HA   H  N N 52  
ASN HB2  H  N N 53  
ASN HB3  H  N N 54  
ASN HD21 H  N N 55  
ASN HD22 H  N N 56  
ASN HXT  H  N N 57  
ASP N    N  N N 58  
ASP CA   C  N S 59  
ASP C    C  N N 60  
ASP O    O  N N 61  
ASP CB   C  N N 62  
ASP CG   C  N N 63  
ASP OD1  O  N N 64  
ASP OD2  O  N N 65  
ASP OXT  O  N N 66  
ASP H    H  N N 67  
ASP H2   H  N N 68  
ASP HA   H  N N 69  
ASP HB2  H  N N 70  
ASP HB3  H  N N 71  
ASP HD2  H  N N 72  
ASP HXT  H  N N 73  
CYS N    N  N N 74  
CYS CA   C  N R 75  
CYS C    C  N N 76  
CYS O    O  N N 77  
CYS CB   C  N N 78  
CYS SG   S  N N 79  
CYS OXT  O  N N 80  
CYS H    H  N N 81  
CYS H2   H  N N 82  
CYS HA   H  N N 83  
CYS HB2  H  N N 84  
CYS HB3  H  N N 85  
CYS HG   H  N N 86  
CYS HXT  H  N N 87  
GLN N    N  N N 88  
GLN CA   C  N S 89  
GLN C    C  N N 90  
GLN O    O  N N 91  
GLN CB   C  N N 92  
GLN CG   C  N N 93  
GLN CD   C  N N 94  
GLN OE1  O  N N 95  
GLN NE2  N  N N 96  
GLN OXT  O  N N 97  
GLN H    H  N N 98  
GLN H2   H  N N 99  
GLN HA   H  N N 100 
GLN HB2  H  N N 101 
GLN HB3  H  N N 102 
GLN HG2  H  N N 103 
GLN HG3  H  N N 104 
GLN HE21 H  N N 105 
GLN HE22 H  N N 106 
GLN HXT  H  N N 107 
GLU N    N  N N 108 
GLU CA   C  N S 109 
GLU C    C  N N 110 
GLU O    O  N N 111 
GLU CB   C  N N 112 
GLU CG   C  N N 113 
GLU CD   C  N N 114 
GLU OE1  O  N N 115 
GLU OE2  O  N N 116 
GLU OXT  O  N N 117 
GLU H    H  N N 118 
GLU H2   H  N N 119 
GLU HA   H  N N 120 
GLU HB2  H  N N 121 
GLU HB3  H  N N 122 
GLU HG2  H  N N 123 
GLU HG3  H  N N 124 
GLU HE2  H  N N 125 
GLU HXT  H  N N 126 
GLY N    N  N N 127 
GLY CA   C  N N 128 
GLY C    C  N N 129 
GLY O    O  N N 130 
GLY OXT  O  N N 131 
GLY H    H  N N 132 
GLY H2   H  N N 133 
GLY HA2  H  N N 134 
GLY HA3  H  N N 135 
GLY HXT  H  N N 136 
GOL C1   C  N N 137 
GOL O1   O  N N 138 
GOL C2   C  N N 139 
GOL O2   O  N N 140 
GOL C3   C  N N 141 
GOL O3   O  N N 142 
GOL H11  H  N N 143 
GOL H12  H  N N 144 
GOL HO1  H  N N 145 
GOL H2   H  N N 146 
GOL HO2  H  N N 147 
GOL H31  H  N N 148 
GOL H32  H  N N 149 
GOL HO3  H  N N 150 
HIS N    N  N N 151 
HIS CA   C  N S 152 
HIS C    C  N N 153 
HIS O    O  N N 154 
HIS CB   C  N N 155 
HIS CG   C  Y N 156 
HIS ND1  N  Y N 157 
HIS CD2  C  Y N 158 
HIS CE1  C  Y N 159 
HIS NE2  N  Y N 160 
HIS OXT  O  N N 161 
HIS H    H  N N 162 
HIS H2   H  N N 163 
HIS HA   H  N N 164 
HIS HB2  H  N N 165 
HIS HB3  H  N N 166 
HIS HD1  H  N N 167 
HIS HD2  H  N N 168 
HIS HE1  H  N N 169 
HIS HE2  H  N N 170 
HIS HXT  H  N N 171 
HOH O    O  N N 172 
HOH H1   H  N N 173 
HOH H2   H  N N 174 
ILE N    N  N N 175 
ILE CA   C  N S 176 
ILE C    C  N N 177 
ILE O    O  N N 178 
ILE CB   C  N S 179 
ILE CG1  C  N N 180 
ILE CG2  C  N N 181 
ILE CD1  C  N N 182 
ILE OXT  O  N N 183 
ILE H    H  N N 184 
ILE H2   H  N N 185 
ILE HA   H  N N 186 
ILE HB   H  N N 187 
ILE HG12 H  N N 188 
ILE HG13 H  N N 189 
ILE HG21 H  N N 190 
ILE HG22 H  N N 191 
ILE HG23 H  N N 192 
ILE HD11 H  N N 193 
ILE HD12 H  N N 194 
ILE HD13 H  N N 195 
ILE HXT  H  N N 196 
LEU N    N  N N 197 
LEU CA   C  N S 198 
LEU C    C  N N 199 
LEU O    O  N N 200 
LEU CB   C  N N 201 
LEU CG   C  N N 202 
LEU CD1  C  N N 203 
LEU CD2  C  N N 204 
LEU OXT  O  N N 205 
LEU H    H  N N 206 
LEU H2   H  N N 207 
LEU HA   H  N N 208 
LEU HB2  H  N N 209 
LEU HB3  H  N N 210 
LEU HG   H  N N 211 
LEU HD11 H  N N 212 
LEU HD12 H  N N 213 
LEU HD13 H  N N 214 
LEU HD21 H  N N 215 
LEU HD22 H  N N 216 
LEU HD23 H  N N 217 
LEU HXT  H  N N 218 
LYS N    N  N N 219 
LYS CA   C  N S 220 
LYS C    C  N N 221 
LYS O    O  N N 222 
LYS CB   C  N N 223 
LYS CG   C  N N 224 
LYS CD   C  N N 225 
LYS CE   C  N N 226 
LYS NZ   N  N N 227 
LYS OXT  O  N N 228 
LYS H    H  N N 229 
LYS H2   H  N N 230 
LYS HA   H  N N 231 
LYS HB2  H  N N 232 
LYS HB3  H  N N 233 
LYS HG2  H  N N 234 
LYS HG3  H  N N 235 
LYS HD2  H  N N 236 
LYS HD3  H  N N 237 
LYS HE2  H  N N 238 
LYS HE3  H  N N 239 
LYS HZ1  H  N N 240 
LYS HZ2  H  N N 241 
LYS HZ3  H  N N 242 
LYS HXT  H  N N 243 
MET N    N  N N 244 
MET CA   C  N S 245 
MET C    C  N N 246 
MET O    O  N N 247 
MET CB   C  N N 248 
MET CG   C  N N 249 
MET SD   S  N N 250 
MET CE   C  N N 251 
MET OXT  O  N N 252 
MET H    H  N N 253 
MET H2   H  N N 254 
MET HA   H  N N 255 
MET HB2  H  N N 256 
MET HB3  H  N N 257 
MET HG2  H  N N 258 
MET HG3  H  N N 259 
MET HE1  H  N N 260 
MET HE2  H  N N 261 
MET HE3  H  N N 262 
MET HXT  H  N N 263 
PHE N    N  N N 264 
PHE CA   C  N S 265 
PHE C    C  N N 266 
PHE O    O  N N 267 
PHE CB   C  N N 268 
PHE CG   C  Y N 269 
PHE CD1  C  Y N 270 
PHE CD2  C  Y N 271 
PHE CE1  C  Y N 272 
PHE CE2  C  Y N 273 
PHE CZ   C  Y N 274 
PHE OXT  O  N N 275 
PHE H    H  N N 276 
PHE H2   H  N N 277 
PHE HA   H  N N 278 
PHE HB2  H  N N 279 
PHE HB3  H  N N 280 
PHE HD1  H  N N 281 
PHE HD2  H  N N 282 
PHE HE1  H  N N 283 
PHE HE2  H  N N 284 
PHE HZ   H  N N 285 
PHE HXT  H  N N 286 
PRO N    N  N N 287 
PRO CA   C  N S 288 
PRO C    C  N N 289 
PRO O    O  N N 290 
PRO CB   C  N N 291 
PRO CG   C  N N 292 
PRO CD   C  N N 293 
PRO OXT  O  N N 294 
PRO H    H  N N 295 
PRO HA   H  N N 296 
PRO HB2  H  N N 297 
PRO HB3  H  N N 298 
PRO HG2  H  N N 299 
PRO HG3  H  N N 300 
PRO HD2  H  N N 301 
PRO HD3  H  N N 302 
PRO HXT  H  N N 303 
SER N    N  N N 304 
SER CA   C  N S 305 
SER C    C  N N 306 
SER O    O  N N 307 
SER CB   C  N N 308 
SER OG   O  N N 309 
SER OXT  O  N N 310 
SER H    H  N N 311 
SER H2   H  N N 312 
SER HA   H  N N 313 
SER HB2  H  N N 314 
SER HB3  H  N N 315 
SER HG   H  N N 316 
SER HXT  H  N N 317 
THR N    N  N N 318 
THR CA   C  N S 319 
THR C    C  N N 320 
THR O    O  N N 321 
THR CB   C  N R 322 
THR OG1  O  N N 323 
THR CG2  C  N N 324 
THR OXT  O  N N 325 
THR H    H  N N 326 
THR H2   H  N N 327 
THR HA   H  N N 328 
THR HB   H  N N 329 
THR HG1  H  N N 330 
THR HG21 H  N N 331 
THR HG22 H  N N 332 
THR HG23 H  N N 333 
THR HXT  H  N N 334 
TRP N    N  N N 335 
TRP CA   C  N S 336 
TRP C    C  N N 337 
TRP O    O  N N 338 
TRP CB   C  N N 339 
TRP CG   C  Y N 340 
TRP CD1  C  Y N 341 
TRP CD2  C  Y N 342 
TRP NE1  N  Y N 343 
TRP CE2  C  Y N 344 
TRP CE3  C  Y N 345 
TRP CZ2  C  Y N 346 
TRP CZ3  C  Y N 347 
TRP CH2  C  Y N 348 
TRP OXT  O  N N 349 
TRP H    H  N N 350 
TRP H2   H  N N 351 
TRP HA   H  N N 352 
TRP HB2  H  N N 353 
TRP HB3  H  N N 354 
TRP HD1  H  N N 355 
TRP HE1  H  N N 356 
TRP HE3  H  N N 357 
TRP HZ2  H  N N 358 
TRP HZ3  H  N N 359 
TRP HH2  H  N N 360 
TRP HXT  H  N N 361 
TYR N    N  N N 362 
TYR CA   C  N S 363 
TYR C    C  N N 364 
TYR O    O  N N 365 
TYR CB   C  N N 366 
TYR CG   C  Y N 367 
TYR CD1  C  Y N 368 
TYR CD2  C  Y N 369 
TYR CE1  C  Y N 370 
TYR CE2  C  Y N 371 
TYR CZ   C  Y N 372 
TYR OH   O  N N 373 
TYR OXT  O  N N 374 
TYR H    H  N N 375 
TYR H2   H  N N 376 
TYR HA   H  N N 377 
TYR HB2  H  N N 378 
TYR HB3  H  N N 379 
TYR HD1  H  N N 380 
TYR HD2  H  N N 381 
TYR HE1  H  N N 382 
TYR HE2  H  N N 383 
TYR HH   H  N N 384 
TYR HXT  H  N N 385 
UU1 N1   N  Y N 386 
UU1 C4   C  Y N 387 
UU1 N    N  Y N 388 
UU1 C    C  Y N 389 
UU1 O    O  N N 390 
UU1 C1   C  Y N 391 
UU1 C2   C  N N 392 
UU1 C3   C  N N 393 
UU1 BR   BR N N 394 
UU1 H1   H  N N 395 
UU1 H2   H  N N 396 
UU1 H3   H  N N 397 
UU1 H4   H  N N 398 
UU1 H5   H  N N 399 
UU1 H6   H  N N 400 
UU1 H7   H  N N 401 
VAL N    N  N N 402 
VAL CA   C  N S 403 
VAL C    C  N N 404 
VAL O    O  N N 405 
VAL CB   C  N N 406 
VAL CG1  C  N N 407 
VAL CG2  C  N N 408 
VAL OXT  O  N N 409 
VAL H    H  N N 410 
VAL H2   H  N N 411 
VAL HA   H  N N 412 
VAL HB   H  N N 413 
VAL HG11 H  N N 414 
VAL HG12 H  N N 415 
VAL HG13 H  N N 416 
VAL HG21 H  N N 417 
VAL HG22 H  N N 418 
VAL HG23 H  N N 419 
VAL HXT  H  N N 420 
# 
loop_
_chem_comp_bond.comp_id 
_chem_comp_bond.atom_id_1 
_chem_comp_bond.atom_id_2 
_chem_comp_bond.value_order 
_chem_comp_bond.pdbx_aromatic_flag 
_chem_comp_bond.pdbx_stereo_config 
_chem_comp_bond.pdbx_ordinal 
ALA N   CA   sing N N 1   
ALA N   H    sing N N 2   
ALA N   H2   sing N N 3   
ALA CA  C    sing N N 4   
ALA CA  CB   sing N N 5   
ALA CA  HA   sing N N 6   
ALA C   O    doub N N 7   
ALA C   OXT  sing N N 8   
ALA CB  HB1  sing N N 9   
ALA CB  HB2  sing N N 10  
ALA CB  HB3  sing N N 11  
ALA OXT HXT  sing N N 12  
ARG N   CA   sing N N 13  
ARG N   H    sing N N 14  
ARG N   H2   sing N N 15  
ARG CA  C    sing N N 16  
ARG CA  CB   sing N N 17  
ARG CA  HA   sing N N 18  
ARG C   O    doub N N 19  
ARG C   OXT  sing N N 20  
ARG CB  CG   sing N N 21  
ARG CB  HB2  sing N N 22  
ARG CB  HB3  sing N N 23  
ARG CG  CD   sing N N 24  
ARG CG  HG2  sing N N 25  
ARG CG  HG3  sing N N 26  
ARG CD  NE   sing N N 27  
ARG CD  HD2  sing N N 28  
ARG CD  HD3  sing N N 29  
ARG NE  CZ   sing N N 30  
ARG NE  HE   sing N N 31  
ARG CZ  NH1  sing N N 32  
ARG CZ  NH2  doub N N 33  
ARG NH1 HH11 sing N N 34  
ARG NH1 HH12 sing N N 35  
ARG NH2 HH21 sing N N 36  
ARG NH2 HH22 sing N N 37  
ARG OXT HXT  sing N N 38  
ASN N   CA   sing N N 39  
ASN N   H    sing N N 40  
ASN N   H2   sing N N 41  
ASN CA  C    sing N N 42  
ASN CA  CB   sing N N 43  
ASN CA  HA   sing N N 44  
ASN C   O    doub N N 45  
ASN C   OXT  sing N N 46  
ASN CB  CG   sing N N 47  
ASN CB  HB2  sing N N 48  
ASN CB  HB3  sing N N 49  
ASN CG  OD1  doub N N 50  
ASN CG  ND2  sing N N 51  
ASN ND2 HD21 sing N N 52  
ASN ND2 HD22 sing N N 53  
ASN OXT HXT  sing N N 54  
ASP N   CA   sing N N 55  
ASP N   H    sing N N 56  
ASP N   H2   sing N N 57  
ASP CA  C    sing N N 58  
ASP CA  CB   sing N N 59  
ASP CA  HA   sing N N 60  
ASP C   O    doub N N 61  
ASP C   OXT  sing N N 62  
ASP CB  CG   sing N N 63  
ASP CB  HB2  sing N N 64  
ASP CB  HB3  sing N N 65  
ASP CG  OD1  doub N N 66  
ASP CG  OD2  sing N N 67  
ASP OD2 HD2  sing N N 68  
ASP OXT HXT  sing N N 69  
CYS N   CA   sing N N 70  
CYS N   H    sing N N 71  
CYS N   H2   sing N N 72  
CYS CA  C    sing N N 73  
CYS CA  CB   sing N N 74  
CYS CA  HA   sing N N 75  
CYS C   O    doub N N 76  
CYS C   OXT  sing N N 77  
CYS CB  SG   sing N N 78  
CYS CB  HB2  sing N N 79  
CYS CB  HB3  sing N N 80  
CYS SG  HG   sing N N 81  
CYS OXT HXT  sing N N 82  
GLN N   CA   sing N N 83  
GLN N   H    sing N N 84  
GLN N   H2   sing N N 85  
GLN CA  C    sing N N 86  
GLN CA  CB   sing N N 87  
GLN CA  HA   sing N N 88  
GLN C   O    doub N N 89  
GLN C   OXT  sing N N 90  
GLN CB  CG   sing N N 91  
GLN CB  HB2  sing N N 92  
GLN CB  HB3  sing N N 93  
GLN CG  CD   sing N N 94  
GLN CG  HG2  sing N N 95  
GLN CG  HG3  sing N N 96  
GLN CD  OE1  doub N N 97  
GLN CD  NE2  sing N N 98  
GLN NE2 HE21 sing N N 99  
GLN NE2 HE22 sing N N 100 
GLN OXT HXT  sing N N 101 
GLU N   CA   sing N N 102 
GLU N   H    sing N N 103 
GLU N   H2   sing N N 104 
GLU CA  C    sing N N 105 
GLU CA  CB   sing N N 106 
GLU CA  HA   sing N N 107 
GLU C   O    doub N N 108 
GLU C   OXT  sing N N 109 
GLU CB  CG   sing N N 110 
GLU CB  HB2  sing N N 111 
GLU CB  HB3  sing N N 112 
GLU CG  CD   sing N N 113 
GLU CG  HG2  sing N N 114 
GLU CG  HG3  sing N N 115 
GLU CD  OE1  doub N N 116 
GLU CD  OE2  sing N N 117 
GLU OE2 HE2  sing N N 118 
GLU OXT HXT  sing N N 119 
GLY N   CA   sing N N 120 
GLY N   H    sing N N 121 
GLY N   H2   sing N N 122 
GLY CA  C    sing N N 123 
GLY CA  HA2  sing N N 124 
GLY CA  HA3  sing N N 125 
GLY C   O    doub N N 126 
GLY C   OXT  sing N N 127 
GLY OXT HXT  sing N N 128 
GOL C1  O1   sing N N 129 
GOL C1  C2   sing N N 130 
GOL C1  H11  sing N N 131 
GOL C1  H12  sing N N 132 
GOL O1  HO1  sing N N 133 
GOL C2  O2   sing N N 134 
GOL C2  C3   sing N N 135 
GOL C2  H2   sing N N 136 
GOL O2  HO2  sing N N 137 
GOL C3  O3   sing N N 138 
GOL C3  H31  sing N N 139 
GOL C3  H32  sing N N 140 
GOL O3  HO3  sing N N 141 
HIS N   CA   sing N N 142 
HIS N   H    sing N N 143 
HIS N   H2   sing N N 144 
HIS CA  C    sing N N 145 
HIS CA  CB   sing N N 146 
HIS CA  HA   sing N N 147 
HIS C   O    doub N N 148 
HIS C   OXT  sing N N 149 
HIS CB  CG   sing N N 150 
HIS CB  HB2  sing N N 151 
HIS CB  HB3  sing N N 152 
HIS CG  ND1  sing Y N 153 
HIS CG  CD2  doub Y N 154 
HIS ND1 CE1  doub Y N 155 
HIS ND1 HD1  sing N N 156 
HIS CD2 NE2  sing Y N 157 
HIS CD2 HD2  sing N N 158 
HIS CE1 NE2  sing Y N 159 
HIS CE1 HE1  sing N N 160 
HIS NE2 HE2  sing N N 161 
HIS OXT HXT  sing N N 162 
HOH O   H1   sing N N 163 
HOH O   H2   sing N N 164 
ILE N   CA   sing N N 165 
ILE N   H    sing N N 166 
ILE N   H2   sing N N 167 
ILE CA  C    sing N N 168 
ILE CA  CB   sing N N 169 
ILE CA  HA   sing N N 170 
ILE C   O    doub N N 171 
ILE C   OXT  sing N N 172 
ILE CB  CG1  sing N N 173 
ILE CB  CG2  sing N N 174 
ILE CB  HB   sing N N 175 
ILE CG1 CD1  sing N N 176 
ILE CG1 HG12 sing N N 177 
ILE CG1 HG13 sing N N 178 
ILE CG2 HG21 sing N N 179 
ILE CG2 HG22 sing N N 180 
ILE CG2 HG23 sing N N 181 
ILE CD1 HD11 sing N N 182 
ILE CD1 HD12 sing N N 183 
ILE CD1 HD13 sing N N 184 
ILE OXT HXT  sing N N 185 
LEU N   CA   sing N N 186 
LEU N   H    sing N N 187 
LEU N   H2   sing N N 188 
LEU CA  C    sing N N 189 
LEU CA  CB   sing N N 190 
LEU CA  HA   sing N N 191 
LEU C   O    doub N N 192 
LEU C   OXT  sing N N 193 
LEU CB  CG   sing N N 194 
LEU CB  HB2  sing N N 195 
LEU CB  HB3  sing N N 196 
LEU CG  CD1  sing N N 197 
LEU CG  CD2  sing N N 198 
LEU CG  HG   sing N N 199 
LEU CD1 HD11 sing N N 200 
LEU CD1 HD12 sing N N 201 
LEU CD1 HD13 sing N N 202 
LEU CD2 HD21 sing N N 203 
LEU CD2 HD22 sing N N 204 
LEU CD2 HD23 sing N N 205 
LEU OXT HXT  sing N N 206 
LYS N   CA   sing N N 207 
LYS N   H    sing N N 208 
LYS N   H2   sing N N 209 
LYS CA  C    sing N N 210 
LYS CA  CB   sing N N 211 
LYS CA  HA   sing N N 212 
LYS C   O    doub N N 213 
LYS C   OXT  sing N N 214 
LYS CB  CG   sing N N 215 
LYS CB  HB2  sing N N 216 
LYS CB  HB3  sing N N 217 
LYS CG  CD   sing N N 218 
LYS CG  HG2  sing N N 219 
LYS CG  HG3  sing N N 220 
LYS CD  CE   sing N N 221 
LYS CD  HD2  sing N N 222 
LYS CD  HD3  sing N N 223 
LYS CE  NZ   sing N N 224 
LYS CE  HE2  sing N N 225 
LYS CE  HE3  sing N N 226 
LYS NZ  HZ1  sing N N 227 
LYS NZ  HZ2  sing N N 228 
LYS NZ  HZ3  sing N N 229 
LYS OXT HXT  sing N N 230 
MET N   CA   sing N N 231 
MET N   H    sing N N 232 
MET N   H2   sing N N 233 
MET CA  C    sing N N 234 
MET CA  CB   sing N N 235 
MET CA  HA   sing N N 236 
MET C   O    doub N N 237 
MET C   OXT  sing N N 238 
MET CB  CG   sing N N 239 
MET CB  HB2  sing N N 240 
MET CB  HB3  sing N N 241 
MET CG  SD   sing N N 242 
MET CG  HG2  sing N N 243 
MET CG  HG3  sing N N 244 
MET SD  CE   sing N N 245 
MET CE  HE1  sing N N 246 
MET CE  HE2  sing N N 247 
MET CE  HE3  sing N N 248 
MET OXT HXT  sing N N 249 
PHE N   CA   sing N N 250 
PHE N   H    sing N N 251 
PHE N   H2   sing N N 252 
PHE CA  C    sing N N 253 
PHE CA  CB   sing N N 254 
PHE CA  HA   sing N N 255 
PHE C   O    doub N N 256 
PHE C   OXT  sing N N 257 
PHE CB  CG   sing N N 258 
PHE CB  HB2  sing N N 259 
PHE CB  HB3  sing N N 260 
PHE CG  CD1  doub Y N 261 
PHE CG  CD2  sing Y N 262 
PHE CD1 CE1  sing Y N 263 
PHE CD1 HD1  sing N N 264 
PHE CD2 CE2  doub Y N 265 
PHE CD2 HD2  sing N N 266 
PHE CE1 CZ   doub Y N 267 
PHE CE1 HE1  sing N N 268 
PHE CE2 CZ   sing Y N 269 
PHE CE2 HE2  sing N N 270 
PHE CZ  HZ   sing N N 271 
PHE OXT HXT  sing N N 272 
PRO N   CA   sing N N 273 
PRO N   CD   sing N N 274 
PRO N   H    sing N N 275 
PRO CA  C    sing N N 276 
PRO CA  CB   sing N N 277 
PRO CA  HA   sing N N 278 
PRO C   O    doub N N 279 
PRO C   OXT  sing N N 280 
PRO CB  CG   sing N N 281 
PRO CB  HB2  sing N N 282 
PRO CB  HB3  sing N N 283 
PRO CG  CD   sing N N 284 
PRO CG  HG2  sing N N 285 
PRO CG  HG3  sing N N 286 
PRO CD  HD2  sing N N 287 
PRO CD  HD3  sing N N 288 
PRO OXT HXT  sing N N 289 
SER N   CA   sing N N 290 
SER N   H    sing N N 291 
SER N   H2   sing N N 292 
SER CA  C    sing N N 293 
SER CA  CB   sing N N 294 
SER CA  HA   sing N N 295 
SER C   O    doub N N 296 
SER C   OXT  sing N N 297 
SER CB  OG   sing N N 298 
SER CB  HB2  sing N N 299 
SER CB  HB3  sing N N 300 
SER OG  HG   sing N N 301 
SER OXT HXT  sing N N 302 
THR N   CA   sing N N 303 
THR N   H    sing N N 304 
THR N   H2   sing N N 305 
THR CA  C    sing N N 306 
THR CA  CB   sing N N 307 
THR CA  HA   sing N N 308 
THR C   O    doub N N 309 
THR C   OXT  sing N N 310 
THR CB  OG1  sing N N 311 
THR CB  CG2  sing N N 312 
THR CB  HB   sing N N 313 
THR OG1 HG1  sing N N 314 
THR CG2 HG21 sing N N 315 
THR CG2 HG22 sing N N 316 
THR CG2 HG23 sing N N 317 
THR OXT HXT  sing N N 318 
TRP N   CA   sing N N 319 
TRP N   H    sing N N 320 
TRP N   H2   sing N N 321 
TRP CA  C    sing N N 322 
TRP CA  CB   sing N N 323 
TRP CA  HA   sing N N 324 
TRP C   O    doub N N 325 
TRP C   OXT  sing N N 326 
TRP CB  CG   sing N N 327 
TRP CB  HB2  sing N N 328 
TRP CB  HB3  sing N N 329 
TRP CG  CD1  doub Y N 330 
TRP CG  CD2  sing Y N 331 
TRP CD1 NE1  sing Y N 332 
TRP CD1 HD1  sing N N 333 
TRP CD2 CE2  doub Y N 334 
TRP CD2 CE3  sing Y N 335 
TRP NE1 CE2  sing Y N 336 
TRP NE1 HE1  sing N N 337 
TRP CE2 CZ2  sing Y N 338 
TRP CE3 CZ3  doub Y N 339 
TRP CE3 HE3  sing N N 340 
TRP CZ2 CH2  doub Y N 341 
TRP CZ2 HZ2  sing N N 342 
TRP CZ3 CH2  sing Y N 343 
TRP CZ3 HZ3  sing N N 344 
TRP CH2 HH2  sing N N 345 
TRP OXT HXT  sing N N 346 
TYR N   CA   sing N N 347 
TYR N   H    sing N N 348 
TYR N   H2   sing N N 349 
TYR CA  C    sing N N 350 
TYR CA  CB   sing N N 351 
TYR CA  HA   sing N N 352 
TYR C   O    doub N N 353 
TYR C   OXT  sing N N 354 
TYR CB  CG   sing N N 355 
TYR CB  HB2  sing N N 356 
TYR CB  HB3  sing N N 357 
TYR CG  CD1  doub Y N 358 
TYR CG  CD2  sing Y N 359 
TYR CD1 CE1  sing Y N 360 
TYR CD1 HD1  sing N N 361 
TYR CD2 CE2  doub Y N 362 
TYR CD2 HD2  sing N N 363 
TYR CE1 CZ   doub Y N 364 
TYR CE1 HE1  sing N N 365 
TYR CE2 CZ   sing Y N 366 
TYR CE2 HE2  sing N N 367 
TYR CZ  OH   sing N N 368 
TYR OH  HH   sing N N 369 
TYR OXT HXT  sing N N 370 
UU1 C3  O    sing N N 371 
UU1 C3  C2   sing N N 372 
UU1 N1  C4   doub Y N 373 
UU1 N1  N    sing Y N 374 
UU1 C4  C    sing Y N 375 
UU1 N   C2   sing N N 376 
UU1 N   C1   sing Y N 377 
UU1 C   C1   doub Y N 378 
UU1 C   BR   sing N N 379 
UU1 C4  H1   sing N N 380 
UU1 O   H2   sing N N 381 
UU1 C1  H3   sing N N 382 
UU1 C2  H4   sing N N 383 
UU1 C2  H5   sing N N 384 
UU1 C3  H6   sing N N 385 
UU1 C3  H7   sing N N 386 
VAL N   CA   sing N N 387 
VAL N   H    sing N N 388 
VAL N   H2   sing N N 389 
VAL CA  C    sing N N 390 
VAL CA  CB   sing N N 391 
VAL CA  HA   sing N N 392 
VAL C   O    doub N N 393 
VAL C   OXT  sing N N 394 
VAL CB  CG1  sing N N 395 
VAL CB  CG2  sing N N 396 
VAL CB  HB   sing N N 397 
VAL CG1 HG11 sing N N 398 
VAL CG1 HG12 sing N N 399 
VAL CG1 HG13 sing N N 400 
VAL CG2 HG21 sing N N 401 
VAL CG2 HG22 sing N N 402 
VAL CG2 HG23 sing N N 403 
VAL OXT HXT  sing N N 404 
# 
loop_
_pdbx_audit_support.funding_organization 
_pdbx_audit_support.country 
_pdbx_audit_support.grant_number 
_pdbx_audit_support.ordinal 
'Cancer Research UK' 'United Kingdom' C57659/A27310 1 
'Cancer Research UK' 'United Kingdom' C1362/A20263  2 
'Cancer Research UK' 'United Kingdom' C2215/A21421  3 
# 
_pdbx_entity_instance_feature.ordinal        1 
_pdbx_entity_instance_feature.comp_id        UU1 
_pdbx_entity_instance_feature.asym_id        ? 
_pdbx_entity_instance_feature.seq_num        ? 
_pdbx_entity_instance_feature.auth_comp_id   UU1 
_pdbx_entity_instance_feature.auth_asym_id   ? 
_pdbx_entity_instance_feature.auth_seq_num   ? 
_pdbx_entity_instance_feature.feature_type   'SUBJECT OF INVESTIGATION' 
_pdbx_entity_instance_feature.details        ? 
# 
_pdbx_initial_refinement_model.id               1 
_pdbx_initial_refinement_model.entity_id_list   ? 
_pdbx_initial_refinement_model.type             'experimental model' 
_pdbx_initial_refinement_model.source_name      PDB 
_pdbx_initial_refinement_model.accession_code   5LRQ 
_pdbx_initial_refinement_model.details          ? 
# 
_atom_sites.entry_id                    7ZEN 
_atom_sites.Cartn_transf_matrix[1][1]   ? 
_atom_sites.Cartn_transf_matrix[1][2]   ? 
_atom_sites.Cartn_transf_matrix[1][3]   ? 
_atom_sites.Cartn_transf_matrix[2][1]   ? 
_atom_sites.Cartn_transf_matrix[2][2]   ? 
_atom_sites.Cartn_transf_matrix[2][3]   ? 
_atom_sites.Cartn_transf_matrix[3][1]   ? 
_atom_sites.Cartn_transf_matrix[3][2]   ? 
_atom_sites.Cartn_transf_matrix[3][3]   ? 
_atom_sites.Cartn_transf_vector[1]      ? 
_atom_sites.Cartn_transf_vector[2]      ? 
_atom_sites.Cartn_transf_vector[3]      ? 
_atom_sites.fract_transf_matrix[1][1]   0.02579172 
_atom_sites.fract_transf_matrix[1][2]   0.00054964 
_atom_sites.fract_transf_matrix[1][3]   0.00517747 
_atom_sites.fract_transf_matrix[2][1]   -0.00457964 
_atom_sites.fract_transf_matrix[2][2]   0.00215385 
_atom_sites.fract_transf_matrix[2][3]   0.02258493 
_atom_sites.fract_transf_matrix[3][1]   0.00002612 
_atom_sites.fract_transf_matrix[3][2]   -0.01254555 
_atom_sites.fract_transf_matrix[3][3]   0.00120172 
_atom_sites.fract_transf_vector[1]      -0.319206 
_atom_sites.fract_transf_vector[2]      0.070045 
_atom_sites.fract_transf_vector[3]      -0.117663 
_atom_sites.solution_primary            ? 
_atom_sites.solution_secondary          ? 
_atom_sites.solution_hydrogens          ? 
_atom_sites.special_details             ? 
# 
loop_
_atom_type.symbol 
_atom_type.pdbx_scat_Z 
_atom_type.pdbx_N_electrons 
_atom_type.scat_Cromer_Mann_a1 
_atom_type.scat_Cromer_Mann_b1 
_atom_type.scat_Cromer_Mann_a2 
_atom_type.scat_Cromer_Mann_b2 
_atom_type.scat_Cromer_Mann_a3 
_atom_type.scat_Cromer_Mann_b3 
_atom_type.scat_Cromer_Mann_a4 
_atom_type.scat_Cromer_Mann_b4 
_atom_type.scat_Cromer_Mann_c 
BR 35 35 17.182 2.172  5.237 16.580 5.639 0.261  3.986 41.433 0.001   
C  6  6  2.310  20.844 1.020 10.208 1.589 0.569  0.865 51.651 0.216   
N  7  7  12.222 0.006  3.135 9.893  2.014 28.997 1.167 0.583  -11.538 
O  8  8  3.049  13.277 2.287 5.701  1.546 0.324  0.867 32.909 0.251   
S  16 16 6.905  1.468  5.203 22.215 1.438 0.254  1.586 56.172 1.042   
# 
loop_
_atom_site.group_PDB 
_atom_site.id 
_atom_site.type_symbol 
_atom_site.label_atom_id 
_atom_site.label_alt_id 
_atom_site.label_comp_id 
_atom_site.label_asym_id 
_atom_site.label_entity_id 
_atom_site.label_seq_id 
_atom_site.pdbx_PDB_ins_code 
_atom_site.Cartn_x 
_atom_site.Cartn_y 
_atom_site.Cartn_z 
_atom_site.occupancy 
_atom_site.B_iso_or_equiv 
_atom_site.pdbx_formal_charge 
_atom_site.auth_seq_id 
_atom_site.auth_comp_id 
_atom_site.auth_asym_id 
_atom_site.auth_atom_id 
_atom_site.pdbx_PDB_model_num 
_atom_site.calc_flag 
ATOM   1    N  N   . GLY A 1 1   ? 7.568   3.112   -17.791 1.000 29.407 ? 40  GLY AAA N   1 ? 
ATOM   2    C  CA  . GLY A 1 1   ? 7.453   1.675   -18.072 1.000 20.606 ? 40  GLY AAA CA  1 ? 
ATOM   3    C  C   . GLY A 1 1   ? 6.539   1.489   -19.277 1.000 18.484 ? 40  GLY AAA C   1 ? 
ATOM   4    O  O   . GLY A 1 1   ? 6.355   2.414   -20.067 1.000 19.956 ? 40  GLY AAA O   1 ? 
ATOM   5    N  N   . SER A 1 2   ? 5.930   0.320   -19.342 1.000 16.306 ? 41  SER AAA N   1 ? 
ATOM   6    C  CA  . SER A 1 2   ? 5.103   -0.031  -20.493 1.000 13.497 ? 41  SER AAA CA  1 ? 
ATOM   7    C  C   . SER A 1 2   ? 3.813   0.770   -20.569 1.000 12.348 ? 41  SER AAA C   1 ? 
ATOM   8    O  O   . SER A 1 2   ? 3.099   0.921   -19.560 1.000 12.058 ? 41  SER AAA O   1 ? 
ATOM   9    C  CB  . SER A 1 2   ? 4.761   -1.470  -20.390 1.000 13.830 ? 41  SER AAA CB  1 ? 
ATOM   10   O  OG  . SER A 1 2   ? 3.823   -1.827  -21.419 1.000 12.889 ? 41  SER AAA OG  1 ? 
ATOM   11   N  N   . HIS A 1 3   ? 3.392   1.127   -21.785 1.000 10.964 ? 42  HIS AAA N   1 ? 
ATOM   12   C  CA  . HIS A 1 3   ? 2.102   1.686   -22.067 1.000 11.860 ? 42  HIS AAA CA  1 ? 
ATOM   13   C  C   . HIS A 1 3   ? 0.944   0.767   -21.692 1.000 11.940 ? 42  HIS AAA C   1 ? 
ATOM   14   O  O   . HIS A 1 3   ? -0.216  1.186   -21.643 1.000 14.749 ? 42  HIS AAA O   1 ? 
ATOM   15   C  CB  . HIS A 1 3   ? 2.027   2.154   -23.552 1.000 13.719 ? 42  HIS AAA CB  1 ? 
ATOM   16   C  CG  . HIS A 1 3   ? 1.758   1.023   -24.496 1.000 12.911 ? 42  HIS AAA CG  1 ? 
ATOM   17   N  ND1 . HIS A 1 3   ? 2.713   0.097   -24.804 1.000 13.872 ? 42  HIS AAA ND1 1 ? 
ATOM   18   C  CD2 . HIS A 1 3   ? 0.674   0.679   -25.225 1.000 16.314 ? 42  HIS AAA CD2 1 ? 
ATOM   19   C  CE1 . HIS A 1 3   ? 2.233   -0.800  -25.684 1.000 15.164 ? 42  HIS AAA CE1 1 ? 
ATOM   20   N  NE2 . HIS A 1 3   ? 0.998   -0.436  -25.945 1.000 15.248 ? 42  HIS AAA NE2 1 ? 
ATOM   21   N  N   . MET A 1 4   ? 1.220   -0.522  -21.485 1.000 10.047 ? 43  MET AAA N   1 ? 
ATOM   22   C  CA  . MET A 1 4   ? 0.154   -1.439  -21.171 1.000 10.082 ? 43  MET AAA CA  1 ? 
ATOM   23   C  C   . MET A 1 4   ? -0.090  -1.544  -19.672 1.000 10.527 ? 43  MET AAA C   1 ? 
ATOM   24   O  O   . MET A 1 4   ? -1.069  -2.200  -19.301 1.000 11.923 ? 43  MET AAA O   1 ? 
ATOM   25   C  CB  . MET A 1 4   ? 0.493   -2.810  -21.731 1.000 12.288 ? 43  MET AAA CB  1 ? 
ATOM   26   C  CG  . MET A 1 4   ? 0.582   -2.777  -23.250 1.000 12.240 ? 43  MET AAA CG  1 ? 
ATOM   27   S  SD  . MET A 1 4   ? 0.566   -4.376  -24.005 1.000 15.303 ? 43  MET AAA SD  1 ? 
ATOM   28   C  CE  . MET A 1 4   ? 1.365   -5.482  -22.865 1.000 18.378 ? 43  MET AAA CE  1 ? 
ATOM   29   N  N   . ASN A 1 5   ? 0.747   -0.916  -18.843 1.000 9.148  ? 44  ASN AAA N   1 ? 
ATOM   30   C  CA  . ASN A 1 5   ? 0.458   -0.795  -17.421 1.000 9.139  ? 44  ASN AAA CA  1 ? 
ATOM   31   C  C   . ASN A 1 5   ? -0.231  0.537   -17.216 1.000 9.928  ? 44  ASN AAA C   1 ? 
ATOM   32   O  O   . ASN A 1 5   ? 0.060   1.523   -17.916 1.000 11.004 ? 44  ASN AAA O   1 ? 
ATOM   33   C  CB  . ASN A 1 5   ? 1.725   -0.869  -16.559 1.000 10.134 ? 44  ASN AAA CB  1 ? 
ATOM   34   C  CG  . ASN A 1 5   ? 2.288   -2.263  -16.457 1.000 9.995  ? 44  ASN AAA CG  1 ? 
ATOM   35   O  OD1 . ASN A 1 5   ? 1.525   -3.206  -16.247 1.000 11.455 ? 44  ASN AAA OD1 1 ? 
ATOM   36   N  ND2 . ASN A 1 5   ? 3.600   -2.349  -16.601 1.000 10.870 ? 44  ASN AAA ND2 1 ? 
ATOM   37   N  N   . PRO A 1 6   ? -1.159  0.667   -16.246 1.000 9.255  ? 45  PRO AAA N   1 ? 
ATOM   38   C  CA  . PRO A 1 6   ? -1.777  1.962   -16.011 1.000 9.779  ? 45  PRO AAA CA  1 ? 
ATOM   39   C  C   . PRO A 1 6   ? -0.788  2.896   -15.365 1.000 10.238 ? 45  PRO AAA C   1 ? 
ATOM   40   O  O   . PRO A 1 6   ? 0.212   2.485   -14.745 1.000 10.792 ? 45  PRO AAA O   1 ? 
ATOM   41   C  CB  . PRO A 1 6   ? -2.908  1.612   -15.006 1.000 10.540 ? 45  PRO AAA CB  1 ? 
ATOM   42   C  CG  . PRO A 1 6   ? -2.371  0.418   -14.261 1.000 11.115 ? 45  PRO AAA CG  1 ? 
ATOM   43   C  CD  . PRO A 1 6   ? -1.636  -0.388  -15.312 1.000 9.965  ? 45  PRO AAA CD  1 ? 
ATOM   44   N  N   . PRO A 1 7   ? -1.060  4.231   -15.408 1.000 10.606 ? 46  PRO AAA N   1 ? 
ATOM   45   C  CA  . PRO A 1 7   ? -0.263  5.155   -14.616 1.000 11.625 ? 46  PRO AAA CA  1 ? 
ATOM   46   C  C   . PRO A 1 7   ? -0.433  4.810   -13.140 1.000 11.845 ? 46  PRO AAA C   1 ? 
ATOM   47   O  O   . PRO A 1 7   ? -1.467  4.310   -12.752 1.000 12.039 ? 46  PRO AAA O   1 ? 
ATOM   48   C  CB  . PRO A 1 7   ? -0.871  6.548   -14.879 1.000 12.860 ? 46  PRO AAA CB  1 ? 
ATOM   49   C  CG  . PRO A 1 7   ? -2.178  6.274   -15.430 1.000 16.080 ? 46  PRO AAA CG  1 ? 
ATOM   50   C  CD  . PRO A 1 7   ? -2.228  4.862   -16.018 1.000 12.843 ? 46  PRO AAA CD  1 ? 
ATOM   51   N  N   . PRO A 1 8   ? 0.607   5.003   -12.336 1.000 12.394 ? 47  PRO AAA N   1 ? 
ATOM   52   C  CA  . PRO A 1 8   ? 0.494   4.683   -10.917 1.000 14.159 ? 47  PRO AAA CA  1 ? 
ATOM   53   C  C   . PRO A 1 8   ? -0.459  5.625   -10.185 1.000 11.708 ? 47  PRO AAA C   1 ? 
ATOM   54   O  O   . PRO A 1 8   ? -0.868  6.667   -10.725 1.000 13.076 ? 47  PRO AAA O   1 ? 
ATOM   55   C  CB  . PRO A 1 8   ? 1.941   4.840   -10.445 1.000 16.438 ? 47  PRO AAA CB  1 ? 
ATOM   56   C  CG  . PRO A 1 8   ? 2.460   5.966   -11.320 1.000 18.369 ? 47  PRO AAA CG  1 ? 
ATOM   57   C  CD  . PRO A 1 8   ? 1.932   5.546   -12.679 1.000 15.752 ? 47  PRO AAA CD  1 ? 
ATOM   58   N  N   . PRO A 1 9   ? -0.872  5.315   -8.954  1.000 10.702 ? 48  PRO AAA N   1 ? 
ATOM   59   C  CA  . PRO A 1 9   ? -1.722  6.238   -8.225  1.000 10.585 ? 48  PRO AAA CA  1 ? 
ATOM   60   C  C   . PRO A 1 9   ? -0.961  7.547   -7.999  1.000 11.330 ? 48  PRO AAA C   1 ? 
ATOM   61   O  O   . PRO A 1 9   ? 0.237   7.544   -7.880  1.000 11.965 ? 48  PRO AAA O   1 ? 
ATOM   62   C  CB  . PRO A 1 9   ? -2.049  5.498   -6.900  1.000 10.408 ? 48  PRO AAA CB  1 ? 
ATOM   63   C  CG  . PRO A 1 9   ? -1.760  4.041   -7.221  1.000 11.610 ? 48  PRO AAA CG  1 ? 
ATOM   64   C  CD  . PRO A 1 9   ? -0.609  4.058   -8.199  1.000 11.097 ? 48  PRO AAA CD  1 ? 
ATOM   65   N  N   . GLU A 1 10  ? -1.772  8.624   -7.923  1.000 13.660 ? 49  GLU AAA N   1 ? 
ATOM   66   C  CA  . GLU A 1 10  ? -1.304  9.973   -7.648  1.000 14.656 ? 49  GLU AAA CA  1 ? 
ATOM   67   C  C   . GLU A 1 10  ? -0.440  10.020  -6.373  1.000 12.992 ? 49  GLU AAA C   1 ? 
ATOM   68   O  O   . GLU A 1 10  ? -0.861  9.510   -5.331  1.000 12.376 ? 49  GLU AAA O   1 ? 
ATOM   69   C  CB  . GLU A 1 10  ? -2.539  10.877  -7.410  1.000 13.447 ? 49  GLU AAA CB  1 ? 
ATOM   70   C  CG  . GLU A 1 10  ? -2.211  12.349  -7.472  1.000 16.928 ? 49  GLU AAA CG  1 ? 
ATOM   71   C  CD  . GLU A 1 10  ? -3.415  13.200  -7.341  1.000 19.045 ? 49  GLU AAA CD  1 ? 
ATOM   72   O  OE1 . GLU A 1 10  ? -3.746  13.895  -8.344  1.000 22.838 ? 49  GLU AAA OE1 1 ? 
ATOM   73   O  OE2 . GLU A 1 10  ? -3.977  13.227  -6.262  1.000 17.375 ? 49  GLU AAA OE2 1 ? 
ATOM   74   N  N   . THR A 1 11  ? 0.711   10.651  -6.410  1.000 12.807 ? 50  THR AAA N   1 ? 
ATOM   75   C  CA  . THR A 1 11  ? 1.507   10.898  -5.207  1.000 13.146 ? 50  THR AAA CA  1 ? 
ATOM   76   C  C   . THR A 1 11  ? 1.834   12.383  -4.997  1.000 11.261 ? 50  THR AAA C   1 ? 
ATOM   77   O  O   . THR A 1 11  ? 2.446   12.674  -3.969  1.000 12.896 ? 50  THR AAA O   1 ? 
ATOM   78   C  CB  . THR A 1 11  ? 2.793   10.078  -5.235  1.000 12.821 ? 50  THR AAA CB  1 ? 
ATOM   79   O  OG1 . THR A 1 11  ? 3.405   10.380  -6.506  1.000 17.555 ? 50  THR AAA OG1 1 ? 
ATOM   80   C  CG2 . THR A 1 11  ? 2.506   8.590   -5.220  1.000 14.931 ? 50  THR AAA CG2 1 ? 
ATOM   81   N  N   . SER A 1 12  ? 1.432   13.223  -5.941  1.000 13.003 ? 51  SER AAA N   1 ? 
ATOM   82   C  CA  . SER A 1 12  ? 1.745   14.657  -5.889  1.000 13.794 ? 51  SER AAA CA  1 ? 
ATOM   83   C  C   . SER A 1 12  ? 0.542   15.355  -6.494  1.000 14.452 ? 51  SER AAA C   1 ? 
ATOM   84   O  O   . SER A 1 12  ? 0.102   15.024  -7.601  1.000 16.821 ? 51  SER AAA O   1 ? 
ATOM   85   C  CB  . SER A 1 12  ? 2.976   14.886  -6.751  1.000 15.764 ? 51  SER AAA CB  1 ? 
ATOM   86   O  OG  . SER A 1 12  ? 3.245   16.276  -6.903  1.000 19.663 ? 51  SER AAA OG  1 ? 
ATOM   87   N  N   . ASN A 1 13  ? 0.019   16.368  -5.793  1.000 12.542 ? 52  ASN AAA N   1 ? 
ATOM   88   C  CA  . ASN A 1 13  ? -1.023  17.209  -6.353  1.000 12.601 ? 52  ASN AAA CA  1 ? 
ATOM   89   C  C   . ASN A 1 13  ? -1.105  18.450  -5.486  1.000 10.416 ? 52  ASN AAA C   1 ? 
ATOM   90   O  O   . ASN A 1 13  ? -1.657  18.408  -4.371  1.000 10.036 ? 52  ASN AAA O   1 ? 
ATOM   91   C  CB  . ASN A 1 13  ? -2.419  16.568  -6.406  1.000 14.004 ? 52  ASN AAA CB  1 ? 
ATOM   92   C  CG  . ASN A 1 13  ? -3.422  17.465  -7.107  1.000 13.342 ? 52  ASN AAA CG  1 ? 
ATOM   93   O  OD1 . ASN A 1 13  ? -3.232  18.675  -7.270  1.000 15.431 ? 52  ASN AAA OD1 1 ? 
ATOM   94   N  ND2 . ASN A 1 13  ? -4.512  16.862  -7.573  1.000 21.221 ? 52  ASN AAA ND2 1 ? 
ATOM   95   N  N   . PRO A 1 14  ? -0.609  19.614  -5.921  1.000 9.331  ? 53  PRO AAA N   1 ? 
ATOM   96   C  CA  . PRO A 1 14  ? -0.722  20.817  -5.113  1.000 10.788 ? 53  PRO AAA CA  1 ? 
ATOM   97   C  C   . PRO A 1 14  ? -2.116  21.298  -4.782  1.000 11.265 ? 53  PRO AAA C   1 ? 
ATOM   98   O  O   . PRO A 1 14  ? -2.247  22.057  -3.850  1.000 14.642 ? 53  PRO AAA O   1 ? 
ATOM   99   C  CB  . PRO A 1 14  ? -0.045  21.899  -5.978  1.000 10.808 ? 53  PRO AAA CB  1 ? 
ATOM   100  C  CG  . PRO A 1 14  ? 0.947   21.118  -6.762  1.000 11.452 ? 53  PRO AAA CG  1 ? 
ATOM   101  C  CD  . PRO A 1 14  ? 0.206   19.830  -7.136  1.000 10.777 ? 53  PRO AAA CD  1 ? 
ATOM   102  N  N   . ASN A 1 15  ? -3.140  20.835  -5.474  1.000 11.530 ? 54  ASN AAA N   1 ? 
ATOM   103  C  CA  . ASN A 1 15  ? -4.485  21.307  -5.144  1.000 12.532 ? 54  ASN AAA CA  1 ? 
ATOM   104  C  C   . ASN A 1 15  ? -5.062  20.546  -3.962  1.000 12.809 ? 54  ASN AAA C   1 ? 
ATOM   105  O  O   . ASN A 1 15  ? -6.123  20.917  -3.463  1.000 14.129 ? 54  ASN AAA O   1 ? 
ATOM   106  C  CB  . ASN A 1 15  ? -5.378  21.093  -6.335  1.000 13.208 ? 54  ASN AAA CB  1 ? 
ATOM   107  C  CG  . ASN A 1 15  ? -5.007  22.054  -7.434  1.000 12.942 ? 54  ASN AAA CG  1 ? 
ATOM   108  O  OD1 . ASN A 1 15  ? -4.700  23.221  -7.198  1.000 16.095 ? 54  ASN AAA OD1 1 ? 
ATOM   109  N  ND2 . ASN A 1 15  ? -5.024  21.568  -8.653  1.000 16.381 ? 54  ASN AAA ND2 1 ? 
ATOM   110  N  N   . LYS A 1 16  ? -4.450  19.424  -3.582  1.000 11.595 ? 55  LYS AAA N   1 ? 
ATOM   111  C  CA  . LYS A 1 16  ? -4.984  18.623  -2.470  1.000 12.134 ? 55  LYS AAA CA  1 ? 
ATOM   112  C  C   . LYS A 1 16  ? -4.433  19.144  -1.158  1.000 12.643 ? 55  LYS AAA C   1 ? 
ATOM   113  O  O   . LYS A 1 16  ? -3.242  19.153  -0.954  1.000 12.692 ? 55  LYS AAA O   1 ? 
ATOM   114  C  CB  . LYS A 1 16  ? -4.578  17.163  -2.644  1.000 10.696 ? 55  LYS AAA CB  1 ? 
ATOM   115  C  CG  . LYS A 1 16  ? -5.081  16.218  -1.549  1.000 12.562 ? 55  LYS AAA CG  1 ? 
ATOM   116  C  CD  . LYS A 1 16  ? -4.570  14.757  -1.720  1.000 11.552 ? 55  LYS AAA CD  1 ? 
ATOM   117  C  CE  . LYS A 1 16  ? -5.231  13.695  -0.840  1.000 12.207 ? 55  LYS AAA CE  1 ? 
ATOM   118  N  NZ  . LYS A 1 16  ? -4.999  13.945  0.601   1.000 10.848 ? 55  LYS AAA NZ  1 ? 
ATOM   119  N  N   . PRO A 1 17  ? -5.268  19.532  -0.156  1.000 13.562 ? 56  PRO AAA N   1 ? 
ATOM   120  C  CA  . PRO A 1 17  ? -4.751  19.983  1.156   1.000 14.306 ? 56  PRO AAA CA  1 ? 
ATOM   121  C  C   . PRO A 1 17  ? -3.996  18.902  1.939   1.000 12.807 ? 56  PRO AAA C   1 ? 
ATOM   122  O  O   . PRO A 1 17  ? -4.382  17.781  1.816   1.000 11.551 ? 56  PRO AAA O   1 ? 
ATOM   123  C  CB  . PRO A 1 17  ? -6.025  20.433  1.900   1.000 16.057 ? 56  PRO AAA CB  1 ? 
ATOM   124  C  CG  . PRO A 1 17  ? -7.045  20.656  0.841   1.000 19.107 ? 56  PRO AAA CG  1 ? 
ATOM   125  C  CD  . PRO A 1 17  ? -6.721  19.684  -0.285  1.000 13.420 ? 56  PRO AAA CD  1 ? 
ATOM   126  N  N   . LYS A 1 18  ? -2.890  19.288  2.563   1.000 14.239 ? 57  LYS AAA N   1 ? 
ATOM   127  C  CA  . LYS A 1 18  ? -1.953  18.319  3.144   1.000 13.357 ? 57  LYS AAA CA  1 ? 
ATOM   128  C  C   . LYS A 1 18  ? -1.880  18.607  4.624   1.000 13.448 ? 57  LYS AAA C   1 ? 
ATOM   129  O  O   . LYS A 1 18  ? -1.930  19.773  4.970   1.000 13.038 ? 57  LYS AAA O   1 ? 
ATOM   130  C  CB  . LYS A 1 18  ? -0.526  18.492  2.545   1.000 13.245 ? 57  LYS AAA CB  1 ? 
ATOM   131  C  CG  . LYS A 1 18  ? -0.527  18.599  1.046   1.000 13.828 ? 57  LYS AAA CG  1 ? 
ATOM   132  C  CD  . LYS A 1 18  ? -1.079  17.294  0.472   1.000 15.073 ? 57  LYS AAA CD  1 ? 
ATOM   133  C  CE  . LYS A 1 18  ? -0.640  17.063  -0.946  1.000 14.872 ? 57  LYS AAA CE  1 ? 
ATOM   134  N  NZ  . LYS A 1 18  ? -0.767  18.296  -1.751  1.000 10.546 ? 57  LYS AAA NZ  1 ? 
ATOM   135  N  N   . ARG A 1 19  ? -1.571  17.621  5.449   1.000 11.373 ? 58  ARG AAA N   1 ? 
ATOM   136  C  CA  . ARG A 1 19  ? -1.261  17.964  6.829   1.000 12.504 ? 58  ARG AAA CA  1 ? 
ATOM   137  C  C   . ARG A 1 19  ? -0.278  16.917  7.301   1.000 13.762 ? 58  ARG AAA C   1 ? 
ATOM   138  O  O   . ARG A 1 19  ? -0.294  15.798  6.843   1.000 19.126 ? 58  ARG AAA O   1 ? 
ATOM   139  C  CB  . ARG A 1 19  ? -2.619  18.008  7.579   1.000 16.961 ? 58  ARG AAA CB  1 ? 
ATOM   140  C  CG  . ARG A 1 19  ? -2.626  18.164  9.087   1.000 18.406 ? 58  ARG AAA CG  1 ? 
ATOM   141  C  CD  . ARG A 1 19  ? -4.151  18.219  9.214   1.000 12.042 ? 58  ARG AAA CD  1 ? 
ATOM   142  N  NE  . ARG A 1 19  ? -4.875  16.964  9.228   1.000 11.231 ? 58  ARG AAA NE  1 ? 
ATOM   143  C  CZ  . ARG A 1 19  ? -5.814  16.676  10.088  1.000 10.464 ? 58  ARG AAA CZ  1 ? 
ATOM   144  N  NH1 . ARG A 1 19  ? -6.306  17.581  10.958  1.000 13.626 ? 58  ARG AAA NH1 1 ? 
ATOM   145  N  NH2 . ARG A 1 19  ? -6.286  15.434  10.084  1.000 12.784 ? 58  ARG AAA NH2 1 ? 
ATOM   146  N  N   . GLN A 1 20  ? 0.532   17.322  8.269   1.000 14.572 ? 59  GLN AAA N   1 ? 
ATOM   147  C  CA  . GLN A 1 20  ? 1.268   16.378  9.091   1.000 18.604 ? 59  GLN AAA CA  1 ? 
ATOM   148  C  C   . GLN A 1 20  ? 0.454   16.164  10.361  1.000 17.404 ? 59  GLN AAA C   1 ? 
ATOM   149  O  O   . GLN A 1 20  ? -0.118  17.121  10.946  1.000 19.706 ? 59  GLN AAA O   1 ? 
ATOM   150  C  CB  . GLN A 1 20  ? 2.630   16.968  9.444   1.000 22.439 ? 59  GLN AAA CB  1 ? 
ATOM   151  C  CG  . GLN A 1 20  ? 3.669   16.781  8.346   1.000 28.917 ? 59  GLN AAA CG  1 ? 
ATOM   152  C  CD  . GLN A 1 20  ? 5.023   17.276  8.798   1.000 37.916 ? 59  GLN AAA CD  1 ? 
ATOM   153  O  OE1 . GLN A 1 20  ? 5.888   17.641  7.993   1.000 44.536 ? 59  GLN AAA OE1 1 ? 
ATOM   154  N  NE2 . GLN A 1 20  ? 5.216   17.302  10.107  1.000 41.412 ? 59  GLN AAA NE2 1 ? 
ATOM   155  N  N   . THR A 1 21  ? 0.257   14.895  10.720  1.000 14.920 ? 60  THR AAA N   1 ? 
ATOM   156  C  CA  . THR A 1 21  ? -0.317  14.597  12.020  1.000 12.760 ? 60  THR AAA CA  1 ? 
ATOM   157  C  C   . THR A 1 21  ? 0.622   13.619  12.725  1.000 11.243 ? 60  THR AAA C   1 ? 
ATOM   158  O  O   . THR A 1 21  ? 1.408   12.903  12.092  1.000 11.757 ? 60  THR AAA O   1 ? 
ATOM   159  C  CB  . THR A 1 21  ? -1.768  14.092  12.012  1.000 13.246 ? 60  THR AAA CB  1 ? 
ATOM   160  O  OG1 . THR A 1 21  ? -1.749  12.732  11.562  1.000 13.921 ? 60  THR AAA OG1 1 ? 
ATOM   161  C  CG2 . THR A 1 21  ? -2.727  14.876  11.127  1.000 15.025 ? 60  THR AAA CG2 1 ? 
ATOM   162  N  N   . ASN A 1 22  ? 0.520   13.549  14.063  1.000 11.393 ? 61  ASN AAA N   1 ? 
ATOM   163  C  CA  . ASN A 1 22  ? 1.277   12.543  14.806  1.000 11.754 ? 61  ASN AAA CA  1 ? 
ATOM   164  C  C   . ASN A 1 22  ? 0.933   11.118  14.365  1.000 10.072 ? 61  ASN AAA C   1 ? 
ATOM   165  O  O   . ASN A 1 22  ? 1.784   10.222  14.384  1.000 10.851 ? 61  ASN AAA O   1 ? 
ATOM   166  C  CB  . ASN A 1 22  ? 1.121   12.670  16.334  1.000 11.937 ? 61  ASN AAA CB  1 ? 
ATOM   167  C  CG  . ASN A 1 22  ? -0.275  12.354  16.805  1.000 12.338 ? 61  ASN AAA CG  1 ? 
ATOM   168  O  OD1 . ASN A 1 22  ? -1.280  12.830  16.300  1.000 14.594 ? 61  ASN AAA OD1 1 ? 
ATOM   169  N  ND2 . ASN A 1 22  ? -0.350  11.513  17.811  1.000 14.344 ? 61  ASN AAA ND2 1 ? 
ATOM   170  N  N   . GLN A 1 23  ? -0.328  10.909  13.937  1.000 9.531  ? 62  GLN AAA N   1 ? 
ATOM   171  C  CA  . GLN A 1 23  ? -0.692  9.573   13.457  1.000 9.019  ? 62  GLN AAA CA  1 ? 
ATOM   172  C  C   . GLN A 1 23  ? -0.013  9.257   12.121  1.000 8.915  ? 62  GLN AAA C   1 ? 
ATOM   173  O  O   . GLN A 1 23  ? 0.423   8.137   11.896  1.000 8.989  ? 62  GLN AAA O   1 ? 
ATOM   174  C  CB  . GLN A 1 23  ? -2.198  9.462   13.296  1.000 9.780  ? 62  GLN AAA CB  1 ? 
ATOM   175  C  CG  . GLN A 1 23  ? -2.924  9.602   14.656  1.000 10.845 ? 62  GLN AAA CG  1 ? 
ATOM   176  C  CD  . GLN A 1 23  ? -4.402  9.382   14.488  1.000 12.047 ? 62  GLN AAA CD  1 ? 
ATOM   177  O  OE1 . GLN A 1 23  ? -4.980  9.744   13.458  1.000 12.660 ? 62  GLN AAA OE1 1 ? 
ATOM   178  N  NE2 . GLN A 1 23  ? -5.007  8.877   15.544  1.000 13.071 ? 62  GLN AAA NE2 1 ? 
ATOM   179  N  N   . LEU A 1 24  ? 0.049   10.247  11.229  1.000 8.857  ? 63  LEU AAA N   1 ? 
ATOM   180  C  CA  . LEU A 1 24  ? 0.729   10.029  9.948   1.000 8.540  ? 63  LEU AAA CA  1 ? 
ATOM   181  C  C   . LEU A 1 24  ? 2.225   9.837   10.153  1.000 9.000  ? 63  LEU AAA C   1 ? 
ATOM   182  O  O   . LEU A 1 24  ? 2.849   9.013   9.481   1.000 9.225  ? 63  LEU AAA O   1 ? 
ATOM   183  C  CB  . LEU A 1 24  ? 0.417   11.175  8.986   1.000 10.117 ? 63  LEU AAA CB  1 ? 
ATOM   184  C  CG  . LEU A 1 24  ? -0.979  11.107  8.354   1.000 9.692  ? 63  LEU AAA CG  1 ? 
ATOM   185  C  CD1 . LEU A 1 24  ? -1.338  12.461  7.749   1.000 11.984 ? 63  LEU AAA CD1 1 ? 
ATOM   186  C  CD2 . LEU A 1 24  ? -1.003  10.012  7.286   1.000 10.417 ? 63  LEU AAA CD2 1 ? 
ATOM   187  N  N   . GLN A 1 25  ? 2.829   10.543  11.132  1.000 9.693  ? 64  GLN AAA N   1 ? 
ATOM   188  C  CA  . GLN A 1 25  ? 4.234   10.311  11.456  1.000 11.186 ? 64  GLN AAA CA  1 ? 
ATOM   189  C  C   . GLN A 1 25  ? 4.447   8.878   11.941  1.000 10.826 ? 64  GLN AAA C   1 ? 
ATOM   190  O  O   . GLN A 1 25  ? 5.405   8.241   11.531  1.000 11.622 ? 64  GLN AAA O   1 ? 
ATOM   191  C  CB  . GLN A 1 25  ? 4.676   11.349  12.489  1.000 13.317 ? 64  GLN AAA CB  1 ? 
ATOM   192  C  CG  . GLN A 1 25  ? 4.800   12.764  11.898  1.000 18.146 ? 64  GLN AAA CG  1 ? 
ATOM   193  C  CD  . GLN A 1 25  ? 4.686   13.853  12.945  0.500 19.941 ? 64  GLN AAA CD  1 ? 
ATOM   194  O  OE1 . GLN A 1 25  ? 4.762   13.601  14.140  0.500 21.344 ? 64  GLN AAA OE1 1 ? 
ATOM   195  N  NE2 . GLN A 1 25  ? 4.456   15.078  12.498  0.500 21.873 ? 64  GLN AAA NE2 1 ? 
ATOM   196  N  N   . TYR A 1 26  ? 3.534   8.362   12.786  1.000 9.896  ? 65  TYR AAA N   1 ? 
ATOM   197  C  CA  . TYR A 1 26  ? 3.605   6.982   13.221  1.000 9.694  ? 65  TYR AAA CA  1 ? 
ATOM   198  C  C   . TYR A 1 26  ? 3.475   6.002   12.044  1.000 9.569  ? 65  TYR AAA C   1 ? 
ATOM   199  O  O   . TYR A 1 26  ? 4.175   4.974   11.992  1.000 10.051 ? 65  TYR AAA O   1 ? 
ATOM   200  C  CB  . TYR A 1 26  ? 2.529   6.788   14.294  1.000 10.154 ? 65  TYR AAA CB  1 ? 
ATOM   201  C  CG  . TYR A 1 26  ? 2.391   5.358   14.782  1.000 10.168 ? 65  TYR AAA CG  1 ? 
ATOM   202  C  CD1 . TYR A 1 26  ? 1.527   4.477   14.149  1.000 10.274 ? 65  TYR AAA CD1 1 ? 
ATOM   203  C  CD2 . TYR A 1 26  ? 3.058   4.924   15.927  1.000 11.998 ? 65  TYR AAA CD2 1 ? 
ATOM   204  C  CE1 . TYR A 1 26  ? 1.375   3.184   14.625  1.000 10.895 ? 65  TYR AAA CE1 1 ? 
ATOM   205  C  CE2 . TYR A 1 26  ? 2.903   3.631   16.426  1.000 11.876 ? 65  TYR AAA CE2 1 ? 
ATOM   206  C  CZ  . TYR A 1 26  ? 2.049   2.766   15.768  1.000 10.932 ? 65  TYR AAA CZ  1 ? 
ATOM   207  O  OH  . TYR A 1 26  ? 1.904   1.485   16.263  1.000 12.651 ? 65  TYR AAA OH  1 ? 
ATOM   208  N  N   . LEU A 1 27  ? 2.540   6.305   11.121  1.000 8.555  ? 66  LEU AAA N   1 ? 
ATOM   209  C  CA  . LEU A 1 27  ? 2.415   5.429   9.957   1.000 9.296  ? 66  LEU AAA CA  1 ? 
ATOM   210  C  C   . LEU A 1 27  ? 3.712   5.337   9.163   1.000 9.337  ? 66  LEU AAA C   1 ? 
ATOM   211  O  O   . LEU A 1 27  ? 3.986   4.278   8.582   1.000 11.102 ? 66  LEU AAA O   1 ? 
ATOM   212  C  CB  . LEU A 1 27  ? 1.246   5.943   9.112   1.000 10.077 ? 66  LEU AAA CB  1 ? 
ATOM   213  C  CG  . LEU A 1 27  ? -0.110  5.514   9.674   1.000 9.811  ? 66  LEU AAA CG  1 ? 
ATOM   214  C  CD1 . LEU A 1 27  ? -1.240  6.405   9.191   1.000 11.748 ? 66  LEU AAA CD1 1 ? 
ATOM   215  C  CD2 . LEU A 1 27  ? -0.396  4.049   9.320   1.000 13.693 ? 66  LEU AAA CD2 1 ? 
ATOM   216  N  N   . LEU A 1 28  ? 4.474   6.406   9.031   1.000 8.858  ? 67  LEU AAA N   1 ? 
ATOM   217  C  CA  . LEU A 1 28  ? 5.742   6.339   8.314   1.000 9.856  ? 67  LEU AAA CA  1 ? 
ATOM   218  C  C   . LEU A 1 28  ? 6.840   5.669   9.142   1.000 11.283 ? 67  LEU AAA C   1 ? 
ATOM   219  O  O   . LEU A 1 28  ? 7.508   4.726   8.685   1.000 12.365 ? 67  LEU AAA O   1 ? 
ATOM   220  C  CB  . LEU A 1 28  ? 6.125   7.738   7.870   1.000 11.444 ? 67  LEU AAA CB  1 ? 
ATOM   221  C  CG  . LEU A 1 28  ? 7.495   7.828   7.172   1.000 12.405 ? 67  LEU AAA CG  1 ? 
ATOM   222  C  CD1 . LEU A 1 28  ? 7.517   6.950   5.940   1.000 14.479 ? 67  LEU AAA CD1 1 ? 
ATOM   223  C  CD2 . LEU A 1 28  ? 7.708   9.285   6.771   1.000 15.072 ? 67  LEU AAA CD2 1 ? 
ATOM   224  N  N   . ARG A 1 29  ? 7.026   6.152   10.377  1.000 11.084 ? 68  ARG AAA N   1 ? 
ATOM   225  C  CA  . ARG A 1 29  ? 8.212   5.822   11.165  1.000 12.306 ? 68  ARG AAA CA  1 ? 
ATOM   226  C  C   . ARG A 1 29  ? 8.049   4.458   11.816  1.000 12.079 ? 68  ARG AAA C   1 ? 
ATOM   227  O  O   . ARG A 1 29  ? 9.092   3.841   12.111  1.000 15.454 ? 68  ARG AAA O   1 ? 
ATOM   228  C  CB  . ARG A 1 29  ? 8.460   6.903   12.223  1.000 14.644 ? 68  ARG AAA CB  1 ? 
ATOM   229  C  CG  . ARG A 1 29  ? 8.745   8.295   11.651  1.000 19.106 ? 68  ARG AAA CG  1 ? 
ATOM   230  C  CD  . ARG A 1 29  ? 9.144   9.255   12.781  1.000 22.442 ? 68  ARG AAA CD  1 ? 
ATOM   231  N  NE  . ARG A 1 29  ? 9.027   10.690  12.498  0.500 22.078 ? 68  ARG AAA NE  1 ? 
ATOM   232  C  CZ  . ARG A 1 29  ? 8.399   11.615  13.237  0.500 22.651 ? 68  ARG AAA CZ  1 ? 
ATOM   233  N  NH1 . ARG A 1 29  ? 7.798   11.310  14.374  0.500 26.007 ? 68  ARG AAA NH1 1 ? 
ATOM   234  N  NH2 . ARG A 1 29  ? 8.381   12.873  12.833  0.500 25.672 ? 68  ARG AAA NH2 1 ? 
ATOM   235  N  N   . VAL A 1 30  ? 6.833   3.988   12.047  1.000 11.382 ? 69  VAL AAA N   1 ? 
ATOM   236  C  CA  . VAL A 1 30  ? 6.610   2.713   12.714  1.000 11.810 ? 69  VAL AAA CA  1 ? 
ATOM   237  C  C   . VAL A 1 30  ? 6.004   1.716   11.715  1.000 12.081 ? 69  VAL AAA C   1 ? 
ATOM   238  O  O   . VAL A 1 30  ? 6.516   0.597   11.529  1.000 13.515 ? 69  VAL AAA O   1 ? 
ATOM   239  C  CB  . VAL A 1 30  ? 5.781   2.843   14.005  1.000 11.957 ? 69  VAL AAA CB  1 ? 
ATOM   240  C  CG1 . VAL A 1 30  ? 5.619   1.450   14.603  1.000 13.263 ? 69  VAL AAA CG1 1 ? 
ATOM   241  C  CG2 . VAL A 1 30  ? 6.484   3.741   15.016  1.000 12.764 ? 69  VAL AAA CG2 1 ? 
ATOM   242  N  N   . VAL A 1 31  ? 4.842   2.030   11.148  1.000 10.355 ? 70  VAL AAA N   1 ? 
ATOM   243  C  CA  . VAL A 1 31  ? 4.110   1.046   10.384  1.000 11.043 ? 70  VAL AAA CA  1 ? 
ATOM   244  C  C   . VAL A 1 31  ? 4.828   0.718   9.070   1.000 10.252 ? 70  VAL AAA C   1 ? 
ATOM   245  O  O   . VAL A 1 31  ? 5.158   -0.456  8.791   1.000 11.881 ? 70  VAL AAA O   1 ? 
ATOM   246  C  CB  . VAL A 1 31  ? 2.653   1.473   10.141  1.000 11.029 ? 70  VAL AAA CB  1 ? 
ATOM   247  C  CG1 . VAL A 1 31  ? 1.872   0.425   9.321   1.000 13.024 ? 70  VAL AAA CG1 1 ? 
ATOM   248  C  CG2 . VAL A 1 31  ? 1.964   1.763   11.458  1.000 13.007 ? 70  VAL AAA CG2 1 ? 
ATOM   249  N  N   A LEU A 1 32  ? 5.042   1.722   8.211   0.500 10.691 ? 71  LEU AAA N   1 ? 
ATOM   250  N  N   B LEU A 1 32  ? 5.017   1.733   8.227   0.500 10.778 ? 71  LEU AAA N   1 ? 
ATOM   251  C  CA  A LEU A 1 32  ? 5.691   1.454   6.928   0.500 11.787 ? 71  LEU AAA CA  1 ? 
ATOM   252  C  CA  B LEU A 1 32  ? 5.664   1.510   6.943   0.500 12.033 ? 71  LEU AAA CA  1 ? 
ATOM   253  C  C   A LEU A 1 32  ? 7.100   0.919   7.170   0.500 12.358 ? 71  LEU AAA C   1 ? 
ATOM   254  C  C   B LEU A 1 32  ? 7.058   0.929   7.181   0.500 12.492 ? 71  LEU AAA C   1 ? 
ATOM   255  O  O   A LEU A 1 32  ? 7.562   0.016   6.463   0.500 11.951 ? 71  LEU AAA O   1 ? 
ATOM   256  O  O   B LEU A 1 32  ? 7.424   -0.051  6.516   0.500 12.640 ? 71  LEU AAA O   1 ? 
ATOM   257  C  CB  A LEU A 1 32  ? 5.767   2.728   6.084   0.500 12.011 ? 71  LEU AAA CB  1 ? 
ATOM   258  C  CB  B LEU A 1 32  ? 5.712   2.830   6.175   0.500 12.268 ? 71  LEU AAA CB  1 ? 
ATOM   259  C  CG  A LEU A 1 32  ? 6.447   2.559   4.711   0.500 12.340 ? 71  LEU AAA CG  1 ? 
ATOM   260  C  CG  B LEU A 1 32  ? 6.066   2.710   4.688   0.500 12.954 ? 71  LEU AAA CG  1 ? 
ATOM   261  C  CD1 A LEU A 1 32  ? 5.600   1.781   3.721   0.500 12.176 ? 71  LEU AAA CD1 1 ? 
ATOM   262  C  CD1 B LEU A 1 32  ? 7.575   2.747   4.519   0.500 14.205 ? 71  LEU AAA CD1 1 ? 
ATOM   263  C  CD2 A LEU A 1 32  ? 6.764   3.911   4.099   0.500 12.992 ? 71  LEU AAA CD2 1 ? 
ATOM   264  C  CD2 B LEU A 1 32  ? 5.472   1.460   4.067   0.500 13.350 ? 71  LEU AAA CD2 1 ? 
ATOM   265  N  N   . LYS A 1 33  ? 7.820   1.496   8.128   1.000 13.413 ? 72  LYS AAA N   1 ? 
ATOM   266  C  CA  . LYS A 1 33  ? 9.191   1.027   8.386   1.000 15.718 ? 72  LYS AAA CA  1 ? 
ATOM   267  C  C   . LYS A 1 33  ? 9.188   -0.468  8.682   1.000 15.912 ? 72  LYS AAA C   1 ? 
ATOM   268  O  O   . LYS A 1 33  ? 10.028  -1.207  8.132   1.000 18.722 ? 72  LYS AAA O   1 ? 
ATOM   269  C  CB  . LYS A 1 33  ? 9.782   1.803   9.564   1.000 17.840 ? 72  LYS AAA CB  1 ? 
ATOM   270  C  CG  . LYS A 1 33  ? 11.259  1.528   9.832   0.500 18.807 ? 72  LYS AAA CG  1 ? 
ATOM   271  C  CD  . LYS A 1 33  ? 11.643  1.675   11.296  0.500 21.231 ? 72  LYS AAA CD  1 ? 
ATOM   272  C  CE  . LYS A 1 33  ? 13.140  1.749   11.505  0.500 23.200 ? 72  LYS AAA CE  1 ? 
ATOM   273  N  NZ  . LYS A 1 33  ? 13.741  2.813   10.672  0.500 24.192 ? 72  LYS AAA NZ  1 ? 
ATOM   274  N  N   . THR A 1 34  ? 8.252   -0.926  9.517   1.000 13.510 ? 73  THR AAA N   1 ? 
ATOM   275  C  CA  . THR A 1 34  ? 8.155   -2.324  9.950   1.000 15.421 ? 73  THR AAA CA  1 ? 
ATOM   276  C  C   . THR A 1 34  ? 7.860   -3.202  8.726   1.000 13.484 ? 73  THR AAA C   1 ? 
ATOM   277  O  O   . THR A 1 34  ? 8.455   -4.266  8.535   1.000 15.439 ? 73  THR AAA O   1 ? 
ATOM   278  C  CB  . THR A 1 34  ? 7.040   -2.570  10.985  1.000 16.629 ? 73  THR AAA CB  1 ? 
ATOM   279  O  OG1 . THR A 1 34  ? 7.451   -1.926  12.191  1.000 19.329 ? 73  THR AAA OG1 1 ? 
ATOM   280  C  CG2 . THR A 1 34  ? 6.800   -4.034  11.330  1.000 19.765 ? 73  THR AAA CG2 1 ? 
ATOM   281  N  N   . LEU A 1 35  ? 6.832   -2.855  7.931   1.000 11.928 ? 74  LEU AAA N   1 ? 
ATOM   282  C  CA  . LEU A 1 35  ? 6.429   -3.722  6.829   1.000 11.976 ? 74  LEU AAA CA  1 ? 
ATOM   283  C  C   . LEU A 1 35  ? 7.456   -3.664  5.694   1.000 10.384 ? 74  LEU AAA C   1 ? 
ATOM   284  O  O   . LEU A 1 35  ? 7.628   -4.686  5.045   1.000 11.826 ? 74  LEU AAA O   1 ? 
ATOM   285  C  CB  . LEU A 1 35  ? 5.044   -3.277  6.298   1.000 11.055 ? 74  LEU AAA CB  1 ? 
ATOM   286  C  CG  . LEU A 1 35  ? 3.826   -3.914  6.995   1.000 13.987 ? 74  LEU AAA CG  1 ? 
ATOM   287  C  CD1 . LEU A 1 35  ? 3.693   -3.558  8.483   1.000 17.664 ? 74  LEU AAA CD1 1 ? 
ATOM   288  C  CD2 . LEU A 1 35  ? 2.526   -3.547  6.289   1.000 14.870 ? 74  LEU AAA CD2 1 ? 
ATOM   289  N  N   . TRP A 1 36  ? 8.097   -2.532  5.435   1.000 11.197 ? 75  TRP AAA N   1 ? 
ATOM   290  C  CA  . TRP A 1 36  ? 8.977   -2.359  4.287   1.000 11.587 ? 75  TRP AAA CA  1 ? 
ATOM   291  C  C   . TRP A 1 36  ? 10.164  -3.308  4.368   1.000 13.115 ? 75  TRP AAA C   1 ? 
ATOM   292  O  O   . TRP A 1 36  ? 10.605  -3.827  3.325   1.000 13.622 ? 75  TRP AAA O   1 ? 
ATOM   293  C  CB  . TRP A 1 36  ? 9.435   -0.911  4.153   1.000 12.531 ? 75  TRP AAA CB  1 ? 
ATOM   294  C  CG  . TRP A 1 36  ? 10.207  -0.655  2.901   1.000 12.514 ? 75  TRP AAA CG  1 ? 
ATOM   295  C  CD1 . TRP A 1 36  ? 11.567  -0.663  2.727   1.000 14.887 ? 75  TRP AAA CD1 1 ? 
ATOM   296  C  CD2 . TRP A 1 36  ? 9.642   -0.291  1.636   1.000 10.990 ? 75  TRP AAA CD2 1 ? 
ATOM   297  N  NE1 . TRP A 1 36  ? 11.874  -0.351  1.431   1.000 16.394 ? 75  TRP AAA NE1 1 ? 
ATOM   298  C  CE2 . TRP A 1 36  ? 10.714  -0.073  0.745   1.000 12.151 ? 75  TRP AAA CE2 1 ? 
ATOM   299  C  CE3 . TRP A 1 36  ? 8.330   -0.089  1.179   1.000 10.610 ? 75  TRP AAA CE3 1 ? 
ATOM   300  C  CZ2 . TRP A 1 36  ? 10.523  0.273   -0.587  1.000 12.845 ? 75  TRP AAA CZ2 1 ? 
ATOM   301  C  CZ3 . TRP A 1 36  ? 8.137   0.290   -0.136  1.000 12.128 ? 75  TRP AAA CZ3 1 ? 
ATOM   302  C  CH2 . TRP A 1 36  ? 9.216   0.501   -0.986  1.000 11.238 ? 75  TRP AAA CH2 1 ? 
ATOM   303  N  N   . LYS A 1 37  ? 10.651  -3.554  5.597   1.000 13.502 ? 76  LYS AAA N   1 ? 
ATOM   304  C  CA  . LYS A 1 37  ? 11.901  -4.311  5.723   1.000 13.430 ? 76  LYS AAA CA  1 ? 
ATOM   305  C  C   . LYS A 1 37  ? 11.608  -5.792  5.927   1.000 14.698 ? 76  LYS AAA C   1 ? 
ATOM   306  O  O   . LYS A 1 37  ? 12.555  -6.586  6.037   1.000 15.215 ? 76  LYS AAA O   1 ? 
ATOM   307  C  CB  . LYS A 1 37  ? 12.765  -3.771  6.868   1.000 17.346 ? 76  LYS AAA CB  1 ? 
ATOM   308  C  CG  . LYS A 1 37  ? 12.127  -3.967  8.212   1.000 18.436 ? 76  LYS AAA CG  1 ? 
ATOM   309  C  CD  . LYS A 1 37  ? 12.980  -3.281  9.299   1.000 24.724 ? 76  LYS AAA CD  1 ? 
ATOM   310  C  CE  . LYS A 1 37  ? 12.315  -3.142  10.655  1.000 28.451 ? 76  LYS AAA CE  1 ? 
ATOM   311  N  NZ  . LYS A 1 37  ? 11.890  -4.435  11.243  1.000 36.783 ? 76  LYS AAA NZ  1 ? 
ATOM   312  N  N   . HIS A 1 38  ? 10.337  -6.215  5.962   1.000 13.266 ? 77  HIS AAA N   1 ? 
ATOM   313  C  CA  . HIS A 1 38  ? 9.971   -7.600  6.172   1.000 12.109 ? 77  HIS AAA CA  1 ? 
ATOM   314  C  C   . HIS A 1 38  ? 10.450  -8.457  4.997   1.000 10.852 ? 77  HIS AAA C   1 ? 
ATOM   315  O  O   . HIS A 1 38  ? 10.482  -8.022  3.855   1.000 11.221 ? 77  HIS AAA O   1 ? 
ATOM   316  C  CB  . HIS A 1 38  ? 8.448   -7.690  6.323   1.000 12.897 ? 77  HIS AAA CB  1 ? 
ATOM   317  C  CG  . HIS A 1 38  ? 7.983   -8.987  6.846   1.000 12.472 ? 77  HIS AAA CG  1 ? 
ATOM   318  N  ND1 . HIS A 1 38  ? 7.831   -10.107 6.056   1.000 12.224 ? 77  HIS AAA ND1 1 ? 
ATOM   319  C  CD2 . HIS A 1 38  ? 7.580   -9.331  8.089   1.000 14.860 ? 77  HIS AAA CD2 1 ? 
ATOM   320  C  CE1 . HIS A 1 38  ? 7.402   -11.107 6.794   1.000 14.285 ? 77  HIS AAA CE1 1 ? 
ATOM   321  N  NE2 . HIS A 1 38  ? 7.206   -10.626 8.071   1.000 14.491 ? 77  HIS AAA NE2 1 ? 
ATOM   322  N  N   . GLN A 1 39  ? 10.813  -9.712  5.319   1.000 11.085 ? 78  GLN AAA N   1 ? 
ATOM   323  C  CA  . GLN A 1 39  ? 11.252  -10.651 4.303   1.000 11.723 ? 78  GLN AAA CA  1 ? 
ATOM   324  C  C   . GLN A 1 39  ? 10.258  -10.790 3.150   1.000 10.432 ? 78  GLN AAA C   1 ? 
ATOM   325  O  O   . GLN A 1 39  ? 10.660  -10.995 2.017   1.000 11.666 ? 78  GLN AAA O   1 ? 
ATOM   326  C  CB  . GLN A 1 39  ? 11.438  -12.028 4.955   1.000 12.837 ? 78  GLN AAA CB  1 ? 
ATOM   327  C  CG  . GLN A 1 39  ? 12.045  -13.044 4.021   1.000 16.416 ? 78  GLN AAA CG  1 ? 
ATOM   328  C  CD  . GLN A 1 39  ? 12.322  -14.341 4.724   1.000 18.724 ? 78  GLN AAA CD  1 ? 
ATOM   329  O  OE1 . GLN A 1 39  ? 13.476  -14.813 4.748   1.000 23.571 ? 78  GLN AAA OE1 1 ? 
ATOM   330  N  NE2 . GLN A 1 39  ? 11.312  -14.866 5.371   1.000 16.252 ? 78  GLN AAA NE2 1 ? 
ATOM   331  N  N   . PHE A 1 40  ? 8.956   -10.609 3.440   1.000 10.147 ? 79  PHE AAA N   1 ? 
ATOM   332  C  CA  . PHE A 1 40  ? 7.919   -10.826 2.441   1.000 10.277 ? 79  PHE AAA CA  1 ? 
ATOM   333  C  C   . PHE A 1 40  ? 7.455   -9.540  1.789   1.000 9.017  ? 79  PHE AAA C   1 ? 
ATOM   334  O  O   . PHE A 1 40  ? 6.433   -9.566  1.061   1.000 9.280  ? 79  PHE AAA O   1 ? 
ATOM   335  C  CB  . PHE A 1 40  ? 6.741   -11.557 3.080   1.000 10.344 ? 79  PHE AAA CB  1 ? 
ATOM   336  C  CG  . PHE A 1 40  ? 6.994   -12.988 3.482   1.000 10.234 ? 79  PHE AAA CG  1 ? 
ATOM   337  C  CD1 . PHE A 1 40  ? 8.083   -13.729 3.009   1.000 10.863 ? 79  PHE AAA CD1 1 ? 
ATOM   338  C  CD2 . PHE A 1 40  ? 6.094   -13.587 4.380   1.000 11.396 ? 79  PHE AAA CD2 1 ? 
ATOM   339  C  CE1 . PHE A 1 40  ? 8.188   -15.065 3.400   1.000 13.032 ? 79  PHE AAA CE1 1 ? 
ATOM   340  C  CE2 . PHE A 1 40  ? 6.233   -14.916 4.755   1.000 12.955 ? 79  PHE AAA CE2 1 ? 
ATOM   341  C  CZ  . PHE A 1 40  ? 7.289   -15.646 4.258   1.000 14.382 ? 79  PHE AAA CZ  1 ? 
ATOM   342  N  N   . ALA A 1 41  ? 8.150   -8.420  1.998   1.000 8.901  ? 80  ALA AAA N   1 ? 
ATOM   343  C  CA  . ALA A 1 41  ? 7.664   -7.162  1.468   1.000 8.753  ? 80  ALA AAA CA  1 ? 
ATOM   344  C  C   . ALA A 1 41  ? 7.827   -7.016  -0.030  1.000 8.878  ? 80  ALA AAA C   1 ? 
ATOM   345  O  O   . ALA A 1 41  ? 7.124   -6.216  -0.639  1.000 9.212  ? 80  ALA AAA O   1 ? 
ATOM   346  C  CB  . ALA A 1 41  ? 8.403   -6.010  2.114   1.000 11.034 ? 80  ALA AAA CB  1 ? 
ATOM   347  N  N   . TRP A 1 42  ? 8.810   -7.707  -0.645  1.000 9.428  ? 81  TRP AAA N   1 ? 
ATOM   348  C  CA  . TRP A 1 42  ? 9.243   -7.315  -1.975  1.000 9.092  ? 81  TRP AAA CA  1 ? 
ATOM   349  C  C   . TRP A 1 42  ? 8.126   -7.305  -3.029  1.000 9.154  ? 81  TRP AAA C   1 ? 
ATOM   350  O  O   . TRP A 1 42  ? 8.140   -6.414  -3.882  1.000 9.409  ? 81  TRP AAA O   1 ? 
ATOM   351  C  CB  . TRP A 1 42  ? 10.466  -8.125  -2.478  1.000 9.439  ? 81  TRP AAA CB  1 ? 
ATOM   352  C  CG  . TRP A 1 42  ? 10.247  -9.615  -2.561  1.000 10.024 ? 81  TRP AAA CG  1 ? 
ATOM   353  C  CD1 . TRP A 1 42  ? 10.441  -10.525 -1.539  1.000 9.881  ? 81  TRP AAA CD1 1 ? 
ATOM   354  C  CD2 . TRP A 1 42  ? 9.703   -10.369 -3.664  1.000 11.324 ? 81  TRP AAA CD2 1 ? 
ATOM   355  N  NE1 . TRP A 1 42  ? 10.111  -11.781 -1.953  1.000 11.666 ? 81  TRP AAA NE1 1 ? 
ATOM   356  C  CE2 . TRP A 1 42  ? 9.663   -11.719 -3.231  1.000 11.277 ? 81  TRP AAA CE2 1 ? 
ATOM   357  C  CE3 . TRP A 1 42  ? 9.300   -10.060 -4.986  1.000 12.234 ? 81  TRP AAA CE3 1 ? 
ATOM   358  C  CZ2 . TRP A 1 42  ? 9.230   -12.754 -4.065  1.000 13.107 ? 81  TRP AAA CZ2 1 ? 
ATOM   359  C  CZ3 . TRP A 1 42  ? 8.833   -11.098 -5.787  1.000 13.253 ? 81  TRP AAA CZ3 1 ? 
ATOM   360  C  CH2 . TRP A 1 42  ? 8.822   -12.412 -5.327  1.000 13.230 ? 81  TRP AAA CH2 1 ? 
ATOM   361  N  N   . PRO A 1 43  ? 7.137   -8.206  -3.042  1.000 8.421  ? 82  PRO AAA N   1 ? 
ATOM   362  C  CA  . PRO A 1 43  ? 6.100   -8.100  -4.084  1.000 8.520  ? 82  PRO AAA CA  1 ? 
ATOM   363  C  C   . PRO A 1 43  ? 5.222   -6.850  -3.964  1.000 8.281  ? 82  PRO AAA C   1 ? 
ATOM   364  O  O   . PRO A 1 43  ? 4.488   -6.555  -4.911  1.000 9.348  ? 82  PRO AAA O   1 ? 
ATOM   365  C  CB  . PRO A 1 43  ? 5.196   -9.323  -3.869  1.000 8.858  ? 82  PRO AAA CB  1 ? 
ATOM   366  C  CG  . PRO A 1 43  ? 6.068   -10.291 -3.054  1.000 10.379 ? 82  PRO AAA CG  1 ? 
ATOM   367  C  CD  . PRO A 1 43  ? 6.913   -9.380  -2.194  1.000 9.060  ? 82  PRO AAA CD  1 ? 
ATOM   368  N  N   . PHE A 1 44  ? 5.294   -6.181  -2.812  1.000 7.680  ? 83  PHE AAA N   1 ? 
ATOM   369  C  CA  . PHE A 1 44  ? 4.399   -5.077  -2.489  1.000 7.537  ? 83  PHE AAA CA  1 ? 
ATOM   370  C  C   . PHE A 1 44  ? 5.121   -3.753  -2.531  1.000 8.364  ? 83  PHE AAA C   1 ? 
ATOM   371  O  O   . PHE A 1 44  ? 4.517   -2.711  -2.217  1.000 8.806  ? 83  PHE AAA O   1 ? 
ATOM   372  C  CB  . PHE A 1 44  ? 3.781   -5.313  -1.108  1.000 8.120  ? 83  PHE AAA CB  1 ? 
ATOM   373  C  CG  . PHE A 1 44  ? 3.112   -6.655  -1.026  1.000 8.310  ? 83  PHE AAA CG  1 ? 
ATOM   374  C  CD1 . PHE A 1 44  ? 1.892   -6.880  -1.651  1.000 9.465  ? 83  PHE AAA CD1 1 ? 
ATOM   375  C  CD2 . PHE A 1 44  ? 3.734   -7.724  -0.390  1.000 9.210  ? 83  PHE AAA CD2 1 ? 
ATOM   376  C  CE1 . PHE A 1 44  ? 1.297   -8.139  -1.632  1.000 11.377 ? 83  PHE AAA CE1 1 ? 
ATOM   377  C  CE2 . PHE A 1 44  ? 3.147   -8.995  -0.369  1.000 10.203 ? 83  PHE AAA CE2 1 ? 
ATOM   378  C  CZ  . PHE A 1 44  ? 1.919   -9.180  -0.963  1.000 10.327 ? 83  PHE AAA CZ  1 ? 
ATOM   379  N  N   . GLN A 1 45  ? 6.417   -3.727  -2.879  1.000 7.784  ? 84  GLN AAA N   1 ? 
ATOM   380  C  CA  . GLN A 1 45  ? 7.192   -2.493  -2.776  1.000 8.008  ? 84  GLN AAA CA  1 ? 
ATOM   381  C  C   . GLN A 1 45  ? 7.093   -1.592  -4.012  1.000 8.329  ? 84  GLN AAA C   1 ? 
ATOM   382  O  O   . GLN A 1 45  ? 7.684   -0.514  -4.013  1.000 9.324  ? 84  GLN AAA O   1 ? 
ATOM   383  C  CB  . GLN A 1 45  ? 8.673   -2.796  -2.498  1.000 8.756  ? 84  GLN AAA CB  1 ? 
ATOM   384  C  CG  . GLN A 1 45  ? 8.910   -3.288  -1.087  1.000 10.034 ? 84  GLN AAA CG  1 ? 
ATOM   385  C  CD  . GLN A 1 45  ? 10.339  -3.756  -0.837  1.000 11.390 ? 84  GLN AAA CD  1 ? 
ATOM   386  O  OE1 . GLN A 1 45  ? 11.002  -4.214  -1.749  1.000 12.642 ? 84  GLN AAA OE1 1 ? 
ATOM   387  N  NE2 . GLN A 1 45  ? 10.834  -3.591  0.385   1.000 12.702 ? 84  GLN AAA NE2 1 ? 
ATOM   388  N  N   . GLN A 1 46  ? 6.288   -1.977  -4.997  1.000 7.898  ? 85  GLN AAA N   1 ? 
ATOM   389  C  CA  . GLN A 1 46  ? 6.126   -1.192  -6.211  1.000 8.383  ? 85  GLN AAA CA  1 ? 
ATOM   390  C  C   . GLN A 1 46  ? 4.808   -1.631  -6.821  1.000 7.738  ? 85  GLN AAA C   1 ? 
ATOM   391  O  O   . GLN A 1 46  ? 4.326   -2.721  -6.560  1.000 7.640  ? 85  GLN AAA O   1 ? 
ATOM   392  C  CB  . GLN A 1 46  ? 7.301   -1.381  -7.178  1.000 9.542  ? 85  GLN AAA CB  1 ? 
ATOM   393  C  CG  . GLN A 1 46  ? 7.515   -2.824  -7.650  1.000 9.857  ? 85  GLN AAA CG  1 ? 
ATOM   394  C  CD  . GLN A 1 46  ? 8.108   -3.717  -6.564  1.000 10.559 ? 85  GLN AAA CD  1 ? 
ATOM   395  O  OE1 . GLN A 1 46  ? 9.124   -3.383  -5.962  1.000 12.954 ? 85  GLN AAA OE1 1 ? 
ATOM   396  N  NE2 . GLN A 1 46  ? 7.471   -4.839  -6.265  1.000 10.773 ? 85  GLN AAA NE2 1 ? 
ATOM   397  N  N   . PRO A 1 47  ? 4.244   -0.824  -7.739  1.000 8.301  ? 86  PRO AAA N   1 ? 
ATOM   398  C  CA  . PRO A 1 47  ? 3.064   -1.257  -8.477  1.000 8.431  ? 86  PRO AAA CA  1 ? 
ATOM   399  C  C   . PRO A 1 47  ? 3.276   -2.599  -9.192  1.000 8.858  ? 86  PRO AAA C   1 ? 
ATOM   400  O  O   . PRO A 1 47  ? 4.390   -2.933  -9.647  1.000 9.622  ? 86  PRO AAA O   1 ? 
ATOM   401  C  CB  . PRO A 1 47  ? 2.891   -0.150  -9.527  1.000 10.551 ? 86  PRO AAA CB  1 ? 
ATOM   402  C  CG  . PRO A 1 47  ? 3.417   1.071   -8.837  1.000 10.471 ? 86  PRO AAA CG  1 ? 
ATOM   403  C  CD  . PRO A 1 47  ? 4.658   0.545   -8.130  1.000 10.686 ? 86  PRO AAA CD  1 ? 
ATOM   404  N  N   . VAL A 1 48  ? 2.221   -3.381  -9.308  1.000 8.601  ? 87  VAL AAA N   1 ? 
ATOM   405  C  CA  . VAL A 1 48  ? 2.264   -4.640  -10.022 1.000 9.410  ? 87  VAL AAA CA  1 ? 
ATOM   406  C  C   . VAL A 1 48  ? 2.555   -4.348  -11.504 1.000 9.428  ? 87  VAL AAA C   1 ? 
ATOM   407  O  O   . VAL A 1 48  ? 1.805   -3.623  -12.170 1.000 9.728  ? 87  VAL AAA O   1 ? 
ATOM   408  C  CB  . VAL A 1 48  ? 0.953   -5.424  -9.877  1.000 10.493 ? 87  VAL AAA CB  1 ? 
ATOM   409  C  CG1 . VAL A 1 48  ? 0.981   -6.673  -10.753 1.000 12.238 ? 87  VAL AAA CG1 1 ? 
ATOM   410  C  CG2 . VAL A 1 48  ? 0.764   -5.842  -8.410  1.000 10.994 ? 87  VAL AAA CG2 1 ? 
ATOM   411  N  N   . ASP A 1 49  ? 3.650   -4.912  -12.018 1.000 10.160 ? 88  ASP AAA N   1 ? 
ATOM   412  C  CA  . ASP A 1 49  ? 4.015   -4.734  -13.422 1.000 10.183 ? 88  ASP AAA CA  1 ? 
ATOM   413  C  C   . ASP A 1 49  ? 3.421   -5.943  -14.148 1.000 9.694  ? 88  ASP AAA C   1 ? 
ATOM   414  O  O   . ASP A 1 49  ? 3.976   -7.036  -14.197 1.000 9.894  ? 88  ASP AAA O   1 ? 
ATOM   415  C  CB  . ASP A 1 49  ? 5.523   -4.634  -13.635 1.000 12.655 ? 88  ASP AAA CB  1 ? 
ATOM   416  C  CG  . ASP A 1 49  ? 5.901   -4.441  -15.094 1.000 12.386 ? 88  ASP AAA CG  1 ? 
ATOM   417  O  OD1 . ASP A 1 49  ? 5.110   -4.728  -15.989 1.000 12.608 ? 88  ASP AAA OD1 1 ? 
ATOM   418  O  OD2 . ASP A 1 49  ? 7.093   -4.074  -15.332 1.000 18.505 ? 88  ASP AAA OD2 1 ? 
ATOM   419  N  N   . ALA A 1 50  ? 2.194   -5.753  -14.629 1.000 10.177 ? 89  ALA AAA N   1 ? 
ATOM   420  C  CA  . ALA A 1 50  ? 1.430   -6.821  -15.226 1.000 10.991 ? 89  ALA AAA CA  1 ? 
ATOM   421  C  C   . ALA A 1 50  ? 2.097   -7.322  -16.507 1.000 10.211 ? 89  ALA AAA C   1 ? 
ATOM   422  O  O   . ALA A 1 50  ? 1.869   -8.484  -16.886 1.000 11.070 ? 89  ALA AAA O   1 ? 
ATOM   423  C  CB  . ALA A 1 50  ? 0.035   -6.343  -15.484 1.000 11.394 ? 89  ALA AAA CB  1 ? 
ATOM   424  N  N   . VAL A 1 51  ? 2.840   -6.474  -17.193 1.000 9.768  ? 90  VAL AAA N   1 ? 
ATOM   425  C  CA  . VAL A 1 51  ? 3.477   -6.901  -18.422 1.000 10.804 ? 90  VAL AAA CA  1 ? 
ATOM   426  C  C   . VAL A 1 51  ? 4.618   -7.862  -18.071 1.000 11.013 ? 90  VAL AAA C   1 ? 
ATOM   427  O  O   . VAL A 1 51  ? 4.706   -8.960  -18.603 1.000 11.213 ? 90  VAL AAA O   1 ? 
ATOM   428  C  CB  . VAL A 1 51  ? 4.005   -5.684  -19.214 1.000 10.792 ? 90  VAL AAA CB  1 ? 
ATOM   429  C  CG1 . VAL A 1 51  ? 4.813   -6.125  -20.437 1.000 14.833 ? 90  VAL AAA CG1 1 ? 
ATOM   430  C  CG2 . VAL A 1 51  ? 2.852   -4.762  -19.628 1.000 13.714 ? 90  VAL AAA CG2 1 ? 
ATOM   431  N  N   . LYS A 1 52  ? 5.478   -7.457  -17.124 1.000 10.432 ? 91  LYS AAA N   1 ? 
ATOM   432  C  CA  . LYS A 1 52  ? 6.632   -8.286  -16.786 1.000 11.516 ? 91  LYS AAA CA  1 ? 
ATOM   433  C  C   . LYS A 1 52  ? 6.169   -9.612  -16.182 1.000 11.329 ? 91  LYS AAA C   1 ? 
ATOM   434  O  O   . LYS A 1 52  ? 6.820   -10.642 -16.391 1.000 11.438 ? 91  LYS AAA O   1 ? 
ATOM   435  C  CB  . LYS A 1 52  ? 7.576   -7.548  -15.843 1.000 14.067 ? 91  LYS AAA CB  1 ? 
ATOM   436  C  CG  . LYS A 1 52  ? 8.963   -8.212  -15.708 1.000 16.513 ? 91  LYS AAA CG  1 ? 
ATOM   437  C  CD  . LYS A 1 52  ? 10.055  -7.336  -15.124 1.000 18.023 ? 91  LYS AAA CD  1 ? 
ATOM   438  C  CE  . LYS A 1 52  ? 11.446  -7.884  -15.396 1.000 16.799 ? 91  LYS AAA CE  1 ? 
ATOM   439  N  NZ  . LYS A 1 52  ? 12.415  -7.143  -14.573 1.000 18.829 ? 91  LYS AAA NZ  1 ? 
ATOM   440  N  N   . LEU A 1 53  ? 5.093   -9.607  -15.402 1.000 10.570 ? 92  LEU AAA N   1 ? 
ATOM   441  C  CA  . LEU A 1 53  ? 4.553   -10.818 -14.798 1.000 10.549 ? 92  LEU AAA CA  1 ? 
ATOM   442  C  C   . LEU A 1 53  ? 3.671   -11.642 -15.738 1.000 11.242 ? 92  LEU AAA C   1 ? 
ATOM   443  O  O   . LEU A 1 53  ? 3.180   -12.708 -15.336 1.000 12.748 ? 92  LEU AAA O   1 ? 
ATOM   444  C  CB  . LEU A 1 53  ? 3.771   -10.477 -13.522 1.000 11.965 ? 92  LEU AAA CB  1 ? 
ATOM   445  C  CG  . LEU A 1 53  ? 4.615   -9.917  -12.382 1.000 12.190 ? 92  LEU AAA CG  1 ? 
ATOM   446  C  CD1 . LEU A 1 53  ? 3.720   -9.333  -11.303 1.000 16.029 ? 92  LEU AAA CD1 1 ? 
ATOM   447  C  CD2 . LEU A 1 53  ? 5.537   -11.003 -11.830 1.000 16.163 ? 92  LEU AAA CD2 1 ? 
ATOM   448  N  N   . ASN A 1 54  ? 3.396   -11.123 -16.941 1.000 11.094 ? 93  ASN AAA N   1 ? 
ATOM   449  C  CA  . ASN A 1 54  ? 2.537   -11.832 -17.891 1.000 12.010 ? 93  ASN AAA CA  1 ? 
ATOM   450  C  C   . ASN A 1 54  ? 1.155   -12.096 -17.306 1.000 11.823 ? 93  ASN AAA C   1 ? 
ATOM   451  O  O   . ASN A 1 54  ? 0.632   -13.211 -17.387 1.000 12.991 ? 93  ASN AAA O   1 ? 
ATOM   452  C  CB  . ASN A 1 54  ? 3.185   -13.116 -18.442 1.000 15.498 ? 93  ASN AAA CB  1 ? 
ATOM   453  C  CG  . ASN A 1 54  ? 2.356   -13.674 -19.584 1.000 22.295 ? 93  ASN AAA CG  1 ? 
ATOM   454  O  OD1 . ASN A 1 54  ? 1.704   -12.921 -20.333 1.000 24.318 ? 93  ASN AAA OD1 1 ? 
ATOM   455  N  ND2 . ASN A 1 54  ? 2.334   -14.993 -19.715 1.000 24.429 ? 93  ASN AAA ND2 1 ? 
ATOM   456  N  N   . LEU A 1 55  ? 0.542   -11.033 -16.773 1.000 10.258 ? 94  LEU AAA N   1 ? 
ATOM   457  C  CA  . LEU A 1 55  ? -0.798  -11.090 -16.172 1.000 9.635  ? 94  LEU AAA CA  1 ? 
ATOM   458  C  C   . LEU A 1 55  ? -1.637  -10.065 -16.909 1.000 9.884  ? 94  LEU AAA C   1 ? 
ATOM   459  O  O   . LEU A 1 55  ? -1.984  -9.018  -16.332 1.000 9.291  ? 94  LEU AAA O   1 ? 
ATOM   460  C  CB  . LEU A 1 55  ? -0.738  -10.746 -14.678 1.000 11.285 ? 94  LEU AAA CB  1 ? 
ATOM   461  C  CG  . LEU A 1 55  ? 0.119   -11.678 -13.804 1.000 12.714 ? 94  LEU AAA CG  1 ? 
ATOM   462  C  CD1 . LEU A 1 55  ? 0.209   -11.122 -12.363 1.000 14.353 ? 94  LEU AAA CD1 1 ? 
ATOM   463  C  CD2 . LEU A 1 55  ? -0.405  -13.105 -13.872 1.000 15.269 ? 94  LEU AAA CD2 1 ? 
ATOM   464  N  N   . PRO A 1 56  ? -2.012  -10.321 -18.179 1.000 9.080  ? 95  PRO AAA N   1 ? 
ATOM   465  C  CA  . PRO A 1 56  ? -2.730  -9.285  -18.909 1.000 9.291  ? 95  PRO AAA CA  1 ? 
ATOM   466  C  C   . PRO A 1 56  ? -4.087  -8.958  -18.318 1.000 9.289  ? 95  PRO AAA C   1 ? 
ATOM   467  O  O   . PRO A 1 56  ? -4.590  -7.886  -18.562 1.000 11.446 ? 95  PRO AAA O   1 ? 
ATOM   468  C  CB  . PRO A 1 56  ? -2.867  -9.877  -20.340 1.000 9.835  ? 95  PRO AAA CB  1 ? 
ATOM   469  C  CG  . PRO A 1 56  ? -2.736  -11.324 -20.110 1.000 10.846 ? 95  PRO AAA CG  1 ? 
ATOM   470  C  CD  . PRO A 1 56  ? -1.694  -11.503 -19.014 1.000 10.163 ? 95  PRO AAA CD  1 ? 
ATOM   471  N  N   . ASP A 1 57  ? -4.669  -9.832  -17.519 1.000 9.040  ? 96  ASP AAA N   1 ? 
ATOM   472  C  CA  . ASP A 1 57  ? -5.951  -9.529  -16.917 1.000 9.185  ? 96  ASP AAA CA  1 ? 
ATOM   473  C  C   . ASP A 1 57  ? -5.833  -8.774  -15.574 1.000 9.118  ? 96  ASP AAA C   1 ? 
ATOM   474  O  O   . ASP A 1 57  ? -6.851  -8.466  -14.984 1.000 9.889  ? 96  ASP AAA O   1 ? 
ATOM   475  C  CB  . ASP A 1 57  ? -6.830  -10.771 -16.765 1.000 11.679 ? 96  ASP AAA CB  1 ? 
ATOM   476  C  CG  . ASP A 1 57  ? -6.383  -11.658 -15.629 1.000 13.208 ? 96  ASP AAA CG  1 ? 
ATOM   477  O  OD1 . ASP A 1 57  ? -5.188  -11.584 -15.271 1.000 12.974 ? 96  ASP AAA OD1 1 ? 
ATOM   478  O  OD2 . ASP A 1 57  ? -7.230  -12.439 -15.127 1.000 17.329 ? 96  ASP AAA OD2 1 ? 
ATOM   479  N  N   . TYR A 1 58  ? -4.624  -8.466  -15.090 1.000 8.658  ? 97  TYR AAA N   1 ? 
ATOM   480  C  CA  . TYR A 1 58  ? -4.522  -7.972  -13.715 1.000 8.171  ? 97  TYR AAA CA  1 ? 
ATOM   481  C  C   . TYR A 1 58  ? -5.344  -6.702  -13.534 1.000 8.589  ? 97  TYR AAA C   1 ? 
ATOM   482  O  O   . TYR A 1 58  ? -6.118  -6.611  -12.578 1.000 8.299  ? 97  TYR AAA O   1 ? 
ATOM   483  C  CB  . TYR A 1 58  ? -3.045  -7.747  -13.314 1.000 9.088  ? 97  TYR AAA CB  1 ? 
ATOM   484  C  CG  . TYR A 1 58  ? -2.914  -7.366  -11.864 1.000 8.236  ? 97  TYR AAA CG  1 ? 
ATOM   485  C  CD1 . TYR A 1 58  ? -2.978  -8.328  -10.852 1.000 9.117  ? 97  TYR AAA CD1 1 ? 
ATOM   486  C  CD2 . TYR A 1 58  ? -2.825  -6.045  -11.504 1.000 8.311  ? 97  TYR AAA CD2 1 ? 
ATOM   487  C  CE1 . TYR A 1 58  ? -2.956  -7.956  -9.510  1.000 9.236  ? 97  TYR AAA CE1 1 ? 
ATOM   488  C  CE2 . TYR A 1 58  ? -2.771  -5.648  -10.180 1.000 8.604  ? 97  TYR AAA CE2 1 ? 
ATOM   489  C  CZ  . TYR A 1 58  ? -2.823  -6.611  -9.191  1.000 9.008  ? 97  TYR AAA CZ  1 ? 
ATOM   490  O  OH  . TYR A 1 58  ? -2.803  -6.254  -7.841  1.000 10.753 ? 97  TYR AAA OH  1 ? 
ATOM   491  N  N   . TYR A 1 59  ? -5.137  -5.723  -14.418 1.000 8.707  ? 98  TYR AAA N   1 ? 
ATOM   492  C  CA  . TYR A 1 59  ? -5.798  -4.440  -14.310 1.000 8.956  ? 98  TYR AAA CA  1 ? 
ATOM   493  C  C   . TYR A 1 59  ? -7.188  -4.478  -14.947 1.000 10.072 ? 98  TYR AAA C   1 ? 
ATOM   494  O  O   . TYR A 1 59  ? -7.895  -3.454  -14.878 1.000 12.155 ? 98  TYR AAA O   1 ? 
ATOM   495  C  CB  . TYR A 1 59  ? -4.895  -3.299  -14.821 1.000 8.760  ? 98  TYR AAA CB  1 ? 
ATOM   496  C  CG  . TYR A 1 59  ? -3.705  -3.099  -13.914 1.000 8.580  ? 98  TYR AAA CG  1 ? 
ATOM   497  C  CD1 . TYR A 1 59  ? -3.891  -2.570  -12.638 1.000 9.393  ? 98  TYR AAA CD1 1 ? 
ATOM   498  C  CD2 . TYR A 1 59  ? -2.411  -3.427  -14.323 1.000 8.565  ? 98  TYR AAA CD2 1 ? 
ATOM   499  C  CE1 . TYR A 1 59  ? -2.788  -2.388  -11.805 1.000 9.162  ? 98  TYR AAA CE1 1 ? 
ATOM   500  C  CE2 . TYR A 1 59  ? -1.330  -3.226  -13.480 1.000 8.615  ? 98  TYR AAA CE2 1 ? 
ATOM   501  C  CZ  . TYR A 1 59  ? -1.514  -2.690  -12.225 1.000 9.231  ? 98  TYR AAA CZ  1 ? 
ATOM   502  O  OH  . TYR A 1 59  ? -0.467  -2.494  -11.364 1.000 10.059 ? 98  TYR AAA OH  1 ? 
ATOM   503  N  N   . LYS A 1 60  ? -7.602  -5.632  -15.467 1.000 10.959 ? 99  LYS AAA N   1 ? 
ATOM   504  C  CA  . LYS A 1 60  ? -9.010  -5.829  -15.769 1.000 11.845 ? 99  LYS AAA CA  1 ? 
ATOM   505  C  C   . LYS A 1 60  ? -9.769  -6.146  -14.476 1.000 12.024 ? 99  LYS AAA C   1 ? 
ATOM   506  O  O   . LYS A 1 60  ? -10.931 -5.751  -14.341 1.000 15.114 ? 99  LYS AAA O   1 ? 
ATOM   507  C  CB  . LYS A 1 60  ? -9.134  -6.985  -16.771 1.000 14.901 ? 99  LYS AAA CB  1 ? 
ATOM   508  C  CG  . LYS A 1 60  ? -10.503 -7.348  -17.308 1.000 16.718 ? 99  LYS AAA CG  1 ? 
ATOM   509  C  CD  . LYS A 1 60  ? -11.076 -6.298  -18.252 1.000 19.814 ? 99  LYS AAA CD  1 ? 
ATOM   510  C  CE  . LYS A 1 60  ? -12.536 -6.662  -18.448 1.000 22.904 ? 99  LYS AAA CE  1 ? 
ATOM   511  N  NZ  . LYS A 1 60  ? -13.387 -5.515  -18.835 1.000 27.994 ? 99  LYS AAA NZ  1 ? 
ATOM   512  N  N   . ILE A 1 61  ? -9.141  -6.895  -13.540 1.000 10.419 ? 100 ILE AAA N   1 ? 
ATOM   513  C  CA  . ILE A 1 61  ? -9.747  -7.302  -12.283 1.000 10.237 ? 100 ILE AAA CA  1 ? 
ATOM   514  C  C   . ILE A 1 61  ? -9.523  -6.260  -11.188 1.000 10.197 ? 100 ILE AAA C   1 ? 
ATOM   515  O  O   . ILE A 1 61  ? -10.412 -5.972  -10.388 1.000 12.208 ? 100 ILE AAA O   1 ? 
ATOM   516  C  CB  . ILE A 1 61  ? -9.166  -8.681  -11.891 1.000 10.900 ? 100 ILE AAA CB  1 ? 
ATOM   517  C  CG1 . ILE A 1 61  ? -9.370  -9.753  -12.970 1.000 13.424 ? 100 ILE AAA CG1 1 ? 
ATOM   518  C  CG2 . ILE A 1 61  ? -9.659  -9.131  -10.518 1.000 11.856 ? 100 ILE AAA CG2 1 ? 
ATOM   519  C  CD1 . ILE A 1 61  ? -10.793 -9.932  -13.360 1.000 16.270 ? 100 ILE AAA CD1 1 ? 
ATOM   520  N  N   . ILE A 1 62  ? -8.321  -5.704  -11.106 1.000 8.656  ? 101 ILE AAA N   1 ? 
ATOM   521  C  CA  . ILE A 1 62  ? -7.982  -4.784  -10.026 1.000 7.950  ? 101 ILE AAA CA  1 ? 
ATOM   522  C  C   . ILE A 1 62  ? -8.081  -3.365  -10.587 1.000 9.049  ? 101 ILE AAA C   1 ? 
ATOM   523  O  O   . ILE A 1 62  ? -7.218  -2.909  -11.347 1.000 9.520  ? 101 ILE AAA O   1 ? 
ATOM   524  C  CB  . ILE A 1 62  ? -6.566  -5.124  -9.525  1.000 8.556  ? 101 ILE AAA CB  1 ? 
ATOM   525  C  CG1 . ILE A 1 62  ? -6.484  -6.532  -8.897  1.000 8.837  ? 101 ILE AAA CG1 1 ? 
ATOM   526  C  CG2 . ILE A 1 62  ? -6.072  -4.066  -8.535  1.000 9.696  ? 101 ILE AAA CG2 1 ? 
ATOM   527  C  CD1 . ILE A 1 62  ? -7.535  -6.808  -7.846  1.000 10.396 ? 101 ILE AAA CD1 1 ? 
ATOM   528  N  N   . LYS A 1 63  ? -9.151  -2.703  -10.193 1.000 8.912  ? 102 LYS AAA N   1 ? 
ATOM   529  C  CA  . LYS A 1 63  ? -9.412  -1.349  -10.703 1.000 9.760  ? 102 LYS AAA CA  1 ? 
ATOM   530  C  C   . LYS A 1 63  ? -9.020  -0.289  -9.694  1.000 10.622 ? 102 LYS AAA C   1 ? 
ATOM   531  O  O   . LYS A 1 63  ? -9.069  0.898   -10.026 1.000 13.011 ? 102 LYS AAA O   1 ? 
ATOM   532  C  CB  . LYS A 1 63  ? -10.888 -1.161  -11.067 1.000 11.080 ? 102 LYS AAA CB  1 ? 
ATOM   533  C  CG  . LYS A 1 63  ? -11.367 -2.109  -12.152 1.000 14.191 ? 102 LYS AAA CG  1 ? 
ATOM   534  C  CD  . LYS A 1 63  ? -10.613 -1.796  -13.423 1.000 16.837 ? 102 LYS AAA CD  1 ? 
ATOM   535  C  CE  . LYS A 1 63  ? -11.175 -2.500  -14.627 1.000 20.367 ? 102 LYS AAA CE  1 ? 
ATOM   536  N  NZ  . LYS A 1 63  ? -10.276 -2.293  -15.779 1.000 16.738 ? 102 LYS AAA NZ  1 ? 
ATOM   537  N  N   A THR A 1 64  ? -8.616  -0.700  -8.482  0.500 11.106 ? 103 THR AAA N   1 ? 
ATOM   538  N  N   B THR A 1 64  ? -8.680  -0.683  -8.470  0.500 10.906 ? 103 THR AAA N   1 ? 
ATOM   539  C  CA  A THR A 1 64  ? -8.173  0.200   -7.429  0.500 11.488 ? 103 THR AAA CA  1 ? 
ATOM   540  C  CA  B THR A 1 64  ? -8.201  0.275   -7.495  0.500 10.912 ? 103 THR AAA CA  1 ? 
ATOM   541  C  C   A THR A 1 64  ? -6.784  -0.222  -6.949  0.500 9.929  ? 103 THR AAA C   1 ? 
ATOM   542  C  C   B THR A 1 64  ? -6.865  -0.263  -6.996  0.500 9.659  ? 103 THR AAA C   1 ? 
ATOM   543  O  O   A THR A 1 64  ? -6.548  -0.631  -5.807  0.500 10.830 ? 103 THR AAA O   1 ? 
ATOM   544  O  O   B THR A 1 64  ? -6.885  -0.883  -5.913  0.500 10.311 ? 103 THR AAA O   1 ? 
ATOM   545  C  CB  A THR A 1 64  ? -9.157  0.275   -6.254  0.500 14.037 ? 103 THR AAA CB  1 ? 
ATOM   546  C  CB  B THR A 1 64  ? -9.261  0.546   -6.408  0.500 13.001 ? 103 THR AAA CB  1 ? 
ATOM   547  O  OG1 A THR A 1 64  ? -9.102  -0.948  -5.537  0.500 18.318 ? 103 THR AAA OG1 1 ? 
ATOM   548  O  OG1 B THR A 1 64  ? -10.446 1.077   -7.005  0.500 14.874 ? 103 THR AAA OG1 1 ? 
ATOM   549  C  CG2 A THR A 1 64  ? -10.585 0.556   -6.665  0.500 14.058 ? 103 THR AAA CG2 1 ? 
ATOM   550  C  CG2 B THR A 1 64  ? -8.835  1.548   -5.353  0.500 11.377 ? 103 THR AAA CG2 1 ? 
ATOM   551  N  N   . PRO A 1 65  ? -5.750  -0.118  -7.763  1.000 9.440  ? 104 PRO AAA N   1 ? 
ATOM   552  C  CA  . PRO A 1 65  ? -4.479  -0.670  -7.344  1.000 9.418  ? 104 PRO AAA CA  1 ? 
ATOM   553  C  C   . PRO A 1 65  ? -3.844  0.174   -6.257  1.000 8.643  ? 104 PRO AAA C   1 ? 
ATOM   554  O  O   . PRO A 1 65  ? -3.972  1.397   -6.175  1.000 9.223  ? 104 PRO AAA O   1 ? 
ATOM   555  C  CB  . PRO A 1 65  ? -3.593  -0.579  -8.574  1.000 11.430 ? 104 PRO AAA CB  1 ? 
ATOM   556  C  CG  . PRO A 1 65  ? -4.363  0.177   -9.628  1.000 12.290 ? 104 PRO AAA CG  1 ? 
ATOM   557  C  CD  . PRO A 1 65  ? -5.727  0.506   -9.123  1.000 11.262 ? 104 PRO AAA CD  1 ? 
ATOM   558  N  N   . MET A 1 66  ? -3.064  -0.481  -5.402  1.000 8.249  ? 105 MET AAA N   1 ? 
ATOM   559  C  CA  . MET A 1 66  ? -2.227  0.249   -4.444  1.000 7.166  ? 105 MET AAA CA  1 ? 
ATOM   560  C  C   . MET A 1 66  ? -1.062  -0.641  -4.066  1.000 7.664  ? 105 MET AAA C   1 ? 
ATOM   561  O  O   . MET A 1 66  ? -1.186  -1.883  -4.080  1.000 9.182  ? 105 MET AAA O   1 ? 
ATOM   562  C  CB  . MET A 1 66  ? -3.053  0.548   -3.187  1.000 7.640  ? 105 MET AAA CB  1 ? 
ATOM   563  C  CG  . MET A 1 66  ? -2.359  1.498   -2.186  1.000 8.473  ? 105 MET AAA CG  1 ? 
ATOM   564  S  SD  . MET A 1 66  ? -1.615  2.987   -2.839  1.000 8.359  ? 105 MET AAA SD  1 ? 
ATOM   565  C  CE  . MET A 1 66  ? -3.023  3.781   -3.607  1.000 11.294 ? 105 MET AAA CE  1 ? 
ATOM   566  N  N   . ASP A 1 67  ? 0.021   -0.056  -3.654  1.000 7.191  ? 106 ASP AAA N   1 ? 
ATOM   567  C  CA  . ASP A 1 67  ? 1.239   -0.787  -3.299  1.000 7.475  ? 106 ASP AAA CA  1 ? 
ATOM   568  C  C   . ASP A 1 67  ? 1.978   0.048   -2.269  1.000 7.316  ? 106 ASP AAA C   1 ? 
ATOM   569  O  O   . ASP A 1 67  ? 1.711   1.258   -2.120  1.000 6.970  ? 106 ASP AAA O   1 ? 
ATOM   570  C  CB  . ASP A 1 67  ? 2.126   -1.005  -4.548  1.000 8.543  ? 106 ASP AAA CB  1 ? 
ATOM   571  C  CG  . ASP A 1 67  ? 2.646   0.304   -5.072  1.000 8.794  ? 106 ASP AAA CG  1 ? 
ATOM   572  O  OD1 . ASP A 1 67  ? 1.828   1.005   -5.787  1.000 9.574  ? 106 ASP AAA OD1 1 ? 
ATOM   573  O  OD2 . ASP A 1 67  ? 3.773   0.670   -4.735  1.000 8.815  ? 106 ASP AAA OD2 1 ? 
ATOM   574  N  N   . MET A 1 68  ? 2.947   -0.555  -1.570  1.000 8.111  ? 107 MET AAA N   1 ? 
ATOM   575  C  CA  . MET A 1 68  ? 3.671   0.141   -0.531  1.000 8.343  ? 107 MET AAA CA  1 ? 
ATOM   576  C  C   . MET A 1 68  ? 4.661   1.139   -1.068  1.000 7.878  ? 107 MET AAA C   1 ? 
ATOM   577  O  O   . MET A 1 68  ? 5.030   2.054   -0.343  1.000 8.794  ? 107 MET AAA O   1 ? 
ATOM   578  C  CB  . MET A 1 68  ? 4.441   -0.802  0.381   1.000 10.201 ? 107 MET AAA CB  1 ? 
ATOM   579  C  CG  . MET A 1 68  ? 3.571   -1.618  1.267   1.000 10.953 ? 107 MET AAA CG  1 ? 
ATOM   580  S  SD  . MET A 1 68  ? 4.422   -2.259  2.751   1.000 12.111 ? 107 MET AAA SD  1 ? 
ATOM   581  C  CE  . MET A 1 68  ? 5.717   -3.264  2.028   1.000 11.417 ? 107 MET AAA CE  1 ? 
ATOM   582  N  N   . GLY A 1 69  ? 5.132   0.996   -2.312  1.000 8.257  ? 108 GLY AAA N   1 ? 
ATOM   583  C  CA  . GLY A 1 69  ? 5.984   2.011   -2.888  1.000 9.499  ? 108 GLY AAA CA  1 ? 
ATOM   584  C  C   . GLY A 1 69  ? 5.242   3.339   -3.021  1.000 9.317  ? 108 GLY AAA C   1 ? 
ATOM   585  O  O   . GLY A 1 69  ? 5.751   4.428   -2.670  1.000 9.323  ? 108 GLY AAA O   1 ? 
ATOM   586  N  N   . THR A 1 70  ? 3.989   3.250   -3.492  1.000 8.575  ? 109 THR AAA N   1 ? 
ATOM   587  C  CA  . THR A 1 70  ? 3.140   4.422   -3.582  1.000 8.386  ? 109 THR AAA CA  1 ? 
ATOM   588  C  C   . THR A 1 70  ? 2.848   4.981   -2.187  1.000 7.491  ? 109 THR AAA C   1 ? 
ATOM   589  O  O   . THR A 1 70  ? 2.911   6.207   -1.983  1.000 7.705  ? 109 THR AAA O   1 ? 
ATOM   590  C  CB  . THR A 1 70  ? 1.835   4.032   -4.275  1.000 8.530  ? 109 THR AAA CB  1 ? 
ATOM   591  O  OG1 . THR A 1 70  ? 2.137   3.642   -5.614  1.000 9.849  ? 109 THR AAA OG1 1 ? 
ATOM   592  C  CG2 . THR A 1 70  ? 0.855   5.183   -4.338  1.000 9.989  ? 109 THR AAA CG2 1 ? 
ATOM   593  N  N   . ILE A 1 71  ? 2.536   4.117   -1.208  1.000 7.328  ? 110 ILE AAA N   1 ? 
ATOM   594  C  CA  . ILE A 1 71  ? 2.239   4.610   0.144   1.000 7.541  ? 110 ILE AAA CA  1 ? 
ATOM   595  C  C   . ILE A 1 71  ? 3.479   5.318   0.710   1.000 7.882  ? 110 ILE AAA C   1 ? 
ATOM   596  O  O   . ILE A 1 71  ? 3.371   6.359   1.344   1.000 8.278  ? 110 ILE AAA O   1 ? 
ATOM   597  C  CB  . ILE A 1 71  ? 1.787   3.449   1.041   1.000 7.337  ? 110 ILE AAA CB  1 ? 
ATOM   598  C  CG1 . ILE A 1 71  ? 0.451   2.895   0.555   1.000 8.173  ? 110 ILE AAA CG1 1 ? 
ATOM   599  C  CG2 . ILE A 1 71  ? 1.737   3.870   2.515   1.000 8.325  ? 110 ILE AAA CG2 1 ? 
ATOM   600  C  CD1 . ILE A 1 71  ? 0.088   1.554   1.181   1.000 8.530  ? 110 ILE AAA CD1 1 ? 
ATOM   601  N  N   . LYS A 1 72  ? 4.678   4.736   0.494   1.000 8.652  ? 111 LYS AAA N   1 ? 
ATOM   602  C  CA  . LYS A 1 72  ? 5.898   5.338   1.006   1.000 9.930  ? 111 LYS AAA CA  1 ? 
ATOM   603  C  C   . LYS A 1 72  ? 6.062   6.724   0.421   1.000 11.091 ? 111 LYS AAA C   1 ? 
ATOM   604  O  O   . LYS A 1 72  ? 6.393   7.659   1.154   1.000 11.765 ? 111 LYS AAA O   1 ? 
ATOM   605  C  CB  . LYS A 1 72  ? 7.065   4.430   0.623   1.000 11.212 ? 111 LYS AAA CB  1 ? 
ATOM   606  C  CG  . LYS A 1 72  ? 8.404   4.942   1.139   1.000 13.993 ? 111 LYS AAA CG  1 ? 
ATOM   607  C  CD  . LYS A 1 72  ? 9.416   3.850   0.834   1.000 15.916 ? 111 LYS AAA CD  1 ? 
ATOM   608  C  CE  . LYS A 1 72  ? 10.759  4.054   1.499   1.000 25.345 ? 111 LYS AAA CE  1 ? 
ATOM   609  N  NZ  . LYS A 1 72  ? 11.450  5.105   0.733   1.000 25.523 ? 111 LYS AAA NZ  1 ? 
ATOM   610  N  N   . LYS A 1 73  ? 5.860   6.868   -0.874  1.000 10.427 ? 112 LYS AAA N   1 ? 
ATOM   611  C  CA  . LYS A 1 73  ? 5.947   8.180   -1.518  1.000 11.914 ? 112 LYS AAA CA  1 ? 
ATOM   612  C  C   . LYS A 1 73  ? 4.905   9.143   -0.950  1.000 10.951 ? 112 LYS AAA C   1 ? 
ATOM   613  O  O   . LYS A 1 73  ? 5.216   10.315  -0.697  1.000 10.979 ? 112 LYS AAA O   1 ? 
ATOM   614  C  CB  . LYS A 1 73  ? 5.778   8.056   -3.032  1.000 14.230 ? 112 LYS AAA CB  1 ? 
ATOM   615  C  CG  . LYS A 1 73  ? 6.944   7.461   -3.815  1.000 20.390 ? 112 LYS AAA CG  1 ? 
ATOM   616  C  CD  . LYS A 1 73  ? 6.636   7.485   -5.309  1.000 23.437 ? 112 LYS AAA CD  1 ? 
ATOM   617  C  CE  . LYS A 1 73  ? 7.789   7.082   -6.204  1.000 28.444 ? 112 LYS AAA CE  1 ? 
ATOM   618  N  NZ  . LYS A 1 73  ? 8.531   5.921   -5.661  1.000 33.841 ? 112 LYS AAA NZ  1 ? 
ATOM   619  N  N   . ARG A 1 74  ? 3.672   8.659   -0.759  1.000 9.381  ? 113 ARG AAA N   1 ? 
ATOM   620  C  CA  . ARG A 1 74  ? 2.615   9.514   -0.214  1.000 8.936  ? 113 ARG AAA CA  1 ? 
ATOM   621  C  C   . ARG A 1 74  ? 2.992   9.989   1.180   1.000 9.233  ? 113 ARG AAA C   1 ? 
ATOM   622  O  O   . ARG A 1 74  ? 2.782   11.169  1.526   1.000 10.258 ? 113 ARG AAA O   1 ? 
ATOM   623  C  CB  . ARG A 1 74  ? 1.275   8.767   -0.207  1.000 8.233  ? 113 ARG AAA CB  1 ? 
ATOM   624  C  CG  . ARG A 1 74  ? 0.649   8.697   -1.613  1.000 7.877  ? 113 ARG AAA CG  1 ? 
ATOM   625  C  CD  . ARG A 1 74  ? -0.649  7.956   -1.606  1.000 8.056  ? 113 ARG AAA CD  1 ? 
ATOM   626  N  NE  . ARG A 1 74  ? -1.274  8.056   -2.924  1.000 7.843  ? 113 ARG AAA NE  1 ? 
ATOM   627  C  CZ  . ARG A 1 74  ? -2.538  7.757   -3.173  1.000 8.132  ? 113 ARG AAA CZ  1 ? 
ATOM   628  N  NH1 . ARG A 1 74  ? -3.337  7.228   -2.252  1.000 9.969  ? 113 ARG AAA NH1 1 ? 
ATOM   629  N  NH2 . ARG A 1 74  ? -3.017  8.028   -4.388  1.000 10.500 ? 113 ARG AAA NH2 1 ? 
ATOM   630  N  N   . LEU A 1 75  ? 3.542   9.111   2.004   1.000 8.770  ? 114 LEU AAA N   1 ? 
ATOM   631  C  CA  . LEU A 1 75  ? 3.911   9.521   3.349   1.000 9.292  ? 114 LEU AAA CA  1 ? 
ATOM   632  C  C   . LEU A 1 75  ? 5.115   10.466  3.304   1.000 11.149 ? 114 LEU AAA C   1 ? 
ATOM   633  O  O   . LEU A 1 75  ? 5.110   11.512  4.032   1.000 12.079 ? 114 LEU AAA O   1 ? 
ATOM   634  C  CB  . LEU A 1 75  ? 4.235   8.292   4.202   1.000 9.359  ? 114 LEU AAA CB  1 ? 
ATOM   635  C  CG  . LEU A 1 75  ? 3.030   7.471   4.635   1.000 8.615  ? 114 LEU AAA CG  1 ? 
ATOM   636  C  CD1 . LEU A 1 75  ? 3.453   6.097   5.139   1.000 9.228  ? 114 LEU AAA CD1 1 ? 
ATOM   637  C  CD2 . LEU A 1 75  ? 2.248   8.203   5.709   1.000 9.518  ? 114 LEU AAA CD2 1 ? 
ATOM   638  N  N   . GLU A 1 76  ? 6.148   10.141  2.516   1.000 11.323 ? 115 GLU AAA N   1 ? 
ATOM   639  C  CA  . GLU A 1 76  ? 7.376   10.940  2.480   1.000 13.659 ? 115 GLU AAA CA  1 ? 
ATOM   640  C  C   . GLU A 1 76  ? 7.092   12.311  1.877   1.000 14.895 ? 115 GLU AAA C   1 ? 
ATOM   641  O  O   . GLU A 1 76  ? 7.744   13.295  2.268   1.000 17.425 ? 115 GLU AAA O   1 ? 
ATOM   642  C  CB  . GLU A 1 76  ? 8.494   10.207  1.753   1.000 15.477 ? 115 GLU AAA CB  1 ? 
ATOM   643  C  CG  . GLU A 1 76  ? 8.966   9.023   2.570   1.000 16.741 ? 115 GLU AAA CG  1 ? 
ATOM   644  C  CD  . GLU A 1 76  ? 10.003  8.174   1.882   1.000 19.994 ? 115 GLU AAA CD  1 ? 
ATOM   645  O  OE1 . GLU A 1 76  ? 10.119  8.301   0.673   1.000 25.304 ? 115 GLU AAA OE1 1 ? 
ATOM   646  O  OE2 . GLU A 1 76  ? 10.600  7.345   2.570   1.000 24.685 ? 115 GLU AAA OE2 1 ? 
ATOM   647  N  N   . ASN A 1 77  ? 6.150   12.400  0.944   1.000 13.531 ? 116 ASN AAA N   1 ? 
ATOM   648  C  CA  . ASN A 1 77  ? 5.842   13.655  0.267   1.000 15.232 ? 116 ASN AAA CA  1 ? 
ATOM   649  C  C   . ASN A 1 77  ? 4.623   14.344  0.872   1.000 14.613 ? 116 ASN AAA C   1 ? 
ATOM   650  O  O   . ASN A 1 77  ? 4.083   15.256  0.206   1.000 17.849 ? 116 ASN AAA O   1 ? 
ATOM   651  C  CB  . ASN A 1 77  ? 5.394   13.413  -1.173  1.000 20.316 ? 116 ASN AAA CB  1 ? 
ATOM   652  C  CG  . ASN A 1 77  ? 6.435   12.828  -2.079  1.000 27.693 ? 116 ASN AAA CG  1 ? 
ATOM   653  O  OD1 . ASN A 1 77  ? 7.590   12.663  -1.693  1.000 29.333 ? 116 ASN AAA OD1 1 ? 
ATOM   654  N  ND2 . ASN A 1 77  ? 5.981   12.427  -3.254  1.000 30.238 ? 116 ASN AAA ND2 1 ? 
ATOM   655  N  N   . ASN A 1 78  ? 4.195   13.977  2.070   1.000 14.154 ? 117 ASN AAA N   1 ? 
ATOM   656  C  CA  . ASN A 1 78  ? 3.064   14.549  2.805   1.000 14.120 ? 117 ASN AAA CA  1 ? 
ATOM   657  C  C   . ASN A 1 78  ? 1.846   14.739  1.902   1.000 15.054 ? 117 ASN AAA C   1 ? 
ATOM   658  O  O   . ASN A 1 78  ? 1.409   15.872  1.612   1.000 17.774 ? 117 ASN AAA O   1 ? 
ATOM   659  C  CB  . ASN A 1 78  ? 3.471   15.854  3.509   1.000 19.274 ? 117 ASN AAA CB  1 ? 
ATOM   660  C  CG  . ASN A 1 78  ? 4.679   15.660  4.404   1.000 20.732 ? 117 ASN AAA CG  1 ? 
ATOM   661  O  OD1 . ASN A 1 78  ? 4.604   14.998  5.444   1.000 25.204 ? 117 ASN AAA OD1 1 ? 
ATOM   662  N  ND2 . ASN A 1 78  ? 5.817   16.187  3.972   1.000 28.436 ? 117 ASN AAA ND2 1 ? 
ATOM   663  N  N   . TYR A 1 79  ? 1.371   13.647  1.323   1.000 10.718 ? 118 TYR AAA N   1 ? 
ATOM   664  C  CA  . TYR A 1 79  ? 0.250   13.709  0.421   1.000 10.100 ? 118 TYR AAA CA  1 ? 
ATOM   665  C  C   . TYR A 1 79  ? -1.085  13.680  1.168   1.000 8.514  ? 118 TYR AAA C   1 ? 
ATOM   666  O  O   . TYR A 1 79  ? -2.122  14.074  0.654   1.000 9.362  ? 118 TYR AAA O   1 ? 
ATOM   667  C  CB  . TYR A 1 79  ? 0.370   12.499  -0.503  1.000 9.501  ? 118 TYR AAA CB  1 ? 
ATOM   668  C  CG  . TYR A 1 79  ? -0.765  12.312  -1.459  1.000 8.988  ? 118 TYR AAA CG  1 ? 
ATOM   669  C  CD1 . TYR A 1 79  ? -0.816  13.058  -2.613  1.000 9.004  ? 118 TYR AAA CD1 1 ? 
ATOM   670  C  CD2 . TYR A 1 79  ? -1.763  11.369  -1.232  1.000 9.731  ? 118 TYR AAA CD2 1 ? 
ATOM   671  C  CE1 . TYR A 1 79  ? -1.842  12.903  -3.519  1.000 10.648 ? 118 TYR AAA CE1 1 ? 
ATOM   672  C  CE2 . TYR A 1 79  ? -2.777  11.177  -2.136  1.000 10.355 ? 118 TYR AAA CE2 1 ? 
ATOM   673  C  CZ  . TYR A 1 79  ? -2.826  11.947  -3.288  1.000 10.398 ? 118 TYR AAA CZ  1 ? 
ATOM   674  O  OH  . TYR A 1 79  ? -3.885  11.702  -4.129  1.000 12.953 ? 118 TYR AAA OH  1 ? 
ATOM   675  N  N   . TYR A 1 80  ? -1.088  13.098  2.369   1.000 9.020  ? 119 TYR AAA N   1 ? 
ATOM   676  C  CA  . TYR A 1 80  ? -2.325  12.782  3.079   1.000 9.350  ? 119 TYR AAA CA  1 ? 
ATOM   677  C  C   . TYR A 1 80  ? -2.792  13.961  3.932   1.000 10.308 ? 119 TYR AAA C   1 ? 
ATOM   678  O  O   . TYR A 1 80  ? -1.975  14.764  4.377   1.000 11.841 ? 119 TYR AAA O   1 ? 
ATOM   679  C  CB  . TYR A 1 80  ? -2.050  11.577  3.985   1.000 9.250  ? 119 TYR AAA CB  1 ? 
ATOM   680  C  CG  . TYR A 1 80  ? -1.782  10.268  3.270   1.000 7.871  ? 119 TYR AAA CG  1 ? 
ATOM   681  C  CD1 . TYR A 1 80  ? -2.713  9.679   2.422   1.000 7.987  ? 119 TYR AAA CD1 1 ? 
ATOM   682  C  CD2 . TYR A 1 80  ? -0.547  9.642   3.450   1.000 8.039  ? 119 TYR AAA CD2 1 ? 
ATOM   683  C  CE1 . TYR A 1 80  ? -2.459  8.440   1.835   1.000 7.711  ? 119 TYR AAA CE1 1 ? 
ATOM   684  C  CE2 . TYR A 1 80  ? -0.284  8.417   2.886   1.000 8.207  ? 119 TYR AAA CE2 1 ? 
ATOM   685  C  CZ  . TYR A 1 80  ? -1.245  7.811   2.109   1.000 8.026  ? 119 TYR AAA CZ  1 ? 
ATOM   686  O  OH  . TYR A 1 80  ? -0.947  6.575   1.564   1.000 9.193  ? 119 TYR AAA OH  1 ? 
ATOM   687  N  N   . TRP A 1 81  ? -4.102  13.972  4.201   1.000 8.828  ? 120 TRP AAA N   1 ? 
ATOM   688  C  CA  . TRP A 1 81  ? -4.656  14.840  5.235   1.000 9.834  ? 120 TRP AAA CA  1 ? 
ATOM   689  C  C   . TRP A 1 81  ? -4.812  14.079  6.557   1.000 8.833  ? 120 TRP AAA C   1 ? 
ATOM   690  O  O   . TRP A 1 81  ? -4.662  14.681  7.627   1.000 9.905  ? 120 TRP AAA O   1 ? 
ATOM   691  C  CB  . TRP A 1 81  ? -6.027  15.368  4.789   1.000 10.519 ? 120 TRP AAA CB  1 ? 
ATOM   692  C  CG  . TRP A 1 81  ? -6.644  16.358  5.760   1.000 9.676  ? 120 TRP AAA CG  1 ? 
ATOM   693  C  CD1 . TRP A 1 81  ? -7.622  16.087  6.710   1.000 11.142 ? 120 TRP AAA CD1 1 ? 
ATOM   694  C  CD2 . TRP A 1 81  ? -6.339  17.747  5.856   1.000 8.851  ? 120 TRP AAA CD2 1 ? 
ATOM   695  N  NE1 . TRP A 1 81  ? -7.911  17.273  7.363   1.000 10.636 ? 120 TRP AAA NE1 1 ? 
ATOM   696  C  CE2 . TRP A 1 81  ? -7.116  18.290  6.910   1.000 9.797  ? 120 TRP AAA CE2 1 ? 
ATOM   697  C  CE3 . TRP A 1 81  ? -5.455  18.613  5.211   1.000 9.838  ? 120 TRP AAA CE3 1 ? 
ATOM   698  C  CZ2 . TRP A 1 81  ? -7.063  19.632  7.237   1.000 10.199 ? 120 TRP AAA CZ2 1 ? 
ATOM   699  C  CZ3 . TRP A 1 81  ? -5.397  19.941  5.550   1.000 10.600 ? 120 TRP AAA CZ3 1 ? 
ATOM   700  C  CH2 . TRP A 1 81  ? -6.185  20.441  6.592   1.000 11.047 ? 120 TRP AAA CH2 1 ? 
ATOM   701  N  N   . ASN A 1 82  ? -5.084  12.786  6.548   1.000 9.715  ? 121 ASN AAA N   1 ? 
ATOM   702  C  CA  . ASN A 1 82  ? -5.306  12.068  7.796   1.000 9.416  ? 121 ASN AAA CA  1 ? 
ATOM   703  C  C   . ASN A 1 82  ? -4.816  10.621  7.702   1.000 9.844  ? 121 ASN AAA C   1 ? 
ATOM   704  O  O   . ASN A 1 82  ? -4.519  10.097  6.607   1.000 9.654  ? 121 ASN AAA O   1 ? 
ATOM   705  C  CB  . ASN A 1 82  ? -6.745  12.191  8.298   1.000 10.173 ? 121 ASN AAA CB  1 ? 
ATOM   706  C  CG  . ASN A 1 82  ? -7.760  11.556  7.378   1.000 10.431 ? 121 ASN AAA CG  1 ? 
ATOM   707  O  OD1 . ASN A 1 82  ? -7.469  10.511  6.751   1.000 12.332 ? 121 ASN AAA OD1 1 ? 
ATOM   708  N  ND2 . ASN A 1 82  ? -8.989  12.045  7.268   1.000 11.528 ? 121 ASN AAA ND2 1 ? 
ATOM   709  N  N   . ALA A 1 83  ? -4.775  9.971   8.855   1.000 9.069  ? 122 ALA AAA N   1 ? 
ATOM   710  C  CA  . ALA A 1 83  ? -4.326  8.597   8.932   1.000 10.162 ? 122 ALA AAA CA  1 ? 
ATOM   711  C  C   . ALA A 1 83  ? -5.288  7.671   8.230   1.000 9.247  ? 122 ALA AAA C   1 ? 
ATOM   712  O  O   . ALA A 1 83  ? -4.806  6.669   7.682   1.000 9.313  ? 122 ALA AAA O   1 ? 
ATOM   713  C  CB  . ALA A 1 83  ? -4.164  8.197   10.388  1.000 11.081 ? 122 ALA AAA CB  1 ? 
ATOM   714  N  N   . GLN A 1 84  ? -6.571  7.936   8.246   1.000 9.082  ? 123 GLN AAA N   1 ? 
ATOM   715  C  CA  . GLN A 1 84  ? -7.535  7.049   7.637   1.000 10.528 ? 123 GLN AAA CA  1 ? 
ATOM   716  C  C   . GLN A 1 84  ? -7.262  6.880   6.146   1.000 8.154  ? 123 GLN AAA C   1 ? 
ATOM   717  O  O   . GLN A 1 84  ? -7.423  5.773   5.624   1.000 8.888  ? 123 GLN AAA O   1 ? 
ATOM   718  C  CB  . GLN A 1 84  ? -8.978  7.498   7.836   1.000 12.146 ? 123 GLN AAA CB  1 ? 
ATOM   719  C  CG  . GLN A 1 84  ? -10.019 6.484   7.334   1.000 16.438 ? 123 GLN AAA CG  1 ? 
ATOM   720  C  CD  . GLN A 1 84  ? -9.668  5.061   7.751   0.500 19.096 ? 123 GLN AAA CD  1 ? 
ATOM   721  O  OE1 . GLN A 1 84  ? -9.461  4.149   6.925   0.500 22.772 ? 123 GLN AAA OE1 1 ? 
ATOM   722  N  NE2 . GLN A 1 84  ? -9.427  4.889   9.041   0.500 20.932 ? 123 GLN AAA NE2 1 ? 
ATOM   723  N  N   . GLU A 1 85  ? -6.846  7.949   5.459   1.000 8.086  ? 124 GLU AAA N   1 ? 
ATOM   724  C  CA  . GLU A 1 85  ? -6.526  7.829   4.031   1.000 8.121  ? 124 GLU AAA CA  1 ? 
ATOM   725  C  C   . GLU A 1 85  ? -5.394  6.819   3.828   1.000 7.572  ? 124 GLU AAA C   1 ? 
ATOM   726  O  O   . GLU A 1 85  ? -5.437  6.004   2.869   1.000 8.702  ? 124 GLU AAA O   1 ? 
ATOM   727  C  CB  . GLU A 1 85  ? -6.087  9.177   3.443   1.000 8.984  ? 124 GLU AAA CB  1 ? 
ATOM   728  C  CG  . GLU A 1 85  ? -7.181  10.238  3.235   1.000 11.406 ? 124 GLU AAA CG  1 ? 
ATOM   729  C  CD  . GLU A 1 85  ? -6.401  11.492  2.761   1.000 12.863 ? 124 GLU AAA CD  1 ? 
ATOM   730  O  OE1 . GLU A 1 85  ? -6.284  11.736  1.533   1.000 18.137 ? 124 GLU AAA OE1 1 ? 
ATOM   731  O  OE2 . GLU A 1 85  ? -5.817  12.128  3.560   1.000 16.763 ? 124 GLU AAA OE2 1 ? 
ATOM   732  N  N   . CYS A 1 86  ? -4.385  6.854   4.674   1.000 7.255  ? 125 CYS AAA N   1 ? 
ATOM   733  C  CA  . CYS A 1 86  ? -3.236  5.973   4.510   1.000 7.654  ? 125 CYS AAA CA  1 ? 
ATOM   734  C  C   . CYS A 1 86  ? -3.604  4.550   4.901   1.000 7.488  ? 125 CYS AAA C   1 ? 
ATOM   735  O  O   . CYS A 1 86  ? -3.243  3.595   4.197   1.000 7.705  ? 125 CYS AAA O   1 ? 
ATOM   736  C  CB  . CYS A 1 86  ? -2.112  6.533   5.371   1.000 8.251  ? 125 CYS AAA CB  1 ? 
ATOM   737  S  SG  . CYS A 1 86  ? -0.635  5.506   5.353   1.000 10.052 ? 125 CYS AAA SG  1 ? 
ATOM   738  N  N   . ILE A 1 87  ? -4.324  4.377   6.012   1.000 7.438  ? 126 ILE AAA N   1 ? 
ATOM   739  C  CA  . ILE A 1 87  ? -4.798  3.054   6.406   1.000 7.737  ? 126 ILE AAA CA  1 ? 
ATOM   740  C  C   . ILE A 1 87  ? -5.622  2.436   5.282   1.000 7.862  ? 126 ILE AAA C   1 ? 
ATOM   741  O  O   . ILE A 1 87  ? -5.482  1.225   5.001   1.000 8.025  ? 126 ILE AAA O   1 ? 
ATOM   742  C  CB  . ILE A 1 87  ? -5.566  3.181   7.736   1.000 8.533  ? 126 ILE AAA CB  1 ? 
ATOM   743  C  CG1 . ILE A 1 87  ? -4.566  3.501   8.841   1.000 9.481  ? 126 ILE AAA CG1 1 ? 
ATOM   744  C  CG2 . ILE A 1 87  ? -6.312  1.884   8.044   1.000 9.761  ? 126 ILE AAA CG2 1 ? 
ATOM   745  C  CD1 . ILE A 1 87  ? -5.265  3.967   10.157  1.000 11.351 ? 126 ILE AAA CD1 1 ? 
ATOM   746  N  N   . GLN A 1 88  ? -6.482  3.242   4.650   1.000 7.765  ? 127 GLN AAA N   1 ? 
ATOM   747  C  CA  . GLN A 1 88  ? -7.260  2.722   3.550   1.000 8.883  ? 127 GLN AAA CA  1 ? 
ATOM   748  C  C   . GLN A 1 88  ? -6.343  2.251   2.411   1.000 7.538  ? 127 GLN AAA C   1 ? 
ATOM   749  O  O   . GLN A 1 88  ? -6.653  1.242   1.796   1.000 8.132  ? 127 GLN AAA O   1 ? 
ATOM   750  C  CB  . GLN A 1 88  ? -8.258  3.769   3.034   1.000 10.974 ? 127 GLN AAA CB  1 ? 
ATOM   751  C  CG  . GLN A 1 88  ? -9.026  3.295   1.791   1.000 15.409 ? 127 GLN AAA CG  1 ? 
ATOM   752  C  CD  . GLN A 1 88  ? -9.824  2.044   2.098   1.000 22.827 ? 127 GLN AAA CD  1 ? 
ATOM   753  O  OE1 . GLN A 1 88  ? -9.559  0.903   1.644   1.000 24.421 ? 127 GLN AAA OE1 1 ? 
ATOM   754  N  NE2 . GLN A 1 88  ? -10.834 2.254   2.927   1.000 23.653 ? 127 GLN AAA NE2 1 ? 
ATOM   755  N  N   . ASP A 1 89  ? -5.275  2.974   2.110   1.000 6.548  ? 128 ASP AAA N   1 ? 
ATOM   756  C  CA  . ASP A 1 89  ? -4.358  2.520   1.067   1.000 6.868  ? 128 ASP AAA CA  1 ? 
ATOM   757  C  C   . ASP A 1 89  ? -3.752  1.172   1.432   1.000 6.914  ? 128 ASP AAA C   1 ? 
ATOM   758  O  O   . ASP A 1 89  ? -3.668  0.275   0.565   1.000 7.535  ? 128 ASP AAA O   1 ? 
ATOM   759  C  CB  . ASP A 1 89  ? -3.267  3.547   0.828   1.000 7.152  ? 128 ASP AAA CB  1 ? 
ATOM   760  C  CG  . ASP A 1 89  ? -3.720  4.787   0.078   1.000 7.793  ? 128 ASP AAA CG  1 ? 
ATOM   761  O  OD1 . ASP A 1 89  ? -4.813  4.739   -0.544  1.000 9.674  ? 128 ASP AAA OD1 1 ? 
ATOM   762  O  OD2 . ASP A 1 89  ? -2.933  5.769   0.097   1.000 8.875  ? 128 ASP AAA OD2 1 ? 
ATOM   763  N  N   . PHE A 1 90  ? -3.286  0.968   2.674   1.000 6.662  ? 129 PHE AAA N   1 ? 
ATOM   764  C  CA  . PHE A 1 90  ? -2.810  -0.372  3.035   1.000 7.179  ? 129 PHE AAA CA  1 ? 
ATOM   765  C  C   . PHE A 1 90  ? -3.894  -1.429  2.859   1.000 7.034  ? 129 PHE AAA C   1 ? 
ATOM   766  O  O   . PHE A 1 90  ? -3.636  -2.507  2.310   1.000 7.968  ? 129 PHE AAA O   1 ? 
ATOM   767  C  CB  . PHE A 1 90  ? -2.306  -0.396  4.473   1.000 7.780  ? 129 PHE AAA CB  1 ? 
ATOM   768  C  CG  . PHE A 1 90  ? -0.915  0.139   4.686   1.000 8.101  ? 129 PHE AAA CG  1 ? 
ATOM   769  C  CD1 . PHE A 1 90  ? 0.188   -0.659  4.421   1.000 9.254  ? 129 PHE AAA CD1 1 ? 
ATOM   770  C  CD2 . PHE A 1 90  ? -0.716  1.419   5.181   1.000 8.293  ? 129 PHE AAA CD2 1 ? 
ATOM   771  C  CE1 . PHE A 1 90  ? 1.470   -0.187  4.648   1.000 10.238 ? 129 PHE AAA CE1 1 ? 
ATOM   772  C  CE2 . PHE A 1 90  ? 0.576   1.882   5.410   1.000 8.976  ? 129 PHE AAA CE2 1 ? 
ATOM   773  C  CZ  . PHE A 1 90  ? 1.654   1.080   5.138   1.000 10.157 ? 129 PHE AAA CZ  1 ? 
ATOM   774  N  N   . ASN A 1 91  ? -5.106  -1.148  3.320   1.000 8.194  ? 130 ASN AAA N   1 ? 
ATOM   775  C  CA  . ASN A 1 91  ? -6.175  -2.126  3.201   1.000 8.505  ? 130 ASN AAA CA  1 ? 
ATOM   776  C  C   . ASN A 1 91  ? -6.512  -2.423  1.739   1.000 8.157  ? 130 ASN AAA C   1 ? 
ATOM   777  O  O   . ASN A 1 91  ? -6.790  -3.575  1.400   1.000 9.008  ? 130 ASN AAA O   1 ? 
ATOM   778  C  CB  . ASN A 1 91  ? -7.382  -1.667  3.995   1.000 10.684 ? 130 ASN AAA CB  1 ? 
ATOM   779  C  CG  . ASN A 1 91  ? -7.088  -1.936  5.468   1.000 14.470 ? 130 ASN AAA CG  1 ? 
ATOM   780  O  OD1 . ASN A 1 91  ? -6.413  -2.907  5.842   1.000 21.189 ? 130 ASN AAA OD1 1 ? 
ATOM   781  N  ND2 . ASN A 1 91  ? -7.539  -1.058  6.305   1.000 18.419 ? 130 ASN AAA ND2 1 ? 
ATOM   782  N  N   . THR A 1 92  ? -6.451  -1.410  0.875   1.000 7.507  ? 131 THR AAA N   1 ? 
ATOM   783  C  CA  . THR A 1 92  ? -6.679  -1.665  -0.542  1.000 7.797  ? 131 THR AAA CA  1 ? 
ATOM   784  C  C   . THR A 1 92  ? -5.597  -2.610  -1.088  1.000 7.278  ? 131 THR AAA C   1 ? 
ATOM   785  O  O   . THR A 1 92  ? -5.922  -3.520  -1.876  1.000 7.639  ? 131 THR AAA O   1 ? 
ATOM   786  C  CB  . THR A 1 92  ? -6.648  -0.349  -1.287  1.000 8.238  ? 131 THR AAA CB  1 ? 
ATOM   787  O  OG1 . THR A 1 92  ? -7.759  0.437   -0.840  1.000 10.667 ? 131 THR AAA OG1 1 ? 
ATOM   788  C  CG2 . THR A 1 92  ? -6.688  -0.525  -2.789  1.000 9.194  ? 131 THR AAA CG2 1 ? 
ATOM   789  N  N   . MET A 1 93  ? -4.328  -2.348  -0.762  1.000 6.762  ? 132 MET AAA N   1 ? 
ATOM   790  C  CA  . MET A 1 93  ? -3.256  -3.216  -1.223  1.000 7.358  ? 132 MET AAA CA  1 ? 
ATOM   791  C  C   . MET A 1 93  ? -3.480  -4.665  -0.804  1.000 6.876  ? 132 MET AAA C   1 ? 
ATOM   792  O  O   . MET A 1 93  ? -3.358  -5.583  -1.629  1.000 7.521  ? 132 MET AAA O   1 ? 
ATOM   793  C  CB  . MET A 1 93  ? -1.959  -2.725  -0.620  1.000 6.883  ? 132 MET AAA CB  1 ? 
ATOM   794  C  CG  . MET A 1 93  ? -0.748  -3.583  -0.967  1.000 8.561  ? 132 MET AAA CG  1 ? 
ATOM   795  S  SD  . MET A 1 93  ? 0.743   -3.013  -0.183  1.000 9.273  ? 132 MET AAA SD  1 ? 
ATOM   796  C  CE  . MET A 1 93  ? 0.476   -3.694  1.456   1.000 12.960 ? 132 MET AAA CE  1 ? 
ATOM   797  N  N   . PHE A 1 94  ? -3.842  -4.899  0.466   1.000 7.156  ? 133 PHE AAA N   1 ? 
ATOM   798  C  CA  . PHE A 1 94  ? -4.059  -6.284  0.901   1.000 7.488  ? 133 PHE AAA CA  1 ? 
ATOM   799  C  C   . PHE A 1 94  ? -5.255  -6.869  0.157   1.000 7.549  ? 133 PHE AAA C   1 ? 
ATOM   800  O  O   . PHE A 1 94  ? -5.205  -8.013  -0.318  1.000 8.190  ? 133 PHE AAA O   1 ? 
ATOM   801  C  CB  . PHE A 1 94  ? -4.300  -6.383  2.409   1.000 8.279  ? 133 PHE AAA CB  1 ? 
ATOM   802  C  CG  . PHE A 1 94  ? -3.125  -5.975  3.244   1.000 8.287  ? 133 PHE AAA CG  1 ? 
ATOM   803  C  CD1 . PHE A 1 94  ? -1.927  -6.603  3.038   1.000 10.452 ? 133 PHE AAA CD1 1 ? 
ATOM   804  C  CD2 . PHE A 1 94  ? -3.196  -5.010  4.233   1.000 9.600  ? 133 PHE AAA CD2 1 ? 
ATOM   805  C  CE1 . PHE A 1 94  ? -0.795  -6.293  3.777   1.000 12.413 ? 133 PHE AAA CE1 1 ? 
ATOM   806  C  CE2 . PHE A 1 94  ? -2.054  -4.697  4.959   1.000 11.036 ? 133 PHE AAA CE2 1 ? 
ATOM   807  C  CZ  . PHE A 1 94  ? -0.880  -5.327  4.732   1.000 11.027 ? 133 PHE AAA CZ  1 ? 
ATOM   808  N  N   . THR A 1 95  ? -6.364  -6.112  0.044   1.000 8.452  ? 134 THR AAA N   1 ? 
ATOM   809  C  CA  A THR A 1 95  ? -7.533  -6.664  -0.618  0.500 10.430 ? 134 THR AAA CA  1 ? 
ATOM   810  C  CA  B THR A 1 95  ? -7.572  -6.523  -0.673  0.500 8.809  ? 134 THR AAA CA  1 ? 
ATOM   811  C  C   . THR A 1 95  ? -7.244  -6.937  -2.094  1.000 9.512  ? 134 THR AAA C   1 ? 
ATOM   812  O  O   . THR A 1 95  ? -7.768  -7.938  -2.621  1.000 10.325 ? 134 THR AAA O   1 ? 
ATOM   813  C  CB  A THR A 1 95  ? -8.786  -5.841  -0.276  0.500 11.538 ? 134 THR AAA CB  1 ? 
ATOM   814  C  CB  B THR A 1 95  ? -8.627  -5.394  -0.694  0.500 7.410  ? 134 THR AAA CB  1 ? 
ATOM   815  O  OG1 A THR A 1 95  ? -9.881  -6.372  -1.015  0.500 15.940 ? 134 THR AAA OG1 1 ? 
ATOM   816  O  OG1 B THR A 1 95  ? -8.947  -5.284  0.691   0.500 9.087  ? 134 THR AAA OG1 1 ? 
ATOM   817  C  CG2 A THR A 1 95  ? -8.616  -4.387  -0.622  0.500 14.843 ? 134 THR AAA CG2 1 ? 
ATOM   818  C  CG2 B THR A 1 95  ? -9.889  -5.730  -1.460  0.500 8.113  ? 134 THR AAA CG2 1 ? 
ATOM   819  N  N   . ASN A 1 96  ? -6.457  -6.119  -2.788  1.000 8.961  ? 135 ASN AAA N   1 ? 
ATOM   820  C  CA  . ASN A 1 96  ? -6.139  -6.428  -4.172  1.000 9.176  ? 135 ASN AAA CA  1 ? 
ATOM   821  C  C   . ASN A 1 96  ? -5.547  -7.832  -4.238  1.000 8.250  ? 135 ASN AAA C   1 ? 
ATOM   822  O  O   . ASN A 1 96  ? -5.825  -8.614  -5.154  1.000 8.357  ? 135 ASN AAA O   1 ? 
ATOM   823  C  CB  . ASN A 1 96  ? -5.066  -5.502  -4.747  1.000 10.551 ? 135 ASN AAA CB  1 ? 
ATOM   824  C  CG  . ASN A 1 96  ? -5.424  -4.054  -5.011  1.000 12.521 ? 135 ASN AAA CG  1 ? 
ATOM   825  O  OD1 . ASN A 1 96  ? -6.593  -3.748  -4.926  1.000 14.393 ? 135 ASN AAA OD1 1 ? 
ATOM   826  N  ND2 . ASN A 1 96  ? -4.378  -3.291  -5.350  1.000 12.230 ? 135 ASN AAA ND2 1 ? 
ATOM   827  N  N   . CYS A 1 97  ? -4.614  -8.114  -3.344  1.000 7.042  ? 136 CYS AAA N   1 ? 
ATOM   828  C  CA  . CYS A 1 97  ? -3.920  -9.399  -3.340  1.000 7.430  ? 136 CYS AAA CA  1 ? 
ATOM   829  C  C   . CYS A 1 97  ? -4.902  -10.552 -3.147  1.000 7.201  ? 136 CYS AAA C   1 ? 
ATOM   830  O  O   . CYS A 1 97  ? -4.819  -11.560 -3.844  1.000 8.094  ? 136 CYS AAA O   1 ? 
ATOM   831  C  CB  . CYS A 1 97  ? -2.850  -9.352  -2.260  1.000 7.950  ? 136 CYS AAA CB  1 ? 
ATOM   832  S  SG  . CYS A 1 97  ? -1.819  -10.831 -2.245  1.000 10.183 ? 136 CYS AAA SG  1 ? 
ATOM   833  N  N   . TYR A 1 98  ? -5.799  -10.372 -2.183  1.000 7.004  ? 137 TYR AAA N   1 ? 
ATOM   834  C  CA  . TYR A 1 98  ? -6.729  -11.424 -1.833  1.000 8.232  ? 137 TYR AAA CA  1 ? 
ATOM   835  C  C   . TYR A 1 98  ? -7.767  -11.620 -2.914  1.000 8.566  ? 137 TYR AAA C   1 ? 
ATOM   836  O  O   . TYR A 1 98  ? -8.280  -12.746 -3.062  1.000 11.393 ? 137 TYR AAA O   1 ? 
ATOM   837  C  CB  . TYR A 1 98  ? -7.372  -11.161 -0.480  1.000 8.603  ? 137 TYR AAA CB  1 ? 
ATOM   838  C  CG  . TYR A 1 98  ? -6.383  -10.971 0.643   1.000 8.929  ? 137 TYR AAA CG  1 ? 
ATOM   839  C  CD1 . TYR A 1 98  ? -5.183  -11.644 0.704   1.000 9.238  ? 137 TYR AAA CD1 1 ? 
ATOM   840  C  CD2 . TYR A 1 98  ? -6.668  -10.106 1.682   1.000 9.224  ? 137 TYR AAA CD2 1 ? 
ATOM   841  C  CE1 . TYR A 1 98  ? -4.297  -11.480 1.763   1.000 10.463 ? 137 TYR AAA CE1 1 ? 
ATOM   842  C  CE2 . TYR A 1 98  ? -5.810  -9.943  2.746   1.000 9.295  ? 137 TYR AAA CE2 1 ? 
ATOM   843  C  CZ  . TYR A 1 98  ? -4.628  -10.629 2.793   1.000 9.832  ? 137 TYR AAA CZ  1 ? 
ATOM   844  O  OH  . TYR A 1 98  ? -3.754  -10.478 3.840   1.000 12.705 ? 137 TYR AAA OH  1 ? 
ATOM   845  N  N   . ILE A 1 99  ? -8.116  -10.589 -3.648  1.000 8.754  ? 138 ILE AAA N   1 ? 
ATOM   846  C  CA  . ILE A 1 99  ? -9.106  -10.706 -4.710  1.000 10.038 ? 138 ILE AAA CA  1 ? 
ATOM   847  C  C   . ILE A 1 99  ? -8.491  -11.386 -5.926  1.000 9.738  ? 138 ILE AAA C   1 ? 
ATOM   848  O  O   . ILE A 1 99  ? -9.135  -12.239 -6.556  1.000 11.689 ? 138 ILE AAA O   1 ? 
ATOM   849  C  CB  . ILE A 1 99  ? -9.652  -9.309  -5.091  1.000 11.678 ? 138 ILE AAA CB  1 ? 
ATOM   850  C  CG1 . ILE A 1 99  ? -10.540 -8.760  -3.987  1.000 13.795 ? 138 ILE AAA CG1 1 ? 
ATOM   851  C  CG2 . ILE A 1 99  ? -10.382 -9.295  -6.450  1.000 13.254 ? 138 ILE AAA CG2 1 ? 
ATOM   852  C  CD1 . ILE A 1 99  ? -11.802 -9.572  -3.800  1.000 19.619 ? 138 ILE AAA CD1 1 ? 
ATOM   853  N  N   . TYR A 1 100 ? -7.258  -11.027 -6.285  1.000 8.625  ? 139 TYR AAA N   1 ? 
ATOM   854  C  CA  . TYR A 1 100 ? -6.717  -11.492 -7.534  1.000 9.165  ? 139 TYR AAA CA  1 ? 
ATOM   855  C  C   . TYR A 1 100 ? -6.199  -12.914 -7.428  1.000 9.062  ? 139 TYR AAA C   1 ? 
ATOM   856  O  O   . TYR A 1 100 ? -6.260  -13.694 -8.389  1.000 9.916  ? 139 TYR AAA O   1 ? 
ATOM   857  C  CB  . TYR A 1 100 ? -5.604  -10.564 -8.024  1.000 8.725  ? 139 TYR AAA CB  1 ? 
ATOM   858  C  CG  . TYR A 1 100 ? -5.103  -10.954 -9.392  1.000 8.309  ? 139 TYR AAA CG  1 ? 
ATOM   859  C  CD1 . TYR A 1 100 ? -5.848  -10.689 -10.545 1.000 9.221  ? 139 TYR AAA CD1 1 ? 
ATOM   860  C  CD2 . TYR A 1 100 ? -3.973  -11.733 -9.540  1.000 8.426  ? 139 TYR AAA CD2 1 ? 
ATOM   861  C  CE1 . TYR A 1 100 ? -5.471  -11.151 -11.805 1.000 9.643  ? 139 TYR AAA CE1 1 ? 
ATOM   862  C  CE2 . TYR A 1 100 ? -3.560  -12.188 -10.795 1.000 9.969  ? 139 TYR AAA CE2 1 ? 
ATOM   863  C  CZ  . TYR A 1 100 ? -4.313  -11.882 -11.924 1.000 9.928  ? 139 TYR AAA CZ  1 ? 
ATOM   864  O  OH  . TYR A 1 100 ? -3.866  -12.335 -13.151 1.000 11.665 ? 139 TYR AAA OH  1 ? 
ATOM   865  N  N   . ASN A 1 101 ? -5.625  -13.264 -6.281  1.000 8.962  ? 140 ASN AAA N   1 ? 
ATOM   866  C  CA  . ASN A 1 101 ? -4.885  -14.513 -6.149  1.000 9.706  ? 140 ASN AAA CA  1 ? 
ATOM   867  C  C   . ASN A 1 101 ? -5.707  -15.570 -5.421  1.000 10.833 ? 140 ASN AAA C   1 ? 
ATOM   868  O  O   . ASN A 1 101 ? -6.551  -15.241 -4.592  1.000 14.164 ? 140 ASN AAA O   1 ? 
ATOM   869  C  CB  . ASN A 1 101 ? -3.570  -14.275 -5.404  1.000 8.813  ? 140 ASN AAA CB  1 ? 
ATOM   870  C  CG  . ASN A 1 101 ? -2.685  -13.321 -6.174  1.000 8.559  ? 140 ASN AAA CG  1 ? 
ATOM   871  O  OD1 . ASN A 1 101 ? -2.052  -13.692 -7.144  1.000 10.206 ? 140 ASN AAA OD1 1 ? 
ATOM   872  N  ND2 . ASN A 1 101 ? -2.683  -12.078 -5.754  1.000 8.965  ? 140 ASN AAA ND2 1 ? 
ATOM   873  N  N   . LYS A 1 102 ? -5.357  -16.848 -5.632  1.000 13.230 ? 141 LYS AAA N   1 ? 
ATOM   874  C  CA  . LYS A 1 102 ? -6.017  -17.970 -4.961  1.000 14.143 ? 141 LYS AAA CA  1 ? 
ATOM   875  C  C   . LYS A 1 102 ? -5.565  -18.061 -3.506  1.000 13.508 ? 141 LYS AAA C   1 ? 
ATOM   876  O  O   . LYS A 1 102 ? -4.415  -17.793 -3.167  1.000 12.941 ? 141 LYS AAA O   1 ? 
ATOM   877  C  CB  . LYS A 1 102 ? -5.656  -19.288 -5.666  1.000 17.077 ? 141 LYS AAA CB  1 ? 
ATOM   878  C  CG  . LYS A 1 102 ? -6.109  -19.373 -7.124  1.000 22.756 ? 141 LYS AAA CG  1 ? 
ATOM   879  C  CD  . LYS A 1 102 ? -5.967  -20.744 -7.719  0.500 21.730 ? 141 LYS AAA CD  1 ? 
ATOM   880  C  CE  . LYS A 1 102 ? -6.114  -20.729 -9.220  0.500 26.187 ? 141 LYS AAA CE  1 ? 
ATOM   881  N  NZ  . LYS A 1 102 ? -5.262  -21.766 -9.838  1.000 34.436 ? 141 LYS AAA NZ  1 ? 
ATOM   882  N  N   . PRO A 1 103 ? -6.450  -18.458 -2.558  1.000 14.622 ? 142 PRO AAA N   1 ? 
ATOM   883  C  CA  . PRO A 1 103 ? -6.064  -18.582 -1.157  1.000 15.422 ? 142 PRO AAA CA  1 ? 
ATOM   884  C  C   . PRO A 1 103 ? -4.900  -19.561 -1.044  1.000 17.586 ? 142 PRO AAA C   1 ? 
ATOM   885  O  O   . PRO A 1 103 ? -4.853  -20.542 -1.779  1.000 19.271 ? 142 PRO AAA O   1 ? 
ATOM   886  C  CB  . PRO A 1 103 ? -7.315  -19.084 -0.411  1.000 18.362 ? 142 PRO AAA CB  1 ? 
ATOM   887  C  CG  . PRO A 1 103 ? -8.447  -19.028 -1.373  1.000 19.022 ? 142 PRO AAA CG  1 ? 
ATOM   888  C  CD  . PRO A 1 103 ? -7.890  -18.746 -2.759  1.000 16.024 ? 142 PRO AAA CD  1 ? 
ATOM   889  N  N   . GLY A 1 104 ? -3.936  -19.280 -0.165  1.000 20.331 ? 143 GLY AAA N   1 ? 
ATOM   890  C  CA  . GLY A 1 104 ? -2.809  -20.219 -0.143  1.000 21.285 ? 143 GLY AAA CA  1 ? 
ATOM   891  C  C   . GLY A 1 104 ? -1.781  -20.134 -1.291  1.000 19.277 ? 143 GLY AAA C   1 ? 
ATOM   892  O  O   . GLY A 1 104 ? -0.729  -20.785 -1.188  1.000 19.270 ? 143 GLY AAA O   1 ? 
ATOM   893  N  N   . ASP A 1 105 ? -1.981  -19.312 -2.352  1.000 14.171 ? 144 ASP AAA N   1 ? 
ATOM   894  C  CA  . ASP A 1 105 ? -0.847  -18.892 -3.163  1.000 12.796 ? 144 ASP AAA CA  1 ? 
ATOM   895  C  C   . ASP A 1 105 ? 0.218   -18.240 -2.274  1.000 10.597 ? 144 ASP AAA C   1 ? 
ATOM   896  O  O   . ASP A 1 105 ? -0.085  -17.583 -1.271  1.000 10.661 ? 144 ASP AAA O   1 ? 
ATOM   897  C  CB  . ASP A 1 105 ? -1.283  -17.899 -4.240  1.000 13.572 ? 144 ASP AAA CB  1 ? 
ATOM   898  C  CG  . ASP A 1 105 ? -1.987  -18.482 -5.453  1.000 18.601 ? 144 ASP AAA CG  1 ? 
ATOM   899  O  OD1 . ASP A 1 105 ? -2.143  -19.719 -5.533  1.000 22.377 ? 144 ASP AAA OD1 1 ? 
ATOM   900  O  OD2 . ASP A 1 105 ? -2.417  -17.669 -6.308  1.000 21.902 ? 144 ASP AAA OD2 1 ? 
ATOM   901  N  N   . ASP A 1 106 ? 1.487   -18.366 -2.676  1.000 9.691  ? 145 ASP AAA N   1 ? 
ATOM   902  C  CA  . ASP A 1 106 ? 2.553   -17.763 -1.912  1.000 9.696  ? 145 ASP AAA CA  1 ? 
ATOM   903  C  C   . ASP A 1 106 ? 2.299   -16.283 -1.657  1.000 8.859  ? 145 ASP AAA C   1 ? 
ATOM   904  O  O   . ASP A 1 106 ? 2.547   -15.825 -0.541  1.000 9.370  ? 145 ASP AAA O   1 ? 
ATOM   905  C  CB  . ASP A 1 106 ? 3.892   -17.907 -2.620  1.000 10.263 ? 145 ASP AAA CB  1 ? 
ATOM   906  C  CG  . ASP A 1 106 ? 4.492   -19.305 -2.479  1.000 12.395 ? 145 ASP AAA CG  1 ? 
ATOM   907  O  OD1 . ASP A 1 106 ? 4.114   -20.052 -1.589  1.000 12.443 ? 145 ASP AAA OD1 1 ? 
ATOM   908  O  OD2 . ASP A 1 106 ? 5.405   -19.605 -3.297  1.000 13.952 ? 145 ASP AAA OD2 1 ? 
ATOM   909  N  N   . ILE A 1 107 ? 1.888   -15.540 -2.669  1.000 8.844  ? 146 ILE AAA N   1 ? 
ATOM   910  C  CA  . ILE A 1 107 ? 1.732   -14.101 -2.443  1.000 9.233  ? 146 ILE AAA CA  1 ? 
ATOM   911  C  C   . ILE A 1 107 ? 0.662   -13.782 -1.381  1.000 7.959  ? 146 ILE AAA C   1 ? 
ATOM   912  O  O   . ILE A 1 107 ? 0.778   -12.800 -0.642  1.000 8.288  ? 146 ILE AAA O   1 ? 
ATOM   913  C  CB  . ILE A 1 107 ? 1.482   -13.367 -3.764  1.000 9.836  ? 146 ILE AAA CB  1 ? 
ATOM   914  C  CG1 . ILE A 1 107 ? 1.707   -11.849 -3.583  1.000 12.478 ? 146 ILE AAA CG1 1 ? 
ATOM   915  C  CG2 . ILE A 1 107 ? 0.118   -13.732 -4.382  1.000 10.251 ? 146 ILE AAA CG2 1 ? 
ATOM   916  C  CD1 . ILE A 1 107 ? 1.746   -10.958 -4.801  1.000 15.838 ? 146 ILE AAA CD1 1 ? 
ATOM   917  N  N   . VAL A 1 108 ? -0.379  -14.621 -1.304  1.000 7.743  ? 147 VAL AAA N   1 ? 
ATOM   918  C  CA  . VAL A 1 108 ? -1.388  -14.442 -0.280  1.000 7.915  ? 147 VAL AAA CA  1 ? 
ATOM   919  C  C   . VAL A 1 108 ? -0.824  -14.741 1.095   1.000 8.366  ? 147 VAL AAA C   1 ? 
ATOM   920  O  O   . VAL A 1 108 ? -1.107  -14.016 2.041   1.000 9.009  ? 147 VAL AAA O   1 ? 
ATOM   921  C  CB  . VAL A 1 108 ? -2.570  -15.348 -0.587  1.000 7.995  ? 147 VAL AAA CB  1 ? 
ATOM   922  C  CG1 . VAL A 1 108 ? -3.617  -15.284 0.521   1.000 9.600  ? 147 VAL AAA CG1 1 ? 
ATOM   923  C  CG2 . VAL A 1 108 ? -3.241  -14.878 -1.867  1.000 9.175  ? 147 VAL AAA CG2 1 ? 
ATOM   924  N  N   . LEU A 1 109 ? -0.038  -15.813 1.250   1.000 8.325  ? 148 LEU AAA N   1 ? 
ATOM   925  C  CA  . LEU A 1 109 ? 0.642   -16.063 2.538   1.000 9.484  ? 148 LEU AAA CA  1 ? 
ATOM   926  C  C   . LEU A 1 109 ? 1.532   -14.888 2.938   1.000 8.870  ? 148 LEU AAA C   1 ? 
ATOM   927  O  O   . LEU A 1 109 ? 1.617   -14.498 4.111   1.000 9.138  ? 148 LEU AAA O   1 ? 
ATOM   928  C  CB  . LEU A 1 109 ? 1.489   -17.331 2.471   1.000 10.810 ? 148 LEU AAA CB  1 ? 
ATOM   929  C  CG  . LEU A 1 109 ? 0.695   -18.588 2.150   1.000 14.350 ? 148 LEU AAA CG  1 ? 
ATOM   930  C  CD1 . LEU A 1 109 ? 1.666   -19.736 1.909   1.000 17.283 ? 148 LEU AAA CD1 1 ? 
ATOM   931  C  CD2 . LEU A 1 109 ? -0.240  -18.913 3.287   1.000 18.987 ? 148 LEU AAA CD2 1 ? 
ATOM   932  N  N   . MET A 1 110 ? 2.214   -14.293 1.975   1.000 8.243  ? 149 MET AAA N   1 ? 
ATOM   933  C  CA  . MET A 1 110 ? 3.056   -13.132 2.238   1.000 8.435  ? 149 MET AAA CA  1 ? 
ATOM   934  C  C   . MET A 1 110 ? 2.261   -11.907 2.670   1.000 8.226  ? 149 MET AAA C   1 ? 
ATOM   935  O  O   . MET A 1 110 ? 2.565   -11.276 3.681   1.000 8.507  ? 149 MET AAA O   1 ? 
ATOM   936  C  CB  . MET A 1 110 ? 3.838   -12.826 0.957   1.000 7.888  ? 149 MET AAA CB  1 ? 
ATOM   937  C  CG  . MET A 1 110 ? 4.818   -13.984 0.620   1.000 9.044  ? 149 MET AAA CG  1 ? 
ATOM   938  S  SD  . MET A 1 110 ? 5.524   -13.866 -1.024  1.000 10.487 ? 149 MET AAA SD  1 ? 
ATOM   939  C  CE  . MET A 1 110 ? 6.894   -12.834 -0.600  1.000 11.450 ? 149 MET AAA CE  1 ? 
ATOM   940  N  N   . ALA A 1 111 ? 1.179   -11.627 1.941   1.000 7.377  ? 150 ALA AAA N   1 ? 
ATOM   941  C  CA  . ALA A 1 111 ? 0.291   -10.541 2.347   1.000 7.852  ? 150 ALA AAA CA  1 ? 
ATOM   942  C  C   . ALA A 1 111 ? -0.268  -10.779 3.744   1.000 8.367  ? 150 ALA AAA C   1 ? 
ATOM   943  O  O   . ALA A 1 111 ? -0.408  -9.822  4.500   1.000 8.596  ? 150 ALA AAA O   1 ? 
ATOM   944  C  CB  . ALA A 1 111 ? -0.839  -10.392 1.328   1.000 8.616  ? 150 ALA AAA CB  1 ? 
ATOM   945  N  N   . GLU A 1 112 ? -0.673  -11.997 4.034   1.000 8.815  ? 151 GLU AAA N   1 ? 
ATOM   946  C  CA  . GLU A 1 112 ? -1.264  -12.270 5.345   1.000 9.602  ? 151 GLU AAA CA  1 ? 
ATOM   947  C  C   . GLU A 1 112 ? -0.273  -12.018 6.483   1.000 9.193  ? 151 GLU AAA C   1 ? 
ATOM   948  O  O   . GLU A 1 112 ? -0.669  -11.504 7.537   1.000 9.953  ? 151 GLU AAA O   1 ? 
ATOM   949  C  CB  . GLU A 1 112 ? -1.799  -13.684 5.399   1.000 11.481 ? 151 GLU AAA CB  1 ? 
ATOM   950  C  CG  . GLU A 1 112 ? -3.043  -13.866 4.573   1.000 14.858 ? 151 GLU AAA CG  1 ? 
ATOM   951  C  CD  . GLU A 1 112 ? -3.492  -15.314 4.509   1.000 21.498 ? 151 GLU AAA CD  1 ? 
ATOM   952  O  OE1 . GLU A 1 112 ? -2.642  -16.206 4.669   1.000 25.015 ? 151 GLU AAA OE1 1 ? 
ATOM   953  O  OE2 . GLU A 1 112 ? -4.676  -15.541 4.204   1.000 28.429 ? 151 GLU AAA OE2 1 ? 
ATOM   954  N  N   . ALA A 1 113 ? 1.003   -12.337 6.264   1.000 9.547  ? 152 ALA AAA N   1 ? 
ATOM   955  C  CA  . ALA A 1 113 ? 2.020   -12.073 7.276   1.000 9.744  ? 152 ALA AAA CA  1 ? 
ATOM   956  C  C   . ALA A 1 113 ? 2.160   -10.578 7.479   1.000 9.259  ? 152 ALA AAA C   1 ? 
ATOM   957  O  O   . ALA A 1 113 ? 2.283   -10.114 8.620   1.000 10.071 ? 152 ALA AAA O   1 ? 
ATOM   958  C  CB  . ALA A 1 113 ? 3.355   -12.737 6.916   1.000 9.930  ? 152 ALA AAA CB  1 ? 
ATOM   959  N  N   . LEU A 1 114 ? 2.233   -9.789  6.399   1.000 8.880  ? 153 LEU AAA N   1 ? 
ATOM   960  C  CA  . LEU A 1 114 ? 2.311   -8.337  6.533   1.000 8.793  ? 153 LEU AAA CA  1 ? 
ATOM   961  C  C   . LEU A 1 114 ? 1.054   -7.757  7.174   1.000 8.247  ? 153 LEU AAA C   1 ? 
ATOM   962  O  O   . LEU A 1 114 ? 1.184   -6.809  7.961   1.000 8.543  ? 153 LEU AAA O   1 ? 
ATOM   963  C  CB  . LEU A 1 114 ? 2.504   -7.764  5.137   1.000 9.751  ? 153 LEU AAA CB  1 ? 
ATOM   964  C  CG  . LEU A 1 114 ? 3.804   -8.203  4.434   1.000 12.047 ? 153 LEU AAA CG  1 ? 
ATOM   965  C  CD1 . LEU A 1 114 ? 3.802   -7.774  2.984   1.000 15.949 ? 153 LEU AAA CD1 1 ? 
ATOM   966  C  CD2 . LEU A 1 114 ? 5.005   -7.579  5.107   1.000 16.287 ? 153 LEU AAA CD2 1 ? 
ATOM   967  N  N   . GLU A 1 115 ? -0.108  -8.293  6.806   1.000 8.437  ? 154 GLU AAA N   1 ? 
ATOM   968  C  CA  . GLU A 1 115 ? -1.349  -7.762  7.399   1.000 9.149  ? 154 GLU AAA CA  1 ? 
ATOM   969  C  C   . GLU A 1 115 ? -1.392  -7.989  8.904   1.000 9.182  ? 154 GLU AAA C   1 ? 
ATOM   970  O  O   . GLU A 1 115 ? -1.934  -7.155  9.645   1.000 9.124  ? 154 GLU AAA O   1 ? 
ATOM   971  C  CB  . GLU A 1 115 ? -2.541  -8.350  6.656   1.000 10.009 ? 154 GLU AAA CB  1 ? 
ATOM   972  C  CG  . GLU A 1 115 ? -3.833  -7.671  7.093   1.000 11.653 ? 154 GLU AAA CG  1 ? 
ATOM   973  C  CD  . GLU A 1 115 ? -5.072  -8.272  6.465   1.000 15.214 ? 154 GLU AAA CD  1 ? 
ATOM   974  O  OE1 . GLU A 1 115 ? -5.014  -9.392  5.925   1.000 16.645 ? 154 GLU AAA OE1 1 ? 
ATOM   975  O  OE2 . GLU A 1 115 ? -6.124  -7.558  6.567   1.000 19.294 ? 154 GLU AAA OE2 1 ? 
ATOM   976  N  N   . LYS A 1 116 ? -0.908  -9.136  9.355   1.000 8.682  ? 155 LYS AAA N   1 ? 
ATOM   977  C  CA  . LYS A 1 116 ? -0.941  -9.403  10.787  1.000 9.688  ? 155 LYS AAA CA  1 ? 
ATOM   978  C  C   . LYS A 1 116 ? -0.097  -8.362  11.500  1.000 9.492  ? 155 LYS AAA C   1 ? 
ATOM   979  O  O   . LYS A 1 116 ? -0.461  -7.871  12.568  1.000 9.900  ? 155 LYS AAA O   1 ? 
ATOM   980  C  CB  . LYS A 1 116 ? -0.364  -10.800 10.994  1.000 11.332 ? 155 LYS AAA CB  1 ? 
ATOM   981  C  CG  . LYS A 1 116 ? -0.256  -11.188 12.460  1.000 14.864 ? 155 LYS AAA CG  1 ? 
ATOM   982  C  CD  . LYS A 1 116 ? 0.144   -12.644 12.619  1.000 17.466 ? 155 LYS AAA CD  1 ? 
ATOM   983  C  CE  . LYS A 1 116 ? -0.018  -13.177 14.034  1.000 24.828 ? 155 LYS AAA CE  1 ? 
ATOM   984  N  NZ  . LYS A 1 116 ? -1.156  -12.516 14.712  1.000 29.117 ? 155 LYS AAA NZ  1 ? 
ATOM   985  N  N   . LEU A 1 117 ? 1.090   -8.038  10.971  1.000 9.363  ? 156 LEU AAA N   1 ? 
ATOM   986  C  CA  . LEU A 1 117 ? 1.928   -7.014  11.566  1.000 9.964  ? 156 LEU AAA CA  1 ? 
ATOM   987  C  C   . LEU A 1 117 ? 1.234   -5.666  11.489  1.000 9.484  ? 156 LEU AAA C   1 ? 
ATOM   988  O  O   . LEU A 1 117 ? 1.316   -4.866  12.445  1.000 9.652  ? 156 LEU AAA O   1 ? 
ATOM   989  C  CB  . LEU A 1 117 ? 3.302   -6.950  10.873  1.000 12.342 ? 156 LEU AAA CB  1 ? 
ATOM   990  C  CG  . LEU A 1 117 ? 4.183   -8.181  11.094  1.000 16.155 ? 156 LEU AAA CG  1 ? 
ATOM   991  C  CD1 . LEU A 1 117 ? 5.466   -8.027  10.299  1.000 20.597 ? 156 LEU AAA CD1 1 ? 
ATOM   992  C  CD2 . LEU A 1 117 ? 4.529   -8.404  12.566  1.000 21.303 ? 156 LEU AAA CD2 1 ? 
ATOM   993  N  N   . PHE A 1 118 ? 0.667   -5.358  10.317  1.000 8.711  ? 157 PHE AAA N   1 ? 
ATOM   994  C  CA  . PHE A 1 118 ? -0.053  -4.098  10.177  1.000 8.494  ? 157 PHE AAA CA  1 ? 
ATOM   995  C  C   . PHE A 1 118 ? -1.108  -3.947  11.279  1.000 8.663  ? 157 PHE AAA C   1 ? 
ATOM   996  O  O   . PHE A 1 118 ? -1.198  -2.848  11.861  1.000 9.186  ? 157 PHE AAA O   1 ? 
ATOM   997  C  CB  . PHE A 1 118 ? -0.690  -4.068  8.771   1.000 8.988  ? 157 PHE AAA CB  1 ? 
ATOM   998  C  CG  . PHE A 1 118 ? -1.482  -2.837  8.460   1.000 8.912  ? 157 PHE AAA CG  1 ? 
ATOM   999  C  CD1 . PHE A 1 118 ? -0.851  -1.645  8.260   1.000 9.722  ? 157 PHE AAA CD1 1 ? 
ATOM   1000 C  CD2 . PHE A 1 118 ? -2.865  -2.885  8.400   1.000 12.206 ? 157 PHE AAA CD2 1 ? 
ATOM   1001 C  CE1 . PHE A 1 118 ? -1.585  -0.495  7.991   1.000 11.520 ? 157 PHE AAA CE1 1 ? 
ATOM   1002 C  CE2 . PHE A 1 118 ? -3.591  -1.734  8.064   1.000 13.819 ? 157 PHE AAA CE2 1 ? 
ATOM   1003 C  CZ  . PHE A 1 118 ? -2.933  -0.559  7.890   1.000 12.965 ? 157 PHE AAA CZ  1 ? 
ATOM   1004 N  N   . LEU A 1 119 ? -1.947  -4.966  11.458  1.000 8.817  ? 158 LEU AAA N   1 ? 
ATOM   1005 C  CA  . LEU A 1 119 ? -3.044  -4.904  12.434  1.000 10.503 ? 158 LEU AAA CA  1 ? 
ATOM   1006 C  C   . LEU A 1 119 ? -2.472  -4.598  13.832  1.000 10.063 ? 158 LEU AAA C   1 ? 
ATOM   1007 O  O   . LEU A 1 119 ? -3.003  -3.765  14.583  1.000 10.399 ? 158 LEU AAA O   1 ? 
ATOM   1008 C  CB  . LEU A 1 119 ? -3.831  -6.222  12.446  1.000 12.810 ? 158 LEU AAA CB  1 ? 
ATOM   1009 C  CG  . LEU A 1 119 ? -5.026  -6.258  13.411  1.000 17.241 ? 158 LEU AAA CG  1 ? 
ATOM   1010 C  CD1 . LEU A 1 119 ? -5.899  -5.012  13.211  1.000 20.372 ? 158 LEU AAA CD1 1 ? 
ATOM   1011 C  CD2 . LEU A 1 119 ? -5.837  -7.549  13.246  1.000 20.668 ? 158 LEU AAA CD2 1 ? 
ATOM   1012 N  N   . GLN A 1 120 ? -1.382  -5.275  14.187  1.000 9.703  ? 159 GLN AAA N   1 ? 
ATOM   1013 C  CA  . GLN A 1 120 ? -0.798  -5.070  15.512  1.000 10.721 ? 159 GLN AAA CA  1 ? 
ATOM   1014 C  C   . GLN A 1 120 ? -0.385  -3.617  15.641  1.000 10.674 ? 159 GLN AAA C   1 ? 
ATOM   1015 O  O   . GLN A 1 120 ? -0.587  -2.980  16.691  1.000 12.154 ? 159 GLN AAA O   1 ? 
ATOM   1016 C  CB  . GLN A 1 120 ? 0.392   -6.008  15.661  1.000 12.523 ? 159 GLN AAA CB  1 ? 
ATOM   1017 C  CG  . GLN A 1 120 ? 1.005   -6.003  17.052  1.000 18.285 ? 159 GLN AAA CG  1 ? 
ATOM   1018 C  CD  . GLN A 1 120 ? -0.023  -6.010  18.157  0.500 17.057 ? 159 GLN AAA CD  1 ? 
ATOM   1019 O  OE1 . GLN A 1 120 ? -0.118  -5.082  18.962  0.500 22.628 ? 159 GLN AAA OE1 1 ? 
ATOM   1020 N  NE2 . GLN A 1 120 ? -0.823  -7.067  18.196  0.500 18.404 ? 159 GLN AAA NE2 1 ? 
ATOM   1021 N  N   . LYS A 1 121 ? 0.235   -3.070  14.616  1.000 10.173 ? 160 LYS AAA N   1 ? 
ATOM   1022 C  CA  . LYS A 1 121 ? 0.720   -1.695  14.691  1.000 10.484 ? 160 LYS AAA CA  1 ? 
ATOM   1023 C  C   . LYS A 1 121 ? -0.432  -0.710  14.685  1.000 11.041 ? 160 LYS AAA C   1 ? 
ATOM   1024 O  O   . LYS A 1 121 ? -0.363  0.314   15.359  1.000 12.007 ? 160 LYS AAA O   1 ? 
ATOM   1025 C  CB  . LYS A 1 121 ? 1.688   -1.376  13.542  1.000 11.841 ? 160 LYS AAA CB  1 ? 
ATOM   1026 C  CG  . LYS A 1 121 ? 2.946   -2.226  13.546  1.000 15.064 ? 160 LYS AAA CG  1 ? 
ATOM   1027 C  CD  . LYS A 1 121 ? 3.676   -2.135  14.870  1.000 20.140 ? 160 LYS AAA CD  1 ? 
ATOM   1028 C  CE  . LYS A 1 121 ? 5.075   -2.673  14.740  1.000 22.711 ? 160 LYS AAA CE  1 ? 
ATOM   1029 N  NZ  . LYS A 1 121 ? 5.694   -2.770  16.084  1.000 28.051 ? 160 LYS AAA NZ  1 ? 
ATOM   1030 N  N   . ILE A 1 122 ? -1.471  -0.960  13.911  1.000 10.152 ? 161 ILE AAA N   1 ? 
ATOM   1031 C  CA  . ILE A 1 122 ? -2.598  -0.018  13.878  1.000 10.260 ? 161 ILE AAA CA  1 ? 
ATOM   1032 C  C   . ILE A 1 122 ? -3.377  -0.036  15.186  1.000 10.193 ? 161 ILE AAA C   1 ? 
ATOM   1033 O  O   . ILE A 1 122 ? -3.914  1.003   15.583  1.000 10.998 ? 161 ILE AAA O   1 ? 
ATOM   1034 C  CB  . ILE A 1 122 ? -3.525  -0.247  12.666  1.000 12.207 ? 161 ILE AAA CB  1 ? 
ATOM   1035 C  CG1 . ILE A 1 122 ? -2.800  0.004   11.345  1.000 15.542 ? 161 ILE AAA CG1 1 ? 
ATOM   1036 C  CG2 . ILE A 1 122 ? -4.796  0.609   12.781  1.000 17.674 ? 161 ILE AAA CG2 1 ? 
ATOM   1037 C  CD1 . ILE A 1 122 ? -2.170  1.364   11.246  1.000 15.102 ? 161 ILE AAA CD1 1 ? 
ATOM   1038 N  N   . ASN A 1 123 ? -3.432  -1.183  15.851  1.000 10.955 ? 162 ASN AAA N   1 ? 
ATOM   1039 C  CA  . ASN A 1 123 ? -4.042  -1.220  17.174  1.000 12.237 ? 162 ASN AAA CA  1 ? 
ATOM   1040 C  C   . ASN A 1 123 ? -3.351  -0.253  18.135  1.000 12.722 ? 162 ASN AAA C   1 ? 
ATOM   1041 O  O   . ASN A 1 123 ? -4.016  0.171   19.091  1.000 14.087 ? 162 ASN AAA O   1 ? 
ATOM   1042 C  CB  . ASN A 1 123 ? -4.165  -2.657  17.689  1.000 14.586 ? 162 ASN AAA CB  1 ? 
ATOM   1043 C  CG  . ASN A 1 123 ? -5.250  -3.441  16.962  1.000 13.372 ? 162 ASN AAA CG  1 ? 
ATOM   1044 O  OD1 . ASN A 1 123 ? -6.110  -2.892  16.286  1.000 18.591 ? 162 ASN AAA OD1 1 ? 
ATOM   1045 N  ND2 . ASN A 1 123 ? -5.225  -4.761  17.067  1.000 18.611 ? 162 ASN AAA ND2 1 ? 
ATOM   1046 N  N   . GLU A 1 124 ? -2.073  0.093   17.938  1.000 12.155 ? 163 GLU AAA N   1 ? 
ATOM   1047 C  CA  . GLU A 1 124 ? -1.288  1.004   18.754  1.000 13.450 ? 163 GLU AAA CA  1 ? 
ATOM   1048 C  C   . GLU A 1 124 ? -1.117  2.375   18.119  1.000 13.532 ? 163 GLU AAA C   1 ? 
ATOM   1049 O  O   . GLU A 1 124 ? -0.364  3.201   18.606  1.000 15.312 ? 163 GLU AAA O   1 ? 
ATOM   1050 C  CB  . GLU A 1 124 ? 0.075   0.378   19.075  1.000 16.069 ? 163 GLU AAA CB  1 ? 
ATOM   1051 C  CG  . GLU A 1 124 ? -0.122  -0.808  20.030  1.000 19.364 ? 163 GLU AAA CG  1 ? 
ATOM   1052 C  CD  . GLU A 1 124 ? -0.446  -0.444  21.481  1.000 21.038 ? 163 GLU AAA CD  1 ? 
ATOM   1053 O  OE1 . GLU A 1 124 ? -0.761  0.728   21.798  1.000 24.687 ? 163 GLU AAA OE1 1 ? 
ATOM   1054 O  OE2 . GLU A 1 124 ? -0.321  -1.346  22.343  1.000 27.711 ? 163 GLU AAA OE2 1 ? 
ATOM   1055 N  N   . LEU A 1 125 ? -1.910  2.663   17.069  1.000 11.161 ? 164 LEU AAA N   1 ? 
ATOM   1056 C  CA  . LEU A 1 125 ? -1.874  3.983   16.472  1.000 11.609 ? 164 LEU AAA CA  1 ? 
ATOM   1057 C  C   . LEU A 1 125 ? -2.186  4.968   17.569  1.000 11.823 ? 164 LEU AAA C   1 ? 
ATOM   1058 O  O   . LEU A 1 125 ? -3.203  4.837   18.229  1.000 11.347 ? 164 LEU AAA O   1 ? 
ATOM   1059 C  CB  . LEU A 1 125 ? -2.894  4.043   15.339  1.000 11.937 ? 164 LEU AAA CB  1 ? 
ATOM   1060 C  CG  . LEU A 1 125 ? -2.982  5.383   14.618  1.000 11.688 ? 164 LEU AAA CG  1 ? 
ATOM   1061 C  CD1 . LEU A 1 125 ? -1.816  5.512   13.635  1.000 15.999 ? 164 LEU AAA CD1 1 ? 
ATOM   1062 C  CD2 . LEU A 1 125 ? -4.302  5.502   13.864  1.000 13.854 ? 164 LEU AAA CD2 1 ? 
ATOM   1063 N  N   . PRO A 1 126 ? -1.373  6.024   17.742  1.000 11.908 ? 165 PRO AAA N   1 ? 
ATOM   1064 C  CA  . PRO A 1 126 ? -1.574  6.885   18.888  1.000 13.139 ? 165 PRO AAA CA  1 ? 
ATOM   1065 C  C   . PRO A 1 126 ? -2.764  7.775   18.704  1.000 12.888 ? 165 PRO AAA C   1 ? 
ATOM   1066 O  O   . PRO A 1 126 ? -3.232  8.166   17.621  1.000 12.883 ? 165 PRO AAA O   1 ? 
ATOM   1067 C  CB  . PRO A 1 126 ? -0.329  7.783   18.909  1.000 15.418 ? 165 PRO AAA CB  1 ? 
ATOM   1068 C  CG  . PRO A 1 126 ? 0.056   7.827   17.454  1.000 18.586 ? 165 PRO AAA CG  1 ? 
ATOM   1069 C  CD  . PRO A 1 126 ? -0.153  6.385   16.985  1.000 16.061 ? 165 PRO AAA CD  1 ? 
ATOM   1070 N  N   . THR A 1 127 ? -3.290  8.133   19.876  1.000 15.421 ? 166 THR AAA N   1 ? 
ATOM   1071 C  CA  . THR A 1 127 ? -4.302  9.156   19.936  1.000 15.566 ? 166 THR AAA CA  1 ? 
ATOM   1072 C  C   . THR A 1 127 ? -3.811  10.428  19.224  1.000 17.052 ? 166 THR AAA C   1 ? 
ATOM   1073 O  O   . THR A 1 127 ? -2.649  10.818  19.373  1.000 17.049 ? 166 THR AAA O   1 ? 
ATOM   1074 C  CB  . THR A 1 127 ? -4.577  9.474   21.410  1.000 19.102 ? 166 THR AAA CB  1 ? 
ATOM   1075 O  OG1 . THR A 1 127 ? -4.770  8.240   22.124  1.000 20.147 ? 166 THR AAA OG1 1 ? 
ATOM   1076 C  CG2 . THR A 1 127 ? -5.734  10.436  21.555  1.000 23.698 ? 166 THR AAA CG2 1 ? 
ATOM   1077 N  N   . GLU A 1 128 ? -4.670  10.977  18.373  1.000 16.730 ? 167 GLU AAA N   1 ? 
ATOM   1078 C  CA  . GLU A 1 128 ? -4.292  12.182  17.651  1.000 21.191 ? 167 GLU AAA CA  1 ? 
ATOM   1079 C  C   . GLU A 1 128 ? -4.064  13.339  18.627  1.000 24.212 ? 167 GLU AAA C   1 ? 
ATOM   1080 O  O   . GLU A 1 128 ? -4.928  13.666  19.429  1.000 25.116 ? 167 GLU AAA O   1 ? 
ATOM   1081 C  CB  . GLU A 1 128 ? -5.338  12.534  16.592  1.000 23.860 ? 167 GLU AAA CB  1 ? 
ATOM   1082 C  CG  . GLU A 1 128 ? -4.941  13.744  15.759  1.000 31.920 ? 167 GLU AAA CG  1 ? 
ATOM   1083 C  CD  . GLU A 1 128 ? -5.894  14.031  14.624  1.000 35.598 ? 167 GLU AAA CD  1 ? 
ATOM   1084 O  OE1 . GLU A 1 128 ? -7.086  13.728  14.795  1.000 39.724 ? 167 GLU AAA OE1 1 ? 
ATOM   1085 O  OE2 . GLU A 1 128 ? -5.452  14.554  13.581  1.000 39.998 ? 167 GLU AAA OE2 1 ? 
ATOM   1086 N  N   . GLU A 1 129 ? -2.888  13.971  18.562  1.000 24.569 ? 168 GLU AAA N   1 ? 
ATOM   1087 C  CA  . GLU A 1 129 ? -2.758  15.243  19.255  1.000 31.552 ? 168 GLU AAA CA  1 ? 
ATOM   1088 C  C   . GLU A 1 129 ? -2.962  16.380  18.246  1.000 40.428 ? 168 GLU AAA C   1 ? 
ATOM   1089 O  O   . GLU A 1 129 ? -2.635  16.247  17.062  1.000 41.089 ? 168 GLU AAA O   1 ? 
ATOM   1090 C  CB  . GLU A 1 129 ? -1.451  15.315  20.042  1.000 38.166 ? 168 GLU AAA CB  1 ? 
ATOM   1091 C  CG  . GLU A 1 129 ? -0.214  15.085  19.198  1.000 44.486 ? 168 GLU AAA CG  1 ? 
ATOM   1092 C  CD  . GLU A 1 129 ? 0.794   14.179  19.878  1.000 48.968 ? 168 GLU AAA CD  1 ? 
ATOM   1093 O  OE1 . GLU A 1 129 ? 0.387   13.406  20.782  1.000 47.000 ? 168 GLU AAA OE1 1 ? 
ATOM   1094 O  OE2 . GLU A 1 129 ? 1.984   14.242  19.503  1.000 57.189 ? 168 GLU AAA OE2 1 ? 
ATOM   1095 O  OXT . GLU A 1 129 ? -3.479  17.462  18.566  1.000 43.331 ? 168 GLU AAA OXT 1 ? 
HETATM 1096 C  C1  . GOL B 2 .   ? -10.325 -3.323  -6.282  1.000 19.900 ? 201 GOL AAA C1  1 ? 
HETATM 1097 O  O1  . GOL B 2 .   ? -9.054  -3.168  -6.915  1.000 13.640 ? 201 GOL AAA O1  1 ? 
HETATM 1098 C  C2  . GOL B 2 .   ? -11.015 -4.620  -6.609  1.000 28.522 ? 201 GOL AAA C2  1 ? 
HETATM 1099 O  O2  . GOL B 2 .   ? -10.254 -5.751  -6.178  1.000 43.116 ? 201 GOL AAA O2  1 ? 
HETATM 1100 C  C3  . GOL B 2 .   ? -11.312 -4.676  -8.070  1.000 28.842 ? 201 GOL AAA C3  1 ? 
HETATM 1101 O  O3  . GOL B 2 .   ? -11.425 -3.330  -8.486  1.000 18.365 ? 201 GOL AAA O3  1 ? 
HETATM 1102 C  C1  . GOL C 2 .   ? -0.257  -10.899 -8.956  1.000 19.504 ? 202 GOL AAA C1  1 ? 
HETATM 1103 O  O1  . GOL C 2 .   ? -0.019  -12.224 -8.508  1.000 21.429 ? 202 GOL AAA O1  1 ? 
HETATM 1104 C  C2  . GOL C 2 .   ? -0.149  -9.844  -7.887  1.000 20.192 ? 202 GOL AAA C2  1 ? 
HETATM 1105 O  O2  . GOL C 2 .   ? -1.139  -10.077 -6.900  1.000 16.508 ? 202 GOL AAA O2  1 ? 
HETATM 1106 C  C3  . GOL C 2 .   ? 1.172   -9.711  -7.168  1.000 26.065 ? 202 GOL AAA C3  1 ? 
HETATM 1107 O  O3  . GOL C 2 .   ? 2.238   -9.574  -8.095  1.000 28.780 ? 202 GOL AAA O3  1 ? 
HETATM 1108 N  N1  . UU1 D 3 .   ? -0.740  -6.151  -19.524 1.000 13.719 ? 203 UU1 AAA N1  1 ? 
HETATM 1109 C  C4  . UU1 D 3 .   ? 0.117   -7.168  -19.454 1.000 21.443 ? 203 UU1 AAA C4  1 ? 
HETATM 1110 N  N   . UU1 D 3 .   ? -1.184  -6.167  -20.817 1.000 25.196 ? 203 UU1 AAA N   1 ? 
HETATM 1111 C  C   . UU1 D 3 .   ? 0.256   -7.815  -20.685 1.000 21.241 ? 203 UU1 AAA C   1 ? 
HETATM 1112 O  O   . UU1 D 3 .   ? -4.069  -6.540  -21.204 1.000 31.040 ? 203 UU1 AAA O   1 ? 
HETATM 1113 C  C1  . UU1 D 3 .   ? -0.590  -7.151  -21.551 1.000 24.340 ? 203 UU1 AAA C1  1 ? 
HETATM 1114 C  C2  . UU1 D 3 .   ? -2.129  -5.144  -21.313 1.000 27.149 ? 203 UU1 AAA C2  1 ? 
HETATM 1115 C  C3  . UU1 D 3 .   ? -3.549  -5.292  -20.803 1.000 30.667 ? 203 UU1 AAA C3  1 ? 
HETATM 1116 BR BR  . UU1 D 3 .   ? 1.366   -9.273  -21.092 1.000 29.479 ? 203 UU1 AAA BR  1 ? 
HETATM 1117 O  O   . HOH E 4 .   ? 5.633   4.481   -17.868 1.000 32.982 ? 301 HOH AAA O   1 ? 
HETATM 1118 O  O   . HOH E 4 .   ? -1.332  -17.107 6.508   1.000 33.439 ? 302 HOH AAA O   1 ? 
HETATM 1119 O  O   . HOH E 4 .   ? -8.977  -4.146  -4.362  1.000 25.382 ? 303 HOH AAA O   1 ? 
HETATM 1120 O  O   . HOH E 4 .   ? 4.013   -7.962  -7.331  1.000 23.348 ? 304 HOH AAA O   1 ? 
HETATM 1121 O  O   . HOH E 4 .   ? -7.007  -14.199 -13.335 1.000 22.133 ? 305 HOH AAA O   1 ? 
HETATM 1122 O  O   . HOH E 4 .   ? -12.660 -3.640  -17.290 1.000 40.401 ? 306 HOH AAA O   1 ? 
HETATM 1123 O  O   . HOH E 4 .   ? -0.945  15.839  15.197  1.000 20.997 ? 307 HOH AAA O   1 ? 
HETATM 1124 O  O   . HOH E 4 .   ? -12.561 -1.209  -7.617  1.000 32.450 ? 308 HOH AAA O   1 ? 
HETATM 1125 O  O   . HOH E 4 .   ? -3.847  -17.238 -8.393  1.000 30.551 ? 309 HOH AAA O   1 ? 
HETATM 1126 O  O   . HOH E 4 .   ? 10.409  -6.193  12.381  1.000 34.308 ? 310 HOH AAA O   1 ? 
HETATM 1127 O  O   . HOH E 4 .   ? -3.098  -21.823 -4.417  1.000 34.024 ? 311 HOH AAA O   1 ? 
HETATM 1128 O  O   . HOH E 4 .   ? -4.811  25.169  -5.518  1.000 34.331 ? 312 HOH AAA O   1 ? 
HETATM 1129 O  O   . HOH E 4 .   ? -6.653  13.102  11.787  1.000 22.443 ? 313 HOH AAA O   1 ? 
HETATM 1130 O  O   . HOH E 4 .   ? -2.106  -3.953  -6.820  1.000 14.353 ? 314 HOH AAA O   1 ? 
HETATM 1131 O  O   . HOH E 4 .   ? 0.965   4.131   20.657  1.000 42.626 ? 315 HOH AAA O   1 ? 
HETATM 1132 O  O   . HOH E 4 .   ? 1.772   -21.512 -1.456  1.000 25.631 ? 316 HOH AAA O   1 ? 
HETATM 1133 O  O   . HOH E 4 .   ? -2.134  -7.919  -5.763  1.000 16.860 ? 317 HOH AAA O   1 ? 
HETATM 1134 O  O   . HOH E 4 .   ? 8.548   -11.028 -18.351 1.000 22.860 ? 318 HOH AAA O   1 ? 
HETATM 1135 O  O   . HOH E 4 .   ? -3.396  -5.866  18.619  1.000 37.695 ? 319 HOH AAA O   1 ? 
HETATM 1136 O  O   . HOH E 4 .   ? 3.608   -14.207 -13.195 1.000 23.807 ? 320 HOH AAA O   1 ? 
HETATM 1137 O  O   . HOH E 4 .   ? -9.574  -12.733 -16.330 1.000 36.486 ? 321 HOH AAA O   1 ? 
HETATM 1138 O  O   . HOH E 4 .   ? -3.834  8.667   -9.601  1.000 30.364 ? 322 HOH AAA O   1 ? 
HETATM 1139 O  O   . HOH E 4 .   ? 9.122   -14.329 6.786   1.000 31.445 ? 323 HOH AAA O   1 ? 
HETATM 1140 O  O   . HOH E 4 .   ? -0.968  10.732  21.446  1.000 32.643 ? 324 HOH AAA O   1 ? 
HETATM 1141 O  O   . HOH E 4 .   ? 5.081   -22.456 -0.926  1.000 12.658 ? 325 HOH AAA O   1 ? 
HETATM 1142 O  O   . HOH E 4 .   ? -7.427  14.864  1.274   1.000 24.209 ? 326 HOH AAA O   1 ? 
HETATM 1143 O  O   . HOH E 4 .   ? 4.595   16.130  -4.588  1.000 30.189 ? 327 HOH AAA O   1 ? 
HETATM 1144 O  O   . HOH E 4 .   ? -7.546  9.120   12.971  1.000 34.675 ? 328 HOH AAA O   1 ? 
HETATM 1145 O  O   . HOH E 4 .   ? 3.499   0.539   18.213  1.000 26.082 ? 329 HOH AAA O   1 ? 
HETATM 1146 O  O   . HOH E 4 .   ? 10.982  -1.686  -6.917  1.000 31.480 ? 330 HOH AAA O   1 ? 
HETATM 1147 O  O   . HOH E 4 .   ? 6.367   -1.602  -10.913 1.000 17.106 ? 331 HOH AAA O   1 ? 
HETATM 1148 O  O   . HOH E 4 .   ? -9.220  -15.149 -4.995  1.000 36.800 ? 332 HOH AAA O   1 ? 
HETATM 1149 O  O   . HOH E 4 .   ? -1.745  1.249   24.260  1.000 35.528 ? 333 HOH AAA O   1 ? 
HETATM 1150 O  O   . HOH E 4 .   ? -6.570  16.233  1.421   1.000 14.462 ? 334 HOH AAA O   1 ? 
HETATM 1151 O  O   . HOH E 4 .   ? -3.871  -12.950 -17.209 1.000 19.746 ? 335 HOH AAA O   1 ? 
HETATM 1152 O  O   . HOH E 4 .   ? 2.567   8.712   -8.637  1.000 22.031 ? 336 HOH AAA O   1 ? 
HETATM 1153 O  O   . HOH E 4 .   ? -2.481  2.537   -10.964 1.000 13.896 ? 337 HOH AAA O   1 ? 
HETATM 1154 O  O   . HOH E 4 .   ? -0.127  -4.282  -4.830  1.000 10.340 ? 338 HOH AAA O   1 ? 
HETATM 1155 O  O   . HOH E 4 .   ? 3.874   -16.572 -18.095 1.000 42.168 ? 339 HOH AAA O   1 ? 
HETATM 1156 O  O   . HOH E 4 .   ? -6.026  -4.897  7.681   1.000 27.440 ? 340 HOH AAA O   1 ? 
HETATM 1157 O  O   . HOH E 4 .   ? 5.317   -0.227  -16.390 1.000 43.664 ? 341 HOH AAA O   1 ? 
HETATM 1158 O  O   . HOH E 4 .   ? 14.934  -6.035  4.777   1.000 22.350 ? 342 HOH AAA O   1 ? 
HETATM 1159 O  O   . HOH E 4 .   ? 11.084  -4.745  -4.600  1.000 17.017 ? 343 HOH AAA O   1 ? 
HETATM 1160 O  O   . HOH E 4 .   ? 5.985   -12.036 10.090  1.000 23.574 ? 344 HOH AAA O   1 ? 
HETATM 1161 O  O   . HOH E 4 .   ? -7.314  -15.044 -1.893  1.000 16.185 ? 345 HOH AAA O   1 ? 
HETATM 1162 O  O   . HOH E 4 .   ? -2.352  -8.914  14.276  1.000 18.983 ? 346 HOH AAA O   1 ? 
HETATM 1163 O  O   . HOH E 4 .   ? 1.344   3.792   -18.804 1.000 26.438 ? 347 HOH AAA O   1 ? 
HETATM 1164 O  O   . HOH E 4 .   ? -5.517  3.174   -7.611  1.000 21.305 ? 348 HOH AAA O   1 ? 
HETATM 1165 O  O   . HOH E 4 .   ? -6.967  3.164   -1.275  1.000 16.920 ? 349 HOH AAA O   1 ? 
HETATM 1166 O  O   . HOH E 4 .   ? 6.675   -13.410 -16.243 1.000 28.654 ? 350 HOH AAA O   1 ? 
HETATM 1167 O  O   . HOH E 4 .   ? -0.280  -16.086 -7.115  1.000 23.003 ? 351 HOH AAA O   1 ? 
HETATM 1168 O  O   . HOH E 4 .   ? -3.949  -18.344 2.454   1.000 26.530 ? 352 HOH AAA O   1 ? 
HETATM 1169 O  O   . HOH E 4 .   ? 1.147   1.324   -12.396 1.000 13.014 ? 353 HOH AAA O   1 ? 
HETATM 1170 O  O   . HOH E 4 .   ? -3.284  -11.883 8.416   1.000 18.242 ? 354 HOH AAA O   1 ? 
HETATM 1171 O  O   . HOH E 4 .   ? 0.177   8.879   -12.054 1.000 26.033 ? 355 HOH AAA O   1 ? 
HETATM 1172 O  O   . HOH E 4 .   ? -0.301  0.321   -7.463  1.000 11.422 ? 356 HOH AAA O   1 ? 
HETATM 1173 O  O   . HOH E 4 .   ? 1.999   -20.111 -4.800  1.000 22.816 ? 357 HOH AAA O   1 ? 
HETATM 1174 O  O   . HOH E 4 .   ? 2.433   -1.128  -13.273 1.000 13.031 ? 358 HOH AAA O   1 ? 
HETATM 1175 O  O   . HOH E 4 .   ? 3.476   -11.683 10.613  1.000 16.750 ? 359 HOH AAA O   1 ? 
HETATM 1176 O  O   . HOH E 4 .   ? -4.450  11.598  11.421  1.000 14.043 ? 360 HOH AAA O   1 ? 
HETATM 1177 O  O   . HOH E 4 .   ? 12.248  -0.148  6.783   1.000 27.961 ? 361 HOH AAA O   1 ? 
HETATM 1178 O  O   . HOH E 4 .   ? 2.509   -4.533  -5.421  1.000 10.847 ? 362 HOH AAA O   1 ? 
HETATM 1179 O  O   . HOH E 4 .   ? 1.036   -15.937 6.459   1.000 21.090 ? 363 HOH AAA O   1 ? 
HETATM 1180 O  O   . HOH E 4 .   ? -5.686  9.770   -0.393  1.000 18.415 ? 364 HOH AAA O   1 ? 
HETATM 1181 O  O   . HOH E 4 .   ? 6.923   12.880  5.697   1.000 31.515 ? 365 HOH AAA O   1 ? 
HETATM 1182 O  O   . HOH E 4 .   ? 4.017   9.934   16.083  1.000 22.864 ? 366 HOH AAA O   1 ? 
HETATM 1183 O  O   . HOH E 4 .   ? -6.352  14.705  -5.818  1.000 27.479 ? 367 HOH AAA O   1 ? 
HETATM 1184 O  O   . HOH E 4 .   ? -9.468  0.976   5.899   1.000 30.419 ? 368 HOH AAA O   1 ? 
HETATM 1185 O  O   . HOH E 4 .   ? 8.583   4.500   -2.854  1.000 22.851 ? 369 HOH AAA O   1 ? 
HETATM 1186 O  O   . HOH E 4 .   ? -12.645 -7.179  -9.097  1.000 28.644 ? 370 HOH AAA O   1 ? 
HETATM 1187 O  O   . HOH E 4 .   ? -1.435  -6.366  -3.583  1.000 11.352 ? 371 HOH AAA O   1 ? 
HETATM 1188 O  O   . HOH E 4 .   ? 4.301   1.828   -17.133 1.000 27.482 ? 372 HOH AAA O   1 ? 
HETATM 1189 O  O   . HOH E 4 .   ? 11.859  -4.442  -15.319 1.000 35.388 ? 373 HOH AAA O   1 ? 
HETATM 1190 O  O   . HOH E 4 .   ? 2.029   -16.325 -5.413  1.000 14.614 ? 374 HOH AAA O   1 ? 
HETATM 1191 O  O   . HOH E 4 .   ? -7.264  9.797   18.088  1.000 26.227 ? 375 HOH AAA O   1 ? 
HETATM 1192 O  O   . HOH E 4 .   ? -6.145  7.157   0.231   1.000 16.453 ? 376 HOH AAA O   1 ? 
HETATM 1193 O  O   . HOH E 4 .   ? 5.083   -5.356  -7.767  1.000 19.321 ? 377 HOH AAA O   1 ? 
HETATM 1194 O  O   . HOH E 4 .   ? 3.044   17.893  -0.265  1.000 26.260 ? 378 HOH AAA O   1 ? 
HETATM 1195 O  O   . HOH E 4 .   ? -7.504  -1.720  9.102   1.000 26.467 ? 379 HOH AAA O   1 ? 
HETATM 1196 O  O   . HOH E 4 .   ? 1.185   11.979  -8.915  1.000 18.618 ? 380 HOH AAA O   1 ? 
HETATM 1197 O  O   . HOH E 4 .   ? 4.189   10.758  7.630   1.000 23.545 ? 381 HOH AAA O   1 ? 
HETATM 1198 O  O   . HOH E 4 .   ? -3.669  -5.646  -16.895 1.000 18.067 ? 382 HOH AAA O   1 ? 
HETATM 1199 O  O   . HOH E 4 .   ? 5.762   -5.887  -10.306 1.000 22.673 ? 383 HOH AAA O   1 ? 
HETATM 1200 O  O   . HOH E 4 .   ? 14.354  -1.124  0.159   1.000 34.525 ? 384 HOH AAA O   1 ? 
HETATM 1201 O  O   . HOH E 4 .   ? 8.197   -1.513  16.805  1.000 28.511 ? 385 HOH AAA O   1 ? 
HETATM 1202 O  O   . HOH E 4 .   ? 12.178  -6.124  2.478   1.000 23.889 ? 386 HOH AAA O   1 ? 
HETATM 1203 O  O   . HOH E 4 .   ? 3.038   2.885   -15.256 1.000 30.281 ? 387 HOH AAA O   1 ? 
HETATM 1204 O  O   . HOH E 4 .   ? -6.315  10.799  -2.813  1.000 21.834 ? 388 HOH AAA O   1 ? 
HETATM 1205 O  O   . HOH E 4 .   ? -11.060 10.398  6.060   1.000 21.542 ? 389 HOH AAA O   1 ? 
HETATM 1206 O  O   . HOH E 4 .   ? -0.314  -2.366  -8.285  1.000 13.537 ? 390 HOH AAA O   1 ? 
HETATM 1207 O  O   . HOH E 4 .   ? -2.519  19.421  -9.998  1.000 27.340 ? 391 HOH AAA O   1 ? 
HETATM 1208 O  O   . HOH E 4 .   ? -3.716  6.515   -11.345 1.000 15.239 ? 392 HOH AAA O   1 ? 
HETATM 1209 O  O   . HOH E 4 .   ? 2.187   10.467  18.807  1.000 29.506 ? 393 HOH AAA O   1 ? 
HETATM 1210 O  O   . HOH E 4 .   ? 2.350   14.997  -2.188  1.000 17.991 ? 394 HOH AAA O   1 ? 
HETATM 1211 O  O   . HOH E 4 .   ? -7.916  9.678   10.194  1.000 16.120 ? 395 HOH AAA O   1 ? 
HETATM 1212 O  O   . HOH E 4 .   ? 10.087  4.649   7.275   1.000 29.201 ? 396 HOH AAA O   1 ? 
HETATM 1213 O  O   . HOH E 4 .   ? 10.904  -10.604 8.121   1.000 19.592 ? 397 HOH AAA O   1 ? 
HETATM 1214 O  O   . HOH E 4 .   ? -8.943  11.766  0.258   1.000 28.490 ? 398 HOH AAA O   1 ? 
HETATM 1215 O  O   . HOH E 4 .   ? 0.647   13.470  4.818   1.000 17.974 ? 399 HOH AAA O   1 ? 
HETATM 1216 O  O   . HOH E 4 .   ? -7.839  -8.733  8.682   1.000 38.812 ? 400 HOH AAA O   1 ? 
HETATM 1217 O  O   . HOH E 4 .   ? -1.356  3.136   -23.568 1.000 27.141 ? 401 HOH AAA O   1 ? 
HETATM 1218 O  O   . HOH E 4 .   ? -11.917 2.286   -9.306  1.000 39.102 ? 402 HOH AAA O   1 ? 
HETATM 1219 O  O   . HOH E 4 .   ? -5.795  6.852   -3.911  1.000 25.719 ? 403 HOH AAA O   1 ? 
HETATM 1220 O  O   . HOH E 4 .   ? -9.810  16.946  9.655   1.000 13.586 ? 404 HOH AAA O   1 ? 
HETATM 1221 O  O   . HOH E 4 .   ? 13.775  -4.040  0.793   1.000 29.658 ? 405 HOH AAA O   1 ? 
HETATM 1222 O  O   . HOH E 4 .   ? -15.417 -7.643  -18.145 1.000 34.390 ? 406 HOH AAA O   1 ? 
HETATM 1223 O  O   . HOH E 4 .   ? 11.405  -8.271  0.940   1.000 16.837 ? 407 HOH AAA O   1 ? 
HETATM 1224 O  O   . HOH E 4 .   ? -13.544 -7.097  -13.626 1.000 40.183 ? 408 HOH AAA O   1 ? 
HETATM 1225 O  O   . HOH E 4 .   ? 1.422   12.057  4.101   1.000 30.551 ? 409 HOH AAA O   1 ? 
HETATM 1226 O  O   . HOH E 4 .   ? -10.105 -2.466  1.090   1.000 31.193 ? 410 HOH AAA O   1 ? 
HETATM 1227 O  O   . HOH E 4 .   ? -7.538  -6.683  16.426  1.000 31.141 ? 411 HOH AAA O   1 ? 
HETATM 1228 O  O   . HOH E 4 .   ? 0.667   20.362  9.016   1.000 25.833 ? 412 HOH AAA O   1 ? 
HETATM 1229 O  O   . HOH E 4 .   ? 12.780  -7.648  8.991   1.000 29.765 ? 413 HOH AAA O   1 ? 
HETATM 1230 O  O   . HOH E 4 .   ? -4.833  8.080   -7.426  1.000 21.902 ? 414 HOH AAA O   1 ? 
HETATM 1231 O  O   . HOH E 4 .   ? -11.129 5.123   4.291   1.000 35.497 ? 415 HOH AAA O   1 ? 
HETATM 1232 O  O   . HOH E 4 .   ? -4.189  13.692  22.534  1.000 39.804 ? 416 HOH AAA O   1 ? 
HETATM 1233 O  O   . HOH E 4 .   ? -3.461  -7.701  16.306  1.000 33.948 ? 417 HOH AAA O   1 ? 
HETATM 1234 O  O   . HOH E 4 .   ? -0.524  0.713   -10.335 1.000 15.645 ? 418 HOH AAA O   1 ? 
HETATM 1235 O  O   . HOH E 4 .   ? -7.320  16.780  16.289  1.000 40.466 ? 419 HOH AAA O   1 ? 
HETATM 1236 O  O   . HOH E 4 .   ? -9.703  0.447   8.582   1.000 34.802 ? 420 HOH AAA O   1 ? 
HETATM 1237 O  O   . HOH E 4 .   ? -5.952  -4.591  -18.874 1.000 50.867 ? 421 HOH AAA O   1 ? 
HETATM 1238 O  O   . HOH E 4 .   ? 6.801   2.851   -6.496  1.000 33.072 ? 422 HOH AAA O   1 ? 
HETATM 1239 O  O   . HOH E 4 .   ? 6.753   -5.971  14.701  1.000 34.443 ? 423 HOH AAA O   1 ? 
HETATM 1240 O  O   . HOH E 4 .   ? 3.911   12.195  -9.654  1.000 34.650 ? 424 HOH AAA O   1 ? 
HETATM 1241 O  O   . HOH E 4 .   ? -4.314  -10.197 10.301  1.000 20.860 ? 425 HOH AAA O   1 ? 
HETATM 1242 O  O   . HOH E 4 .   ? 0.404   -14.808 8.939   1.000 26.670 ? 426 HOH AAA O   1 ? 
HETATM 1243 O  O   . HOH E 4 .   ? 10.872  -7.064  -6.313  1.000 25.972 ? 427 HOH AAA O   1 ? 
HETATM 1244 O  O   . HOH E 4 .   ? -3.687  11.073  -10.816 1.000 21.339 ? 428 HOH AAA O   1 ? 
HETATM 1245 O  O   . HOH E 4 .   ? -4.084  -10.851 12.993  1.000 25.554 ? 429 HOH AAA O   1 ? 
HETATM 1246 O  O   . HOH E 4 .   ? 9.853   -13.185 8.999   1.000 39.759 ? 430 HOH AAA O   1 ? 
HETATM 1247 O  O   . HOH E 4 .   ? 12.418  2.875   -2.265  1.000 43.580 ? 431 HOH AAA O   1 ? 
HETATM 1248 O  O   . HOH E 4 .   ? -2.445  -14.249 9.778   1.000 27.252 ? 432 HOH AAA O   1 ? 
HETATM 1249 O  O   . HOH E 4 .   ? 11.419  9.762   5.614   1.000 35.147 ? 433 HOH AAA O   1 ? 
HETATM 1250 O  O   . HOH E 4 .   ? -0.859  12.842  -10.911 1.000 35.410 ? 434 HOH AAA O   1 ? 
HETATM 1251 O  O   . HOH E 4 .   ? -6.944  4.277   -3.950  1.000 26.610 ? 435 HOH AAA O   1 ? 
HETATM 1252 O  O   . HOH E 4 .   ? 3.288   2.431   20.225  1.000 37.692 ? 436 HOH AAA O   1 ? 
HETATM 1253 O  O   . HOH E 4 .   ? 3.700   2.288   -12.420 1.000 20.875 ? 437 HOH AAA O   1 ? 
HETATM 1254 O  O   . HOH E 4 .   ? 5.032   -0.298  -13.031 1.000 23.300 ? 438 HOH AAA O   1 ? 
HETATM 1255 O  O   . HOH E 4 .   ? 4.647   6.596   -8.349  1.000 29.852 ? 439 HOH AAA O   1 ? 
HETATM 1256 O  O   . HOH E 4 .   ? 10.989  2.398   5.098   1.000 38.108 ? 440 HOH AAA O   1 ? 
HETATM 1257 O  O   . HOH E 4 .   ? -10.215 16.098  12.376  1.000 34.332 ? 441 HOH AAA O   1 ? 
HETATM 1258 O  O   . HOH E 4 .   ? 2.586   -14.252 10.231  1.000 21.395 ? 442 HOH AAA O   1 ? 
HETATM 1259 O  O   . HOH E 4 .   ? -7.986  13.065  -3.019  1.000 26.761 ? 443 HOH AAA O   1 ? 
HETATM 1260 O  O   . HOH E 4 .   ? 7.719   0.685   -10.460 1.000 38.207 ? 444 HOH AAA O   1 ? 
HETATM 1261 O  O   . HOH E 4 .   ? 3.633   -11.282 13.486  1.000 27.403 ? 445 HOH AAA O   1 ? 
HETATM 1262 O  O   . HOH E 4 .   ? 4.315   -18.447 5.122   1.000 25.054 ? 446 HOH AAA O   1 ? 
HETATM 1263 O  O   . HOH E 4 .   ? 4.563   -15.680 8.503   1.000 34.943 ? 447 HOH AAA O   1 ? 
HETATM 1264 O  O   . HOH E 4 .   ? 3.083   -15.318 12.763  1.000 34.411 ? 448 HOH AAA O   1 ? 
# 
